data_2EC5
#
_entry.id   2EC5
#
_cell.length_a   197.357
_cell.length_b   132.823
_cell.length_c   82.546
_cell.angle_alpha   90.00
_cell.angle_beta   114.74
_cell.angle_gamma   90.00
#
_symmetry.space_group_name_H-M   'C 1 2 1'
#
loop_
_entity.id
_entity.type
_entity.pdbx_description
1 polymer 'Dermonecrotic toxin'
2 water water
#
_entity_poly.entity_id   1
_entity_poly.type   'polypeptide(L)'
_entity_poly.pdbx_seq_one_letter_code
;MGHHHHHHDYDIPTTENLYFQGAHMGIQRVSNAKLLGGSPYSPFRIGLEGVWTPEVLKARASVIGKPIGESYKRILAKLQ
RIHNSNILDERQGLMHELMELIDLYEESQPSSERLNAFRELRTQLEKALYLPEMEALKKQILQIPNKGSGAARFLLRTAM
NEMAGKTSESTADLIRFALQDTVISAPFRGYAGAIPEAIDFPVKYVIEDISVFDKIQTNYWELPAYESWNEGSNSALLPG
LLRESQSKGMLSKCRIIENSLYIGHSYEEMFYSISPYSNQVGGPYELYPFTFFSMLQEVQGDLGFEQAFATRNFFNTLVS
DRLSLMENTMLLTESFDYTPWDAIYGDINYDEQFAAMSINERIEKCMNTYRGVAFQNSSKSIDFFLNNLTTFIDNGLTEI
AISDLPYDIVQQEISQFLQGSNEWKTLDAMLFNLDKGDINGAFRKLLQSAKDNNIKFRAIGHSDNSVPPFNNPYKSLYYK
GNIIAEAIEKLDREGQKFVVFADSSLLNSTPGTGRPMPGLVQYLKIPATVVDSDGAWQFLPDVASSRVPIEVTELENWQV
LTPPQGKILGLKQFKLTAGFPTEQSRLPLLENSVSEDLREELMQKIDAIKNDVKMNSLVSMEAGSCDSVSPKVAARLKDM
GLEAGMGASITWWRREGGMEFSHQMHTTASFKFAGKEFAVDASHLQFVHDQLDTTILILPVDDWALEIAQRNRAINPFVE
YVSKTGNMLALFMPPLFTKPRLTRAL
;
_entity_poly.pdbx_strand_id   A,B
#
# COMPACT_ATOMS: atom_id res chain seq x y z
N LEU A 36 -35.40 -14.13 1.11
CA LEU A 36 -35.13 -15.36 0.32
C LEU A 36 -34.79 -15.03 -1.15
N GLY A 37 -35.76 -14.78 -2.05
CA GLY A 37 -37.22 -14.71 -1.79
C GLY A 37 -38.04 -14.79 -3.08
N GLY A 38 -39.32 -15.17 -2.96
CA GLY A 38 -40.30 -15.13 -4.06
C GLY A 38 -41.69 -15.29 -3.44
N SER A 39 -42.75 -14.65 -3.97
CA SER A 39 -42.82 -13.92 -5.24
C SER A 39 -44.27 -13.39 -5.29
N PRO A 40 -44.59 -12.43 -6.18
CA PRO A 40 -43.84 -11.57 -7.09
C PRO A 40 -43.64 -10.12 -6.61
N TYR A 41 -43.82 -9.86 -5.32
CA TYR A 41 -43.55 -8.53 -4.77
C TYR A 41 -42.17 -8.44 -4.12
N SER A 42 -41.53 -9.59 -3.94
CA SER A 42 -40.19 -9.68 -3.37
C SER A 42 -39.16 -9.00 -4.29
N PRO A 43 -38.16 -8.32 -3.70
CA PRO A 43 -37.10 -7.71 -4.49
C PRO A 43 -36.10 -8.76 -4.99
N PHE A 44 -36.16 -9.97 -4.44
CA PHE A 44 -35.22 -11.04 -4.80
C PHE A 44 -35.89 -12.12 -5.64
N ARG A 45 -36.87 -11.74 -6.45
CA ARG A 45 -37.55 -12.71 -7.31
C ARG A 45 -36.68 -13.09 -8.52
N ILE A 46 -35.67 -12.29 -8.81
CA ILE A 46 -34.72 -12.58 -9.89
C ILE A 46 -35.47 -12.72 -11.21
N GLY A 47 -36.28 -11.71 -11.50
CA GLY A 47 -37.13 -11.68 -12.69
C GLY A 47 -36.37 -11.55 -14.00
N LEU A 48 -37.07 -11.82 -15.10
CA LEU A 48 -36.43 -11.85 -16.42
C LEU A 48 -37.04 -10.86 -17.41
N GLU A 49 -38.03 -10.08 -16.96
CA GLU A 49 -38.76 -9.19 -17.85
C GLU A 49 -37.83 -8.17 -18.53
N GLY A 50 -36.71 -7.91 -17.88
CA GLY A 50 -35.71 -6.98 -18.41
C GLY A 50 -34.50 -7.64 -19.02
N VAL A 51 -34.55 -8.95 -19.25
CA VAL A 51 -33.43 -9.64 -19.88
C VAL A 51 -33.88 -10.17 -21.23
N TRP A 52 -33.18 -9.78 -22.29
CA TRP A 52 -33.50 -10.26 -23.63
C TRP A 52 -33.64 -11.77 -23.66
N THR A 53 -34.44 -12.26 -24.60
CA THR A 53 -34.51 -13.67 -24.92
C THR A 53 -33.47 -13.91 -26.00
N PRO A 54 -33.04 -15.19 -26.19
CA PRO A 54 -32.14 -15.45 -27.31
C PRO A 54 -32.64 -14.80 -28.61
N GLU A 55 -33.94 -14.96 -28.88
CA GLU A 55 -34.58 -14.35 -30.03
C GLU A 55 -34.27 -12.86 -30.14
N VAL A 56 -34.38 -12.14 -29.02
CA VAL A 56 -34.13 -10.71 -29.05
C VAL A 56 -32.63 -10.38 -29.22
N LEU A 57 -31.76 -11.24 -28.68
CA LEU A 57 -30.31 -11.06 -28.80
C LEU A 57 -29.91 -11.13 -30.27
N LYS A 58 -30.41 -12.14 -30.98
CA LYS A 58 -30.09 -12.35 -32.38
C LYS A 58 -30.42 -11.14 -33.27
N ALA A 59 -31.52 -10.46 -32.97
CA ALA A 59 -31.86 -9.22 -33.67
C ALA A 59 -30.93 -8.08 -33.25
N ARG A 60 -30.62 -8.02 -31.96
CA ARG A 60 -29.80 -6.95 -31.40
C ARG A 60 -28.31 -7.13 -31.69
N ALA A 61 -27.83 -8.38 -31.63
CA ALA A 61 -26.40 -8.67 -31.84
C ALA A 61 -26.09 -8.93 -33.31
N SER A 62 -27.12 -8.86 -34.15
CA SER A 62 -27.01 -9.03 -35.60
C SER A 62 -25.87 -8.20 -36.19
N VAL A 63 -25.01 -8.87 -36.96
CA VAL A 63 -24.01 -8.19 -37.78
C VAL A 63 -23.97 -8.80 -39.18
N ILE A 64 -24.19 -7.95 -40.17
CA ILE A 64 -24.31 -8.35 -41.58
C ILE A 64 -23.05 -9.08 -42.07
N GLY A 65 -23.27 -10.24 -42.71
CA GLY A 65 -22.17 -11.05 -43.23
C GLY A 65 -21.63 -12.10 -42.27
N LYS A 66 -21.64 -11.77 -40.97
CA LYS A 66 -21.01 -12.64 -39.98
C LYS A 66 -21.98 -13.59 -39.28
N PRO A 67 -21.79 -14.90 -39.49
CA PRO A 67 -22.62 -15.93 -38.89
C PRO A 67 -22.29 -16.14 -37.41
N ILE A 68 -23.17 -16.86 -36.70
CA ILE A 68 -22.98 -17.22 -35.30
C ILE A 68 -21.76 -18.13 -35.15
N GLY A 69 -20.72 -17.60 -34.51
CA GLY A 69 -19.52 -18.37 -34.18
C GLY A 69 -19.68 -19.10 -32.88
N GLU A 70 -18.70 -19.94 -32.54
CA GLU A 70 -18.76 -20.77 -31.34
C GLU A 70 -19.03 -20.01 -30.03
N SER A 71 -18.36 -18.86 -29.86
CA SER A 71 -18.48 -18.05 -28.64
C SER A 71 -19.91 -17.56 -28.41
N TYR A 72 -20.51 -17.07 -29.49
CA TYR A 72 -21.86 -16.54 -29.51
C TYR A 72 -22.87 -17.64 -29.20
N LYS A 73 -22.61 -18.83 -29.75
CA LYS A 73 -23.45 -20.01 -29.57
C LYS A 73 -23.58 -20.40 -28.10
N ARG A 74 -22.46 -20.40 -27.39
CA ARG A 74 -22.42 -20.78 -25.98
C ARG A 74 -23.15 -19.75 -25.13
N ILE A 75 -23.11 -18.49 -25.59
CA ILE A 75 -23.78 -17.39 -24.93
C ILE A 75 -25.29 -17.50 -25.14
N LEU A 76 -25.70 -17.81 -26.35
CA LEU A 76 -27.12 -17.98 -26.64
C LEU A 76 -27.67 -19.19 -25.87
N ALA A 77 -26.90 -20.29 -25.88
CA ALA A 77 -27.29 -21.48 -25.14
C ALA A 77 -27.50 -21.15 -23.66
N LYS A 78 -26.57 -20.39 -23.09
CA LYS A 78 -26.63 -20.06 -21.68
C LYS A 78 -27.84 -19.17 -21.36
N LEU A 79 -28.12 -18.21 -22.24
CA LEU A 79 -29.28 -17.35 -22.13
C LEU A 79 -30.55 -18.18 -22.16
N GLN A 80 -30.60 -19.17 -23.04
CA GLN A 80 -31.75 -20.06 -23.14
C GLN A 80 -32.02 -20.76 -21.81
N ARG A 81 -30.98 -21.33 -21.22
CA ARG A 81 -31.08 -21.96 -19.90
C ARG A 81 -31.54 -20.98 -18.83
N ILE A 82 -31.13 -19.71 -18.96
CA ILE A 82 -31.57 -18.68 -18.02
C ILE A 82 -33.09 -18.52 -18.08
N HIS A 83 -33.64 -18.41 -19.27
CA HIS A 83 -35.09 -18.23 -19.41
C HIS A 83 -35.91 -19.49 -19.09
N ASN A 84 -35.27 -20.66 -19.16
CA ASN A 84 -35.92 -21.93 -18.82
C ASN A 84 -35.65 -22.38 -17.38
N SER A 85 -35.09 -21.49 -16.56
CA SER A 85 -34.75 -21.82 -15.19
C SER A 85 -35.82 -21.39 -14.17
N ASN A 86 -36.44 -22.38 -13.54
CA ASN A 86 -37.56 -22.11 -12.62
C ASN A 86 -37.14 -22.01 -11.17
N ILE A 87 -36.01 -22.64 -10.84
CA ILE A 87 -35.47 -22.54 -9.49
C ILE A 87 -34.60 -21.30 -9.44
N LEU A 88 -35.02 -20.34 -8.61
CA LEU A 88 -34.41 -19.02 -8.50
C LEU A 88 -32.91 -19.02 -8.23
N ASP A 89 -32.46 -19.89 -7.33
CA ASP A 89 -31.03 -19.95 -6.98
C ASP A 89 -30.18 -20.44 -8.15
N GLU A 90 -30.73 -21.36 -8.94
CA GLU A 90 -30.05 -21.84 -10.13
C GLU A 90 -30.02 -20.76 -11.22
N ARG A 91 -31.12 -20.05 -11.38
CA ARG A 91 -31.21 -19.02 -12.39
C ARG A 91 -30.14 -17.94 -12.21
N GLN A 92 -30.03 -17.43 -10.99
CA GLN A 92 -29.05 -16.39 -10.66
C GLN A 92 -27.61 -16.91 -10.82
N GLY A 93 -27.38 -18.15 -10.39
CA GLY A 93 -26.11 -18.82 -10.64
C GLY A 93 -25.77 -18.84 -12.12
N LEU A 94 -26.75 -19.17 -12.96
CA LEU A 94 -26.58 -19.25 -14.39
C LEU A 94 -26.34 -17.87 -15.00
N MET A 95 -27.02 -16.86 -14.46
CA MET A 95 -26.83 -15.48 -14.89
C MET A 95 -25.41 -15.00 -14.57
N HIS A 96 -24.89 -15.38 -13.42
CA HIS A 96 -23.49 -15.12 -13.13
C HIS A 96 -22.57 -15.84 -14.13
N GLU A 97 -22.91 -17.08 -14.49
CA GLU A 97 -22.17 -17.80 -15.51
C GLU A 97 -22.14 -17.08 -16.86
N LEU A 98 -23.29 -16.54 -17.28
CA LEU A 98 -23.37 -15.83 -18.56
C LEU A 98 -22.46 -14.62 -18.52
N MET A 99 -22.45 -13.91 -17.39
CA MET A 99 -21.61 -12.72 -17.23
C MET A 99 -20.15 -13.00 -17.51
N GLU A 100 -19.64 -14.09 -16.96
CA GLU A 100 -18.27 -14.51 -17.26
C GLU A 100 -18.07 -14.72 -18.77
N LEU A 101 -18.99 -15.43 -19.41
CA LEU A 101 -18.89 -15.69 -20.84
C LEU A 101 -18.77 -14.39 -21.62
N ILE A 102 -19.61 -13.42 -21.27
CA ILE A 102 -19.56 -12.09 -21.87
C ILE A 102 -18.23 -11.42 -21.54
N ASP A 103 -17.78 -11.52 -20.29
CA ASP A 103 -16.48 -10.98 -19.92
C ASP A 103 -15.40 -11.54 -20.83
N LEU A 104 -15.34 -12.87 -20.94
CA LEU A 104 -14.31 -13.56 -21.74
C LEU A 104 -14.36 -13.16 -23.22
N TYR A 105 -15.57 -12.95 -23.73
CA TYR A 105 -15.76 -12.55 -25.12
C TYR A 105 -15.21 -11.14 -25.30
N GLU A 106 -15.56 -10.26 -24.37
CA GLU A 106 -15.08 -8.88 -24.37
C GLU A 106 -13.55 -8.84 -24.31
N GLU A 107 -13.00 -9.61 -23.38
CA GLU A 107 -11.56 -9.65 -23.14
C GLU A 107 -10.83 -10.06 -24.41
N SER A 108 -11.33 -11.10 -25.09
CA SER A 108 -10.57 -11.76 -26.15
C SER A 108 -11.04 -11.47 -27.58
N GLN A 109 -12.20 -10.83 -27.72
CA GLN A 109 -12.72 -10.46 -29.03
C GLN A 109 -13.22 -9.03 -28.98
N PRO A 110 -12.29 -8.09 -28.73
CA PRO A 110 -12.65 -6.73 -28.32
C PRO A 110 -13.15 -5.83 -29.45
N SER A 111 -12.78 -6.16 -30.69
CA SER A 111 -13.23 -5.38 -31.86
C SER A 111 -14.50 -5.93 -32.51
N SER A 112 -15.18 -6.86 -31.84
CA SER A 112 -16.40 -7.45 -32.37
C SER A 112 -17.58 -6.48 -32.34
N GLU A 113 -18.37 -6.49 -33.42
CA GLU A 113 -19.61 -5.72 -33.47
C GLU A 113 -20.71 -6.30 -32.58
N ARG A 114 -20.57 -7.58 -32.21
CA ARG A 114 -21.53 -8.19 -31.27
C ARG A 114 -21.43 -7.56 -29.85
N LEU A 115 -20.44 -6.68 -29.63
CA LEU A 115 -20.15 -6.15 -28.28
C LEU A 115 -21.11 -5.14 -27.68
N ASN A 116 -21.51 -4.12 -28.45
CA ASN A 116 -22.50 -3.17 -27.94
C ASN A 116 -23.73 -3.91 -27.41
N ALA A 117 -24.19 -4.92 -28.14
CA ALA A 117 -25.32 -5.73 -27.70
C ALA A 117 -25.02 -6.53 -26.44
N PHE A 118 -23.91 -7.29 -26.46
CA PHE A 118 -23.49 -8.10 -25.31
C PHE A 118 -23.27 -7.27 -24.02
N ARG A 119 -22.79 -6.03 -24.18
CA ARG A 119 -22.65 -5.12 -23.05
C ARG A 119 -23.99 -4.76 -22.40
N GLU A 120 -24.97 -4.42 -23.23
CA GLU A 120 -26.33 -4.20 -22.74
C GLU A 120 -26.87 -5.43 -22.02
N LEU A 121 -26.70 -6.60 -22.64
CA LEU A 121 -27.09 -7.88 -22.01
C LEU A 121 -26.48 -8.06 -20.62
N ARG A 122 -25.19 -7.78 -20.48
CA ARG A 122 -24.53 -7.87 -19.17
C ARG A 122 -25.15 -6.91 -18.15
N THR A 123 -25.31 -5.64 -18.51
CA THR A 123 -26.01 -4.66 -17.68
C THR A 123 -27.43 -5.13 -17.28
N GLN A 124 -28.11 -5.82 -18.20
CA GLN A 124 -29.44 -6.34 -17.91
C GLN A 124 -29.32 -7.38 -16.81
N LEU A 125 -28.34 -8.27 -16.95
CA LEU A 125 -28.16 -9.36 -16.00
C LEU A 125 -27.78 -8.82 -14.63
N GLU A 126 -26.99 -7.76 -14.63
CA GLU A 126 -26.58 -7.08 -13.42
C GLU A 126 -27.77 -6.42 -12.71
N LYS A 127 -28.59 -5.70 -13.49
CA LYS A 127 -29.78 -5.01 -12.98
C LYS A 127 -30.86 -5.98 -12.50
N ALA A 128 -30.80 -7.23 -12.95
CA ALA A 128 -31.78 -8.23 -12.54
C ALA A 128 -31.38 -8.89 -11.22
N LEU A 129 -30.08 -8.93 -10.94
CA LEU A 129 -29.61 -9.52 -9.68
C LEU A 129 -29.39 -8.47 -8.60
N TYR A 130 -28.83 -7.33 -9.01
CA TYR A 130 -28.45 -6.31 -8.05
C TYR A 130 -29.35 -5.09 -8.16
N LEU A 131 -30.01 -4.77 -7.06
CA LEU A 131 -30.91 -3.64 -7.04
C LEU A 131 -30.09 -2.34 -7.00
N PRO A 132 -30.70 -1.21 -7.41
CA PRO A 132 -30.00 0.09 -7.32
C PRO A 132 -29.31 0.35 -5.99
N GLU A 133 -29.94 -0.05 -4.87
CA GLU A 133 -29.30 0.17 -3.57
C GLU A 133 -28.40 -0.98 -3.15
N MET A 134 -28.13 -1.88 -4.09
CA MET A 134 -27.20 -2.96 -3.86
C MET A 134 -25.85 -2.63 -4.51
N GLU A 135 -25.70 -1.41 -5.03
CA GLU A 135 -24.51 -0.98 -5.77
C GLU A 135 -23.14 -1.35 -5.18
N ALA A 136 -22.96 -1.08 -3.90
CA ALA A 136 -21.69 -1.34 -3.23
C ALA A 136 -21.48 -2.84 -3.06
N LEU A 137 -22.56 -3.56 -2.76
CA LEU A 137 -22.51 -5.02 -2.60
C LEU A 137 -22.10 -5.68 -3.91
N LYS A 138 -22.70 -5.19 -5.00
CA LYS A 138 -22.37 -5.62 -6.35
C LYS A 138 -20.88 -5.47 -6.69
N LYS A 139 -20.34 -4.29 -6.42
CA LYS A 139 -18.97 -3.99 -6.81
C LYS A 139 -18.06 -4.96 -6.10
N GLN A 140 -18.39 -5.22 -4.84
CA GLN A 140 -17.61 -6.14 -4.03
C GLN A 140 -17.65 -7.53 -4.61
N ILE A 141 -18.84 -7.98 -5.01
CA ILE A 141 -19.00 -9.32 -5.51
C ILE A 141 -18.44 -9.51 -6.93
N LEU A 142 -18.76 -8.59 -7.84
CA LEU A 142 -18.36 -8.75 -9.23
C LEU A 142 -16.90 -8.39 -9.47
N GLN A 143 -16.26 -7.87 -8.44
CA GLN A 143 -14.82 -7.62 -8.40
C GLN A 143 -14.05 -8.93 -8.51
N ILE A 144 -14.65 -9.99 -7.97
CA ILE A 144 -13.99 -11.30 -7.89
C ILE A 144 -13.89 -11.91 -9.28
N PRO A 145 -12.68 -12.37 -9.66
CA PRO A 145 -12.56 -12.96 -11.00
C PRO A 145 -13.43 -14.20 -11.11
N ASN A 146 -13.79 -14.57 -12.32
CA ASN A 146 -14.56 -15.79 -12.58
C ASN A 146 -15.96 -15.73 -11.97
N LYS A 147 -16.80 -14.86 -12.53
CA LYS A 147 -18.15 -14.64 -12.03
C LYS A 147 -18.99 -15.93 -12.04
N GLY A 148 -18.55 -16.93 -12.80
CA GLY A 148 -19.30 -18.17 -12.97
C GLY A 148 -18.67 -19.33 -12.22
N SER A 149 -17.72 -19.01 -11.35
CA SER A 149 -17.01 -20.02 -10.57
C SER A 149 -17.89 -20.55 -9.45
N GLY A 150 -18.93 -19.79 -9.11
CA GLY A 150 -19.79 -20.11 -7.98
C GLY A 150 -19.59 -19.20 -6.78
N ALA A 151 -18.51 -18.41 -6.78
CA ALA A 151 -18.32 -17.46 -5.67
C ALA A 151 -19.43 -16.40 -5.66
N ALA A 152 -19.61 -15.70 -6.78
CA ALA A 152 -20.65 -14.67 -6.92
C ALA A 152 -22.05 -15.24 -6.66
N ARG A 153 -22.32 -16.44 -7.15
CA ARG A 153 -23.58 -17.13 -6.84
C ARG A 153 -23.74 -17.22 -5.32
N PHE A 154 -22.76 -17.82 -4.67
CA PHE A 154 -22.86 -18.08 -3.25
C PHE A 154 -23.04 -16.78 -2.46
N LEU A 155 -22.39 -15.72 -2.92
CA LEU A 155 -22.30 -14.50 -2.13
C LEU A 155 -23.57 -13.64 -2.22
N LEU A 156 -24.16 -13.60 -3.41
CA LEU A 156 -25.47 -12.98 -3.59
C LEU A 156 -26.56 -13.65 -2.75
N ARG A 157 -26.61 -14.98 -2.82
CA ARG A 157 -27.54 -15.76 -2.01
C ARG A 157 -27.41 -15.37 -0.56
N THR A 158 -26.16 -15.28 -0.10
CA THR A 158 -25.86 -14.88 1.25
C THR A 158 -26.33 -13.45 1.50
N ALA A 159 -26.04 -12.56 0.56
CA ALA A 159 -26.40 -11.17 0.71
C ALA A 159 -27.91 -10.96 0.80
N MET A 160 -28.66 -11.63 -0.08
CA MET A 160 -30.12 -11.52 -0.08
C MET A 160 -30.72 -12.05 1.22
N ASN A 161 -30.26 -13.22 1.65
CA ASN A 161 -30.72 -13.80 2.91
C ASN A 161 -30.46 -12.86 4.08
N GLU A 162 -29.34 -12.14 4.01
CA GLU A 162 -28.96 -11.22 5.08
C GLU A 162 -29.84 -9.99 5.04
N MET A 163 -29.97 -9.37 3.87
CA MET A 163 -30.86 -8.24 3.68
C MET A 163 -32.29 -8.56 4.11
N ALA A 164 -32.73 -9.78 3.84
CA ALA A 164 -34.06 -10.22 4.26
C ALA A 164 -34.17 -10.38 5.78
N GLY A 165 -33.04 -10.27 6.49
CA GLY A 165 -33.01 -10.39 7.93
C GLY A 165 -33.19 -11.82 8.35
N LYS A 166 -33.06 -12.70 7.36
CA LYS A 166 -33.30 -14.13 7.52
C LYS A 166 -32.04 -14.85 8.02
N THR A 167 -31.00 -14.08 8.35
CA THR A 167 -29.69 -14.61 8.76
C THR A 167 -28.82 -13.55 9.45
N SER A 168 -27.90 -14.03 10.28
CA SER A 168 -26.91 -13.21 10.98
C SER A 168 -25.89 -12.61 9.99
N GLU A 169 -25.23 -11.54 10.42
CA GLU A 169 -24.24 -10.84 9.59
C GLU A 169 -23.08 -11.76 9.19
N SER A 170 -22.89 -11.95 7.88
CA SER A 170 -21.88 -12.85 7.37
C SER A 170 -21.26 -12.42 6.04
N THR A 171 -22.05 -11.77 5.19
CA THR A 171 -21.63 -11.48 3.81
C THR A 171 -20.31 -10.72 3.73
N ALA A 172 -20.22 -9.57 4.39
CA ALA A 172 -19.00 -8.76 4.35
C ALA A 172 -17.75 -9.58 4.62
N ASP A 173 -17.76 -10.36 5.70
CA ASP A 173 -16.63 -11.20 6.06
C ASP A 173 -16.34 -12.31 5.04
N LEU A 174 -17.40 -12.97 4.55
CA LEU A 174 -17.23 -14.00 3.52
C LEU A 174 -16.58 -13.42 2.26
N ILE A 175 -16.92 -12.17 1.92
CA ILE A 175 -16.29 -11.43 0.83
C ILE A 175 -14.80 -11.22 1.09
N ARG A 176 -14.43 -10.98 2.36
CA ARG A 176 -13.03 -10.80 2.72
C ARG A 176 -12.28 -12.11 2.59
N PHE A 177 -12.95 -13.20 2.93
CA PHE A 177 -12.42 -14.52 2.74
C PHE A 177 -12.20 -14.79 1.24
N ALA A 178 -13.26 -14.60 0.45
CA ALA A 178 -13.16 -14.73 -1.01
C ALA A 178 -11.98 -13.98 -1.63
N LEU A 179 -11.77 -12.73 -1.21
CA LEU A 179 -10.80 -11.84 -1.87
C LEU A 179 -9.35 -12.16 -1.64
N GLN A 180 -9.05 -12.92 -0.59
CA GLN A 180 -7.68 -13.31 -0.26
C GLN A 180 -7.42 -14.81 -0.46
N ASP A 181 -8.46 -15.56 -0.77
CA ASP A 181 -8.27 -17.00 -0.98
C ASP A 181 -7.46 -17.23 -2.26
N THR A 182 -6.52 -18.15 -2.21
CA THR A 182 -5.59 -18.36 -3.32
C THR A 182 -6.22 -19.08 -4.52
N VAL A 183 -7.42 -19.62 -4.32
CA VAL A 183 -8.19 -20.21 -5.40
C VAL A 183 -9.35 -19.28 -5.80
N ILE A 184 -10.20 -18.90 -4.85
CA ILE A 184 -11.39 -18.11 -5.17
C ILE A 184 -11.08 -16.82 -5.94
N SER A 185 -10.03 -16.11 -5.53
CA SER A 185 -9.73 -14.79 -6.10
C SER A 185 -8.78 -14.86 -7.29
N ALA A 186 -8.44 -16.06 -7.75
CA ALA A 186 -7.46 -16.21 -8.81
C ALA A 186 -8.15 -16.32 -10.17
N PRO A 187 -7.84 -15.40 -11.10
CA PRO A 187 -8.28 -15.53 -12.49
C PRO A 187 -7.97 -16.94 -12.99
N PHE A 188 -9.01 -17.68 -13.39
CA PHE A 188 -8.80 -19.05 -13.77
C PHE A 188 -7.93 -19.16 -15.02
N ARG A 189 -6.83 -19.91 -14.90
CA ARG A 189 -5.94 -20.17 -16.02
C ARG A 189 -5.64 -21.66 -16.15
N GLY A 190 -6.55 -22.50 -15.66
CA GLY A 190 -6.35 -23.94 -15.66
C GLY A 190 -6.87 -24.61 -16.91
N TYR A 191 -7.29 -25.87 -16.78
CA TYR A 191 -7.65 -26.69 -17.93
C TYR A 191 -9.15 -26.74 -18.22
N ALA A 192 -9.54 -26.30 -19.42
CA ALA A 192 -10.96 -26.18 -19.77
C ALA A 192 -11.46 -27.20 -20.80
N GLY A 193 -10.62 -28.17 -21.14
CA GLY A 193 -10.95 -29.14 -22.18
C GLY A 193 -11.52 -30.40 -21.60
N ALA A 194 -11.40 -31.49 -22.34
CA ALA A 194 -12.05 -32.76 -22.02
C ALA A 194 -11.19 -33.72 -21.19
N ILE A 195 -11.86 -34.67 -20.54
CA ILE A 195 -11.18 -35.73 -19.80
C ILE A 195 -11.43 -37.05 -20.52
N PRO A 196 -10.36 -37.77 -20.88
CA PRO A 196 -10.56 -39.03 -21.58
C PRO A 196 -11.33 -40.03 -20.71
N GLU A 197 -12.22 -40.79 -21.35
CA GLU A 197 -13.00 -41.81 -20.69
C GLU A 197 -12.09 -42.83 -20.02
N ALA A 198 -10.96 -43.12 -20.66
CA ALA A 198 -10.00 -44.09 -20.14
C ALA A 198 -9.50 -43.78 -18.72
N ILE A 199 -9.68 -42.54 -18.25
CA ILE A 199 -9.23 -42.17 -16.90
C ILE A 199 -10.20 -42.72 -15.85
N ASP A 200 -9.69 -43.56 -14.95
CA ASP A 200 -10.55 -44.20 -13.93
C ASP A 200 -10.37 -43.63 -12.51
N PHE A 201 -10.13 -42.33 -12.42
CA PHE A 201 -10.06 -41.65 -11.11
C PHE A 201 -10.56 -40.24 -11.29
N PRO A 202 -11.21 -39.66 -10.25
CA PRO A 202 -11.67 -38.27 -10.38
C PRO A 202 -10.48 -37.32 -10.57
N VAL A 203 -10.51 -36.53 -11.64
CA VAL A 203 -9.38 -35.67 -11.99
C VAL A 203 -9.49 -34.31 -11.33
N LYS A 204 -8.37 -33.81 -10.80
CA LYS A 204 -8.32 -32.48 -10.19
C LYS A 204 -7.51 -31.50 -11.03
N TYR A 205 -6.33 -31.93 -11.48
CA TYR A 205 -5.43 -31.05 -12.21
C TYR A 205 -5.00 -31.67 -13.52
N VAL A 206 -4.83 -30.83 -14.54
CA VAL A 206 -4.37 -31.27 -15.85
C VAL A 206 -3.26 -30.36 -16.39
N ILE A 207 -2.16 -30.97 -16.82
CA ILE A 207 -1.19 -30.28 -17.66
C ILE A 207 -1.49 -30.71 -19.09
N GLU A 208 -2.09 -29.80 -19.85
CA GLU A 208 -2.58 -30.07 -21.19
C GLU A 208 -1.47 -30.50 -22.14
N ASP A 209 -0.32 -29.83 -22.05
CA ASP A 209 0.79 -30.15 -22.91
C ASP A 209 2.08 -30.46 -22.13
N ILE A 210 2.46 -31.73 -22.17
CA ILE A 210 3.65 -32.22 -21.46
C ILE A 210 4.93 -31.42 -21.74
N SER A 211 4.99 -30.79 -22.91
CA SER A 211 6.18 -30.03 -23.35
C SER A 211 6.52 -28.83 -22.47
N VAL A 212 5.50 -28.29 -21.79
CA VAL A 212 5.69 -27.23 -20.81
C VAL A 212 6.81 -27.60 -19.83
N PHE A 213 6.91 -28.87 -19.49
CA PHE A 213 7.95 -29.34 -18.57
C PHE A 213 9.37 -29.11 -19.07
N ASP A 214 9.51 -28.98 -20.39
CA ASP A 214 10.81 -28.76 -21.04
C ASP A 214 11.20 -27.29 -21.13
N LYS A 215 10.41 -26.40 -20.52
CA LYS A 215 10.66 -24.97 -20.59
C LYS A 215 10.93 -24.33 -19.22
N ILE A 216 11.20 -25.16 -18.21
CA ILE A 216 11.54 -24.65 -16.88
C ILE A 216 13.05 -24.51 -16.69
N GLN A 217 13.44 -23.69 -15.70
CA GLN A 217 14.85 -23.41 -15.39
C GLN A 217 15.70 -24.66 -15.21
N THR A 218 15.34 -25.47 -14.22
CA THR A 218 16.09 -26.67 -13.88
C THR A 218 16.01 -27.73 -14.98
N ASN A 219 17.10 -28.48 -15.13
CA ASN A 219 17.16 -29.57 -16.09
C ASN A 219 17.38 -30.89 -15.37
N TYR A 220 16.26 -31.48 -14.95
CA TYR A 220 16.26 -32.67 -14.11
C TYR A 220 16.84 -33.89 -14.84
N TRP A 221 16.82 -33.82 -16.17
CA TRP A 221 17.38 -34.85 -17.04
C TRP A 221 18.92 -34.86 -17.03
N GLU A 222 19.51 -34.20 -16.04
CA GLU A 222 20.93 -33.91 -16.03
C GLU A 222 21.49 -34.10 -14.62
N LEU A 223 20.56 -34.24 -13.67
CA LEU A 223 20.92 -34.41 -12.26
C LEU A 223 21.29 -35.85 -11.94
N PRO A 224 22.33 -36.05 -11.12
CA PRO A 224 22.52 -37.37 -10.50
C PRO A 224 21.37 -37.63 -9.50
N ALA A 225 20.80 -38.83 -9.54
CA ALA A 225 21.15 -39.84 -10.53
C ALA A 225 19.98 -40.16 -11.45
N TYR A 226 19.77 -39.30 -12.44
CA TYR A 226 18.91 -39.62 -13.58
C TYR A 226 19.78 -39.87 -14.80
N GLU A 227 21.08 -39.96 -14.54
CA GLU A 227 22.10 -40.23 -15.55
C GLU A 227 21.91 -41.61 -16.14
N SER A 228 21.62 -42.58 -15.27
CA SER A 228 21.30 -43.96 -15.67
C SER A 228 20.27 -43.97 -16.80
N TRP A 229 19.18 -43.23 -16.61
CA TRP A 229 18.17 -43.00 -17.64
C TRP A 229 18.84 -42.23 -18.78
N ASN A 230 18.52 -42.59 -20.02
CA ASN A 230 19.20 -41.98 -21.17
C ASN A 230 18.39 -40.86 -21.83
N GLU A 231 17.93 -39.90 -21.02
CA GLU A 231 16.95 -38.91 -21.47
C GLU A 231 17.52 -37.49 -21.57
N GLY A 232 16.96 -36.69 -22.47
CA GLY A 232 17.48 -35.36 -22.77
C GLY A 232 16.58 -34.18 -22.44
N SER A 233 15.40 -34.47 -21.89
CA SER A 233 14.45 -33.43 -21.48
C SER A 233 13.65 -33.86 -20.25
N ASN A 234 13.05 -32.88 -19.58
CA ASN A 234 12.25 -33.14 -18.40
C ASN A 234 10.95 -33.90 -18.70
N SER A 235 10.45 -33.75 -19.92
CA SER A 235 9.22 -34.42 -20.34
C SER A 235 9.48 -35.87 -20.73
N ALA A 236 10.73 -36.15 -21.11
CA ALA A 236 11.14 -37.52 -21.42
C ALA A 236 11.40 -38.34 -20.15
N LEU A 237 11.67 -37.63 -19.06
CA LEU A 237 11.80 -38.21 -17.73
C LEU A 237 10.45 -38.68 -17.18
N LEU A 238 9.42 -37.91 -17.49
CA LEU A 238 8.09 -38.05 -16.91
C LEU A 238 7.54 -39.49 -16.88
N PRO A 239 7.52 -40.19 -18.03
CA PRO A 239 6.99 -41.56 -18.01
C PRO A 239 7.70 -42.46 -17.02
N GLY A 240 9.03 -42.36 -16.96
CA GLY A 240 9.84 -43.16 -16.04
C GLY A 240 9.54 -42.85 -14.59
N LEU A 241 9.45 -41.56 -14.27
CA LEU A 241 9.09 -41.07 -12.93
C LEU A 241 7.79 -41.69 -12.41
N LEU A 242 6.78 -41.75 -13.26
CA LEU A 242 5.51 -42.35 -12.88
C LEU A 242 5.62 -43.87 -12.68
N ARG A 243 6.18 -44.57 -13.67
CA ARG A 243 6.40 -46.00 -13.56
C ARG A 243 7.10 -46.37 -12.26
N GLU A 244 8.22 -45.71 -11.96
CA GLU A 244 9.01 -46.01 -10.77
C GLU A 244 8.28 -45.72 -9.47
N SER A 245 7.50 -44.64 -9.45
CA SER A 245 6.68 -44.29 -8.29
C SER A 245 5.57 -45.31 -8.00
N GLN A 246 4.90 -45.77 -9.06
CA GLN A 246 3.69 -46.58 -8.91
C GLN A 246 4.00 -48.02 -8.55
N SER A 247 5.22 -48.46 -8.84
CA SER A 247 5.70 -49.76 -8.40
C SER A 247 6.01 -49.75 -6.90
N LYS A 248 6.03 -48.54 -6.33
CA LYS A 248 6.29 -48.32 -4.90
C LYS A 248 5.01 -48.01 -4.12
N GLY A 249 3.88 -47.93 -4.83
CA GLY A 249 2.58 -47.60 -4.23
C GLY A 249 2.23 -46.12 -4.23
N MET A 250 3.04 -45.29 -4.90
CA MET A 250 2.80 -43.84 -4.93
C MET A 250 2.51 -43.27 -6.31
N LEU A 251 1.90 -42.08 -6.34
CA LEU A 251 1.48 -41.40 -7.57
C LEU A 251 0.57 -42.24 -8.49
N SER A 252 -0.18 -43.17 -7.88
CA SER A 252 -1.02 -44.08 -8.64
C SER A 252 -2.16 -43.37 -9.40
N LYS A 253 -2.59 -42.22 -8.87
CA LYS A 253 -3.62 -41.41 -9.54
C LYS A 253 -3.04 -40.37 -10.51
N CYS A 254 -1.85 -40.63 -11.04
CA CYS A 254 -1.28 -39.80 -12.11
C CYS A 254 -1.19 -40.62 -13.40
N ARG A 255 -1.62 -40.03 -14.52
CA ARG A 255 -1.58 -40.75 -15.78
C ARG A 255 -1.41 -39.84 -16.99
N ILE A 256 -0.50 -40.22 -17.88
CA ILE A 256 -0.28 -39.51 -19.13
C ILE A 256 -1.02 -40.19 -20.27
N ILE A 257 -1.89 -39.44 -20.92
CA ILE A 257 -2.53 -39.89 -22.16
C ILE A 257 -2.20 -38.89 -23.26
N GLU A 258 -1.62 -39.38 -24.35
CA GLU A 258 -1.52 -38.61 -25.59
C GLU A 258 -1.06 -37.19 -25.29
N ASN A 259 0.11 -37.06 -24.68
CA ASN A 259 0.70 -35.74 -24.40
C ASN A 259 0.11 -34.92 -23.24
N SER A 260 -0.92 -35.43 -22.56
CA SER A 260 -1.50 -34.71 -21.42
C SER A 260 -1.36 -35.47 -20.10
N LEU A 261 -1.10 -34.73 -19.02
CA LEU A 261 -0.96 -35.32 -17.68
C LEU A 261 -2.23 -35.11 -16.86
N TYR A 262 -2.70 -36.20 -16.23
CA TYR A 262 -3.90 -36.15 -15.40
C TYR A 262 -3.62 -36.53 -13.95
N ILE A 263 -3.97 -35.62 -13.03
CA ILE A 263 -3.65 -35.80 -11.60
C ILE A 263 -4.88 -35.94 -10.71
N GLY A 264 -4.95 -37.06 -9.98
CA GLY A 264 -6.04 -37.33 -9.06
C GLY A 264 -5.69 -37.05 -7.61
N HIS A 265 -4.43 -36.69 -7.38
CA HIS A 265 -3.97 -36.39 -6.02
C HIS A 265 -4.14 -34.93 -5.71
N SER A 266 -4.58 -34.65 -4.48
CA SER A 266 -4.79 -33.29 -4.01
C SER A 266 -3.44 -32.60 -3.82
N TYR A 267 -3.37 -31.33 -4.22
CA TYR A 267 -2.18 -30.48 -4.02
C TYR A 267 -1.60 -30.61 -2.62
N GLU A 268 -2.46 -30.62 -1.61
CA GLU A 268 -2.02 -30.73 -0.22
C GLU A 268 -1.61 -32.14 0.18
N GLU A 269 -2.19 -33.15 -0.48
CA GLU A 269 -1.79 -34.54 -0.28
C GLU A 269 -0.37 -34.74 -0.80
N MET A 270 -0.11 -34.18 -1.97
CA MET A 270 1.23 -34.24 -2.55
C MET A 270 2.26 -33.44 -1.75
N PHE A 271 1.88 -32.26 -1.26
CA PHE A 271 2.84 -31.42 -0.55
C PHE A 271 3.30 -32.05 0.75
N TYR A 272 2.35 -32.54 1.53
CA TYR A 272 2.67 -33.10 2.85
C TYR A 272 3.26 -34.52 2.80
N SER A 273 3.08 -35.21 1.67
CA SER A 273 3.62 -36.55 1.51
C SER A 273 4.86 -36.63 0.63
N ILE A 274 5.15 -35.55 -0.11
CA ILE A 274 6.32 -35.54 -0.99
C ILE A 274 7.45 -34.59 -0.55
N SER A 275 7.10 -33.39 -0.06
CA SER A 275 8.11 -32.41 0.43
C SER A 275 7.53 -31.22 1.21
N PRO A 276 7.32 -31.39 2.54
CA PRO A 276 6.91 -30.30 3.43
C PRO A 276 7.84 -29.77 4.55
N TYR A 277 9.16 -30.06 4.63
CA TYR A 277 10.00 -30.83 3.71
C TYR A 277 10.62 -32.04 4.46
N SER A 278 11.14 -33.06 3.76
CA SER A 278 11.08 -33.19 2.29
C SER A 278 10.49 -34.52 1.77
N ASN A 279 11.25 -35.59 1.45
CA ASN A 279 12.58 -35.93 1.99
C ASN A 279 13.80 -35.72 1.08
N GLN A 280 14.93 -35.39 1.72
CA GLN A 280 16.23 -35.30 1.06
C GLN A 280 17.40 -35.58 2.02
N VAL A 281 18.03 -36.75 1.93
CA VAL A 281 17.60 -37.89 1.10
C VAL A 281 16.64 -38.78 1.92
N GLY A 282 16.02 -39.80 1.33
CA GLY A 282 16.20 -40.23 -0.05
C GLY A 282 14.91 -40.73 -0.70
N GLY A 283 14.46 -41.94 -0.37
CA GLY A 283 15.03 -42.79 0.67
C GLY A 283 14.35 -42.56 2.03
N PRO A 284 13.34 -43.40 2.36
CA PRO A 284 12.86 -44.58 1.62
C PRO A 284 11.75 -44.24 0.63
N TYR A 285 11.12 -43.07 0.78
CA TYR A 285 10.13 -42.59 -0.17
C TYR A 285 10.78 -41.61 -1.15
N GLU A 286 10.97 -42.15 -2.37
CA GLU A 286 12.10 -41.83 -3.23
C GLU A 286 12.18 -40.43 -3.85
N LEU A 287 13.23 -40.26 -4.64
CA LEU A 287 13.53 -39.04 -5.36
C LEU A 287 12.48 -38.79 -6.43
N TYR A 288 11.98 -39.87 -7.04
CA TYR A 288 11.08 -39.77 -8.20
C TYR A 288 9.82 -38.91 -7.97
N PRO A 289 9.04 -39.18 -6.90
CA PRO A 289 7.90 -38.32 -6.60
C PRO A 289 8.30 -36.89 -6.26
N PHE A 290 9.45 -36.73 -5.60
CA PHE A 290 9.99 -35.41 -5.27
C PHE A 290 10.42 -34.66 -6.52
N THR A 291 10.88 -35.40 -7.53
CA THR A 291 11.26 -34.80 -8.79
C THR A 291 10.01 -34.37 -9.55
N PHE A 292 9.02 -35.27 -9.57
CA PHE A 292 7.70 -34.97 -10.12
C PHE A 292 7.15 -33.66 -9.54
N PHE A 293 7.00 -33.62 -8.20
CA PHE A 293 6.37 -32.47 -7.55
C PHE A 293 7.17 -31.17 -7.70
N SER A 294 8.50 -31.28 -7.71
CA SER A 294 9.35 -30.12 -7.92
C SER A 294 9.15 -29.53 -9.32
N MET A 295 9.10 -30.41 -10.32
CA MET A 295 8.84 -30.01 -11.70
C MET A 295 7.50 -29.28 -11.84
N LEU A 296 6.46 -29.77 -11.16
CA LEU A 296 5.15 -29.13 -11.18
C LEU A 296 5.22 -27.72 -10.59
N GLN A 297 5.96 -27.57 -9.50
CA GLN A 297 6.09 -26.29 -8.80
C GLN A 297 6.85 -25.25 -9.63
N GLU A 298 7.79 -25.74 -10.44
CA GLU A 298 8.50 -24.87 -11.38
C GLU A 298 7.59 -24.46 -12.53
N VAL A 299 6.83 -25.41 -13.08
CA VAL A 299 5.90 -25.09 -14.14
C VAL A 299 4.90 -24.05 -13.66
N GLN A 300 4.37 -24.28 -12.45
CA GLN A 300 3.40 -23.39 -11.81
C GLN A 300 3.89 -21.94 -11.76
N GLY A 301 5.14 -21.77 -11.35
CA GLY A 301 5.77 -20.45 -11.33
C GLY A 301 5.09 -19.51 -10.37
N ASP A 302 4.80 -18.30 -10.85
CA ASP A 302 4.18 -17.26 -10.03
C ASP A 302 2.68 -17.50 -9.81
N LEU A 303 2.10 -18.48 -10.49
CA LEU A 303 0.66 -18.69 -10.40
C LEU A 303 0.26 -19.50 -9.16
N GLY A 304 -1.04 -19.57 -8.91
CA GLY A 304 -1.58 -20.50 -7.92
C GLY A 304 -1.56 -21.89 -8.52
N PHE A 305 -1.28 -22.90 -7.71
CA PHE A 305 -1.26 -24.27 -8.19
C PHE A 305 -2.58 -24.63 -8.91
N GLU A 306 -3.71 -24.43 -8.24
CA GLU A 306 -5.01 -24.70 -8.84
C GLU A 306 -5.30 -23.71 -9.96
N GLN A 307 -4.87 -22.45 -9.78
CA GLN A 307 -5.10 -21.42 -10.79
C GLN A 307 -4.56 -21.86 -12.15
N ALA A 308 -3.41 -22.52 -12.12
CA ALA A 308 -2.67 -22.90 -13.32
C ALA A 308 -3.04 -24.28 -13.84
N PHE A 309 -3.30 -25.21 -12.93
CA PHE A 309 -3.44 -26.60 -13.30
C PHE A 309 -4.86 -27.18 -13.27
N ALA A 310 -5.73 -26.59 -12.46
CA ALA A 310 -7.02 -27.24 -12.13
C ALA A 310 -7.97 -27.35 -13.30
N THR A 311 -8.76 -28.42 -13.34
CA THR A 311 -9.86 -28.51 -14.29
C THR A 311 -10.88 -27.45 -13.88
N ARG A 312 -11.64 -26.92 -14.82
CA ARG A 312 -12.67 -25.96 -14.45
C ARG A 312 -13.65 -26.54 -13.43
N ASN A 313 -14.05 -27.78 -13.65
CA ASN A 313 -14.95 -28.50 -12.77
C ASN A 313 -14.41 -28.53 -11.32
N PHE A 314 -13.16 -28.94 -11.15
CA PHE A 314 -12.56 -29.01 -9.83
C PHE A 314 -12.37 -27.64 -9.20
N PHE A 315 -11.98 -26.67 -10.02
CA PHE A 315 -11.84 -25.29 -9.56
C PHE A 315 -13.18 -24.82 -8.99
N ASN A 316 -14.24 -24.99 -9.76
CA ASN A 316 -15.57 -24.57 -9.35
C ASN A 316 -16.04 -25.24 -8.06
N THR A 317 -15.76 -26.53 -7.93
CA THR A 317 -16.16 -27.32 -6.77
C THR A 317 -15.40 -26.83 -5.53
N LEU A 318 -14.12 -26.52 -5.72
CA LEU A 318 -13.30 -26.04 -4.63
C LEU A 318 -13.84 -24.70 -4.12
N VAL A 319 -14.07 -23.77 -5.05
CA VAL A 319 -14.60 -22.46 -4.71
C VAL A 319 -15.85 -22.58 -3.83
N SER A 320 -16.83 -23.37 -4.25
CA SER A 320 -18.07 -23.43 -3.49
C SER A 320 -17.97 -24.23 -2.18
N ASP A 321 -17.14 -25.29 -2.17
CA ASP A 321 -16.84 -25.99 -0.93
C ASP A 321 -16.21 -25.08 0.12
N ARG A 322 -15.23 -24.27 -0.29
CA ARG A 322 -14.51 -23.39 0.63
C ARG A 322 -15.47 -22.39 1.29
N LEU A 323 -16.39 -21.86 0.49
CA LEU A 323 -17.39 -20.90 0.97
C LEU A 323 -18.38 -21.59 1.90
N SER A 324 -18.90 -22.74 1.51
CA SER A 324 -19.73 -23.56 2.39
C SER A 324 -19.06 -23.77 3.74
N LEU A 325 -17.85 -24.33 3.71
CA LEU A 325 -17.15 -24.67 4.93
C LEU A 325 -16.82 -23.44 5.78
N MET A 326 -16.34 -22.37 5.15
CA MET A 326 -16.03 -21.13 5.86
C MET A 326 -17.25 -20.63 6.63
N GLU A 327 -18.40 -20.57 5.96
CA GLU A 327 -19.67 -20.18 6.57
C GLU A 327 -20.02 -21.06 7.76
N ASN A 328 -19.73 -22.36 7.64
CA ASN A 328 -19.95 -23.30 8.74
C ASN A 328 -19.07 -22.97 9.95
N THR A 329 -17.85 -22.53 9.67
CA THR A 329 -16.90 -22.13 10.69
C THR A 329 -17.34 -20.83 11.39
N MET A 330 -17.89 -19.91 10.61
CA MET A 330 -18.39 -18.65 11.15
C MET A 330 -19.61 -18.84 12.05
N LEU A 331 -20.58 -19.62 11.58
CA LEU A 331 -21.76 -20.00 12.35
C LEU A 331 -21.37 -20.66 13.68
N LEU A 332 -20.30 -21.46 13.63
CA LEU A 332 -19.74 -22.09 14.82
C LEU A 332 -19.26 -21.07 15.85
N THR A 333 -18.59 -20.02 15.39
CA THR A 333 -18.08 -18.98 16.31
C THR A 333 -19.19 -18.15 16.92
N GLU A 334 -20.28 -17.97 16.18
CA GLU A 334 -21.36 -17.08 16.60
C GLU A 334 -21.89 -17.41 17.98
N SER A 335 -21.92 -16.38 18.83
CA SER A 335 -22.52 -16.42 20.15
C SER A 335 -21.98 -17.53 21.06
N PHE A 336 -20.73 -17.94 20.85
CA PHE A 336 -20.11 -18.94 21.70
C PHE A 336 -19.94 -18.37 23.10
N ASP A 337 -20.25 -19.19 24.11
CA ASP A 337 -20.25 -18.73 25.50
C ASP A 337 -19.02 -19.22 26.24
N TYR A 338 -18.17 -18.29 26.65
CA TYR A 338 -16.93 -18.61 27.34
C TYR A 338 -17.10 -18.91 28.84
N THR A 339 -18.34 -18.89 29.31
CA THR A 339 -18.64 -19.12 30.74
C THR A 339 -18.18 -20.52 31.23
N PRO A 340 -18.70 -21.61 30.63
CA PRO A 340 -18.37 -22.95 31.14
C PRO A 340 -16.88 -23.31 31.16
N TRP A 341 -16.12 -22.83 30.18
CA TRP A 341 -14.68 -23.07 30.13
C TRP A 341 -13.92 -22.17 31.10
N ASP A 342 -14.30 -20.89 31.15
CA ASP A 342 -13.69 -19.93 32.08
C ASP A 342 -13.98 -20.26 33.53
N ALA A 343 -15.13 -20.89 33.78
CA ALA A 343 -15.52 -21.31 35.12
C ALA A 343 -14.65 -22.45 35.65
N ILE A 344 -13.87 -23.07 34.76
CA ILE A 344 -12.98 -24.17 35.15
C ILE A 344 -11.51 -23.79 35.01
N TYR A 345 -11.11 -23.36 33.81
CA TYR A 345 -9.70 -23.12 33.50
C TYR A 345 -9.34 -21.64 33.35
N GLY A 346 -10.36 -20.78 33.39
CA GLY A 346 -10.18 -19.34 33.17
C GLY A 346 -9.46 -18.61 34.29
N ASP A 347 -9.72 -19.01 35.53
CA ASP A 347 -9.17 -18.36 36.72
C ASP A 347 -7.74 -17.89 36.52
N ILE A 348 -7.53 -16.58 36.66
CA ILE A 348 -6.23 -15.93 36.46
C ILE A 348 -5.06 -16.73 37.05
N ASN A 349 -5.30 -17.32 38.23
CA ASN A 349 -4.28 -18.07 38.98
C ASN A 349 -3.99 -19.48 38.47
N TYR A 350 -4.76 -19.95 37.49
CA TYR A 350 -4.61 -21.30 36.94
C TYR A 350 -3.21 -21.54 36.35
N ASP A 351 -2.59 -20.46 35.87
CA ASP A 351 -1.22 -20.48 35.34
C ASP A 351 -0.19 -20.99 36.36
N GLU A 352 -0.32 -20.54 37.61
CA GLU A 352 0.54 -21.00 38.70
C GLU A 352 -0.04 -22.24 39.39
N GLN A 353 -1.37 -22.40 39.29
CA GLN A 353 -2.05 -23.62 39.71
C GLN A 353 -1.67 -24.78 38.80
N PHE A 354 -1.19 -24.44 37.60
CA PHE A 354 -0.43 -25.39 36.78
C PHE A 354 1.06 -25.04 36.79
N ALA A 355 1.81 -25.60 37.74
CA ALA A 355 1.26 -26.57 38.70
C ALA A 355 2.28 -27.07 39.70
N ALA A 356 1.78 -27.71 40.75
CA ALA A 356 2.57 -28.74 41.42
C ALA A 356 2.47 -29.98 40.52
N MET A 357 1.31 -30.65 40.39
CA MET A 357 0.20 -30.75 41.37
C MET A 357 -0.62 -32.02 41.07
N SER A 358 0.03 -33.19 40.97
CA SER A 358 1.48 -33.37 41.16
C SER A 358 2.03 -34.21 40.00
N ILE A 359 1.64 -33.84 38.78
CA ILE A 359 1.76 -34.67 37.56
C ILE A 359 0.80 -35.85 37.59
N ASN A 360 0.94 -36.72 38.58
CA ASN A 360 0.04 -37.88 38.72
C ASN A 360 -1.33 -37.52 39.30
N GLU A 361 -1.39 -36.41 40.05
CA GLU A 361 -2.67 -35.90 40.55
C GLU A 361 -3.31 -35.05 39.46
N ARG A 362 -2.48 -34.42 38.64
CA ARG A 362 -2.88 -33.98 37.30
C ARG A 362 -2.98 -35.25 36.47
N ILE A 363 -3.07 -35.13 35.15
CA ILE A 363 -3.22 -36.30 34.26
C ILE A 363 -4.45 -37.13 34.65
N GLU A 364 -4.48 -37.58 35.90
CA GLU A 364 -5.65 -38.24 36.47
C GLU A 364 -6.79 -37.25 36.61
N LYS A 365 -6.46 -35.97 36.77
CA LYS A 365 -7.46 -34.90 36.79
C LYS A 365 -7.95 -34.61 35.37
N CYS A 366 -7.10 -34.89 34.38
CA CYS A 366 -7.45 -34.73 32.98
C CYS A 366 -8.26 -35.92 32.47
N MET A 367 -7.92 -37.11 32.94
CA MET A 367 -8.62 -38.33 32.55
C MET A 367 -9.95 -38.47 33.28
N ASN A 368 -9.89 -38.44 34.62
CA ASN A 368 -11.07 -38.67 35.46
C ASN A 368 -12.10 -37.53 35.44
N THR A 369 -11.62 -36.29 35.56
CA THR A 369 -12.53 -35.13 35.67
C THR A 369 -12.70 -34.34 34.37
N TYR A 370 -11.59 -33.95 33.75
CA TYR A 370 -11.64 -33.18 32.51
C TYR A 370 -11.97 -34.04 31.30
N ARG A 371 -11.76 -35.35 31.43
CA ARG A 371 -11.98 -36.33 30.35
C ARG A 371 -11.04 -36.15 29.14
N GLY A 372 -10.31 -35.04 29.11
CA GLY A 372 -9.40 -34.74 28.02
C GLY A 372 -8.40 -33.62 28.30
N VAL A 373 -7.29 -33.64 27.57
CA VAL A 373 -6.25 -32.61 27.67
C VAL A 373 -5.51 -32.46 26.34
N ALA A 374 -5.10 -31.24 26.02
CA ALA A 374 -4.43 -30.95 24.75
C ALA A 374 -2.94 -30.57 24.92
N PHE A 375 -2.13 -31.04 23.99
CA PHE A 375 -0.69 -30.82 23.99
C PHE A 375 -0.27 -30.09 22.73
N GLN A 376 0.67 -29.16 22.86
CA GLN A 376 1.30 -28.53 21.69
C GLN A 376 1.97 -29.62 20.86
N ASN A 377 1.87 -29.52 19.54
CA ASN A 377 2.37 -30.57 18.63
C ASN A 377 3.91 -30.63 18.49
N SER A 378 4.59 -30.75 19.63
CA SER A 378 6.05 -30.76 19.66
C SER A 378 6.59 -32.12 20.09
N SER A 379 7.71 -32.50 19.46
CA SER A 379 8.44 -33.71 19.83
C SER A 379 8.48 -33.90 21.35
N LYS A 380 8.80 -32.82 22.08
CA LYS A 380 8.88 -32.87 23.54
C LYS A 380 7.58 -33.30 24.20
N SER A 381 6.46 -32.73 23.74
CA SER A 381 5.14 -33.04 24.30
C SER A 381 4.75 -34.50 24.02
N ILE A 382 5.18 -34.98 22.84
CA ILE A 382 4.95 -36.37 22.46
C ILE A 382 5.81 -37.25 23.36
N ASP A 383 7.09 -36.93 23.43
CA ASP A 383 8.04 -37.63 24.28
C ASP A 383 7.66 -37.56 25.76
N PHE A 384 6.99 -36.46 26.15
CA PHE A 384 6.47 -36.34 27.51
C PHE A 384 5.29 -37.29 27.72
N PHE A 385 4.30 -37.22 26.81
CA PHE A 385 3.08 -38.01 26.89
C PHE A 385 3.35 -39.52 26.77
N LEU A 386 4.42 -39.85 25.99
CA LEU A 386 4.84 -41.24 25.84
C LEU A 386 5.37 -41.81 27.15
N ASN A 387 6.06 -40.96 27.92
CA ASN A 387 6.70 -41.39 29.17
C ASN A 387 5.71 -41.84 30.24
N ASN A 388 4.76 -40.98 30.58
CA ASN A 388 3.76 -41.33 31.60
C ASN A 388 2.48 -41.92 31.02
N LEU A 389 2.66 -42.72 29.96
CA LEU A 389 1.55 -43.37 29.27
C LEU A 389 0.92 -44.46 30.13
N THR A 390 1.70 -45.00 31.07
CA THR A 390 1.24 -46.04 31.98
C THR A 390 0.12 -45.55 32.91
N THR A 391 0.34 -44.39 33.52
CA THR A 391 -0.66 -43.74 34.38
C THR A 391 -1.89 -43.28 33.61
N PHE A 392 -1.66 -42.84 32.38
CA PHE A 392 -2.72 -42.37 31.48
C PHE A 392 -3.75 -43.46 31.18
N ILE A 393 -3.28 -44.60 30.68
CA ILE A 393 -4.16 -45.70 30.32
C ILE A 393 -4.74 -46.42 31.55
N ASP A 394 -4.06 -46.30 32.69
CA ASP A 394 -4.48 -47.00 33.92
C ASP A 394 -5.83 -46.54 34.46
N ASN A 395 -6.19 -45.30 34.13
CA ASN A 395 -7.58 -44.89 34.25
C ASN A 395 -7.98 -44.01 33.07
N GLY A 396 -8.83 -44.56 32.21
CA GLY A 396 -9.49 -43.77 31.19
C GLY A 396 -8.98 -43.88 29.77
N LEU A 397 -7.79 -43.36 29.52
CA LEU A 397 -7.29 -43.11 28.15
C LEU A 397 -7.75 -44.12 27.10
N THR A 398 -8.40 -43.60 26.06
CA THR A 398 -9.00 -44.43 25.02
C THR A 398 -8.60 -43.96 23.62
N GLU A 399 -8.24 -42.69 23.51
CA GLU A 399 -8.02 -42.08 22.22
C GLU A 399 -6.87 -41.08 22.19
N ILE A 400 -6.05 -41.19 21.15
CA ILE A 400 -5.04 -40.19 20.83
C ILE A 400 -5.38 -39.56 19.48
N ALA A 401 -5.54 -38.24 19.45
CA ALA A 401 -5.88 -37.53 18.22
C ALA A 401 -4.87 -36.43 17.90
N ILE A 402 -4.31 -36.49 16.69
CA ILE A 402 -3.43 -35.43 16.21
C ILE A 402 -4.06 -34.66 15.05
N SER A 403 -3.58 -33.45 14.80
CA SER A 403 -4.13 -32.58 13.76
C SER A 403 -3.16 -32.40 12.59
N ASP A 404 -1.97 -32.95 12.74
CA ASP A 404 -0.94 -32.84 11.70
C ASP A 404 -1.04 -33.97 10.69
N LEU A 405 -2.06 -34.81 10.86
CA LEU A 405 -2.46 -35.76 9.84
C LEU A 405 -3.87 -35.43 9.34
N PRO A 406 -4.04 -35.35 8.00
CA PRO A 406 -5.35 -35.06 7.44
C PRO A 406 -6.25 -36.30 7.45
N TYR A 407 -7.40 -36.20 8.11
CA TYR A 407 -8.33 -37.32 8.20
C TYR A 407 -8.92 -37.68 6.85
N ASP A 408 -9.11 -36.68 5.98
CA ASP A 408 -9.73 -36.90 4.67
C ASP A 408 -8.83 -37.65 3.70
N ILE A 409 -7.54 -37.74 4.02
CA ILE A 409 -6.56 -38.43 3.16
C ILE A 409 -6.04 -39.75 3.74
N VAL A 410 -5.82 -39.81 5.04
CA VAL A 410 -5.18 -41.00 5.64
C VAL A 410 -5.98 -41.74 6.71
N GLN A 411 -7.19 -41.27 7.04
CA GLN A 411 -8.03 -41.93 8.06
C GLN A 411 -8.13 -43.43 7.82
N GLN A 412 -8.34 -43.80 6.56
CA GLN A 412 -8.48 -45.21 6.17
C GLN A 412 -7.17 -45.96 6.39
N GLU A 413 -6.06 -45.30 6.06
CA GLU A 413 -4.72 -45.89 6.17
C GLU A 413 -4.27 -46.12 7.61
N ILE A 414 -4.80 -45.31 8.53
CA ILE A 414 -4.48 -45.45 9.95
C ILE A 414 -5.10 -46.72 10.54
N SER A 415 -6.35 -46.99 10.19
CA SER A 415 -7.00 -48.23 10.61
C SER A 415 -6.27 -49.42 10.00
N GLN A 416 -5.80 -49.23 8.77
CA GLN A 416 -4.98 -50.20 8.05
C GLN A 416 -3.65 -50.40 8.76
N PHE A 417 -3.12 -49.34 9.37
CA PHE A 417 -1.92 -49.41 10.21
C PHE A 417 -2.22 -50.17 11.50
N LEU A 418 -3.38 -49.89 12.10
CA LEU A 418 -3.86 -50.57 13.31
C LEU A 418 -4.03 -52.07 13.07
N GLN A 419 -4.60 -52.42 11.91
CA GLN A 419 -4.72 -53.80 11.47
C GLN A 419 -3.37 -54.43 11.19
N GLY A 420 -2.38 -53.58 10.88
CA GLY A 420 -1.02 -54.03 10.61
C GLY A 420 -0.90 -54.64 9.22
N SER A 421 -1.30 -53.89 8.20
CA SER A 421 -1.36 -54.43 6.84
C SER A 421 -0.49 -53.72 5.81
N ASN A 422 0.45 -52.90 6.30
CA ASN A 422 1.40 -52.12 5.48
C ASN A 422 0.88 -51.43 4.18
N GLU A 423 -0.45 -51.33 4.03
CA GLU A 423 -1.05 -50.65 2.89
C GLU A 423 -1.34 -49.17 3.19
N TRP A 424 -0.31 -48.46 3.66
CA TRP A 424 -0.41 -47.06 4.05
C TRP A 424 0.82 -46.29 3.57
N LYS A 425 1.12 -46.40 2.27
CA LYS A 425 2.29 -45.76 1.66
C LYS A 425 2.25 -44.24 1.85
N THR A 426 1.04 -43.69 1.81
CA THR A 426 0.83 -42.27 1.96
C THR A 426 1.06 -41.86 3.42
N LEU A 427 0.34 -42.52 4.33
CA LEU A 427 0.48 -42.25 5.77
C LEU A 427 1.95 -42.31 6.19
N ASP A 428 2.67 -43.30 5.67
CA ASP A 428 4.09 -43.47 5.95
C ASP A 428 4.89 -42.26 5.49
N ALA A 429 4.65 -41.82 4.25
CA ALA A 429 5.33 -40.65 3.70
C ALA A 429 5.18 -39.42 4.58
N MET A 430 3.94 -39.15 5.02
CA MET A 430 3.62 -37.98 5.83
C MET A 430 4.21 -38.01 7.25
N LEU A 431 4.28 -39.19 7.84
CA LEU A 431 4.85 -39.35 9.17
C LEU A 431 6.33 -39.01 9.12
N PHE A 432 6.99 -39.48 8.06
CA PHE A 432 8.39 -39.17 7.81
C PHE A 432 8.57 -37.66 7.83
N ASN A 433 7.87 -37.00 6.91
CA ASN A 433 7.93 -35.54 6.77
C ASN A 433 7.59 -34.78 8.05
N LEU A 434 6.59 -35.26 8.78
CA LEU A 434 6.26 -34.72 10.09
C LEU A 434 7.40 -34.80 11.09
N ASP A 435 8.11 -35.92 11.07
CA ASP A 435 9.20 -36.15 12.02
C ASP A 435 10.56 -35.71 11.47
N LYS A 436 10.52 -34.96 10.36
CA LYS A 436 11.72 -34.48 9.66
C LYS A 436 12.72 -35.60 9.31
N GLY A 437 12.32 -36.85 9.58
CA GLY A 437 13.20 -38.02 9.42
C GLY A 437 13.22 -38.90 10.65
N ASP A 438 12.58 -40.06 10.56
CA ASP A 438 12.43 -40.99 11.69
C ASP A 438 12.94 -42.39 11.37
N ILE A 439 13.52 -43.13 12.33
CA ILE A 439 13.69 -42.84 13.77
C ILE A 439 13.32 -41.44 14.34
N ASN A 440 12.42 -41.42 15.33
CA ASN A 440 11.84 -42.65 15.90
C ASN A 440 10.47 -43.08 15.32
N GLY A 441 9.38 -42.33 15.53
CA GLY A 441 9.30 -41.15 16.40
C GLY A 441 9.57 -39.80 15.76
N ALA A 442 8.95 -38.75 16.30
CA ALA A 442 8.07 -38.84 17.47
C ALA A 442 6.62 -39.17 17.10
N PHE A 443 6.15 -38.62 15.98
CA PHE A 443 4.79 -38.88 15.50
C PHE A 443 4.55 -40.35 15.14
N ARG A 444 5.53 -40.97 14.49
CA ARG A 444 5.47 -42.39 14.17
C ARG A 444 5.37 -43.24 15.43
N LYS A 445 6.20 -42.91 16.43
CA LYS A 445 6.21 -43.65 17.69
C LYS A 445 4.88 -43.50 18.43
N LEU A 446 4.32 -42.29 18.40
CA LEU A 446 3.02 -42.03 19.01
C LEU A 446 1.95 -42.89 18.36
N LEU A 447 1.91 -42.88 17.03
CA LEU A 447 1.01 -43.72 16.26
C LEU A 447 1.25 -45.19 16.59
N GLN A 448 2.52 -45.58 16.64
CA GLN A 448 2.93 -46.95 16.95
C GLN A 448 2.43 -47.36 18.32
N SER A 449 2.61 -46.49 19.31
CA SER A 449 2.22 -46.78 20.70
C SER A 449 0.70 -46.84 20.85
N ALA A 450 -0.02 -46.24 19.91
CA ALA A 450 -1.47 -46.39 19.86
C ALA A 450 -1.82 -47.82 19.46
N LYS A 451 -1.07 -48.36 18.50
CA LYS A 451 -1.26 -49.72 18.02
C LYS A 451 -0.93 -50.72 19.13
N ASP A 452 0.30 -50.63 19.66
CA ASP A 452 0.83 -51.59 20.65
C ASP A 452 0.10 -51.56 22.00
N ASN A 453 -0.47 -50.41 22.35
CA ASN A 453 -1.20 -50.28 23.62
C ASN A 453 -2.72 -50.20 23.45
N ASN A 454 -3.19 -50.57 22.25
CA ASN A 454 -4.62 -50.75 21.96
C ASN A 454 -5.47 -49.48 22.14
N ILE A 455 -4.84 -48.33 21.97
CA ILE A 455 -5.52 -47.05 22.10
C ILE A 455 -5.95 -46.58 20.71
N LYS A 456 -7.20 -46.14 20.60
CA LYS A 456 -7.73 -45.68 19.33
C LYS A 456 -7.01 -44.41 18.88
N PHE A 457 -6.53 -44.43 17.65
CA PHE A 457 -5.84 -43.30 17.05
C PHE A 457 -6.68 -42.76 15.91
N ARG A 458 -6.88 -41.45 15.89
CA ARG A 458 -7.68 -40.79 14.87
C ARG A 458 -7.05 -39.48 14.42
N ALA A 459 -7.04 -39.24 13.12
CA ALA A 459 -6.60 -37.97 12.55
C ALA A 459 -7.72 -36.96 12.64
N ILE A 460 -7.40 -35.70 12.93
CA ILE A 460 -8.42 -34.65 12.97
C ILE A 460 -8.13 -33.47 12.05
N GLY A 461 -7.01 -33.52 11.33
CA GLY A 461 -6.66 -32.47 10.36
C GLY A 461 -7.46 -32.59 9.07
N HIS A 462 -7.60 -31.48 8.37
CA HIS A 462 -8.21 -31.47 7.06
C HIS A 462 -7.17 -30.89 6.10
N SER A 463 -6.92 -31.58 5.00
CA SER A 463 -5.84 -31.22 4.08
C SER A 463 -6.11 -29.94 3.30
N ASP A 464 -7.37 -29.59 3.09
CA ASP A 464 -7.66 -28.44 2.22
C ASP A 464 -7.22 -27.09 2.79
N ASN A 465 -6.39 -26.40 2.02
CA ASN A 465 -5.88 -25.06 2.34
C ASN A 465 -4.90 -25.08 3.50
N SER A 466 -4.29 -26.25 3.71
CA SER A 466 -3.38 -26.53 4.82
C SER A 466 -1.93 -26.18 4.51
N VAL A 467 -1.67 -25.84 3.26
CA VAL A 467 -0.32 -25.53 2.81
C VAL A 467 0.05 -24.09 3.18
N PRO A 468 1.22 -23.90 3.83
CA PRO A 468 1.71 -22.56 4.18
C PRO A 468 1.94 -21.73 2.92
N PRO A 469 2.07 -20.40 3.04
CA PRO A 469 2.18 -19.59 4.25
C PRO A 469 0.82 -19.25 4.85
N PHE A 470 0.80 -18.99 6.15
CA PHE A 470 -0.42 -18.54 6.81
C PHE A 470 -0.33 -17.06 7.16
N ASN A 471 -0.05 -16.25 6.13
CA ASN A 471 0.05 -14.80 6.28
C ASN A 471 -1.32 -14.13 6.52
N ASN A 472 -2.40 -14.83 6.18
CA ASN A 472 -3.75 -14.25 6.25
C ASN A 472 -4.68 -14.92 7.29
N PRO A 473 -5.36 -14.12 8.13
CA PRO A 473 -6.17 -14.65 9.23
C PRO A 473 -7.42 -15.41 8.80
N TYR A 474 -7.94 -15.13 7.61
CA TYR A 474 -9.09 -15.85 7.08
C TYR A 474 -8.67 -17.21 6.55
N LYS A 475 -7.51 -17.25 5.89
CA LYS A 475 -6.90 -18.53 5.52
C LYS A 475 -6.71 -19.35 6.78
N SER A 476 -6.31 -18.69 7.87
CA SER A 476 -6.09 -19.36 9.15
C SER A 476 -7.39 -19.85 9.78
N LEU A 477 -8.41 -19.00 9.77
CA LEU A 477 -9.72 -19.35 10.31
C LEU A 477 -10.32 -20.58 9.60
N TYR A 478 -10.29 -20.57 8.28
CA TYR A 478 -10.79 -21.68 7.48
C TYR A 478 -10.18 -23.00 7.95
N TYR A 479 -8.86 -23.03 7.97
CA TYR A 479 -8.12 -24.23 8.33
C TYR A 479 -8.52 -24.71 9.73
N LYS A 480 -8.57 -23.79 10.67
CA LYS A 480 -8.88 -24.07 12.07
C LYS A 480 -10.32 -24.57 12.27
N GLY A 481 -11.24 -23.95 11.54
CA GLY A 481 -12.65 -24.29 11.63
C GLY A 481 -12.94 -25.72 11.24
N ASN A 482 -12.25 -26.20 10.21
CA ASN A 482 -12.48 -27.54 9.70
C ASN A 482 -11.92 -28.62 10.63
N ILE A 483 -10.81 -28.29 11.28
CA ILE A 483 -10.23 -29.15 12.30
C ILE A 483 -11.14 -29.21 13.52
N ILE A 484 -11.66 -28.05 13.92
CA ILE A 484 -12.56 -27.98 15.07
C ILE A 484 -13.92 -28.61 14.77
N ALA A 485 -14.32 -28.60 13.49
CA ALA A 485 -15.52 -29.30 13.06
C ALA A 485 -15.37 -30.80 13.27
N GLU A 486 -14.21 -31.34 12.89
CA GLU A 486 -13.94 -32.78 13.02
C GLU A 486 -13.74 -33.19 14.49
N ALA A 487 -13.16 -32.30 15.28
CA ALA A 487 -12.98 -32.55 16.70
C ALA A 487 -14.34 -32.59 17.42
N ILE A 488 -15.19 -31.58 17.20
CA ILE A 488 -16.54 -31.55 17.79
C ILE A 488 -17.33 -32.79 17.38
N GLU A 489 -17.17 -33.18 16.11
CA GLU A 489 -17.90 -34.32 15.58
C GLU A 489 -17.28 -35.65 16.04
N LYS A 490 -16.33 -36.16 15.26
CA LYS A 490 -15.86 -37.53 15.42
C LYS A 490 -14.76 -37.68 16.49
N LEU A 491 -15.02 -37.18 17.70
CA LEU A 491 -14.12 -37.45 18.80
C LEU A 491 -14.58 -38.70 19.59
N ASP A 492 -15.46 -38.60 20.59
CA ASP A 492 -15.93 -37.39 21.31
C ASP A 492 -16.58 -37.85 22.60
N ARG A 493 -16.98 -39.12 22.60
CA ARG A 493 -17.66 -39.81 23.70
C ARG A 493 -17.25 -39.34 25.12
N GLU A 494 -18.17 -39.34 26.11
CA GLU A 494 -19.44 -40.08 26.12
C GLU A 494 -19.10 -41.58 26.22
N GLY A 495 -17.91 -41.85 26.75
CA GLY A 495 -17.34 -43.20 26.80
C GLY A 495 -15.85 -43.23 26.47
N GLN A 496 -15.32 -42.11 25.99
CA GLN A 496 -13.90 -42.03 25.59
C GLN A 496 -13.14 -40.92 26.35
N LYS A 497 -11.98 -41.28 26.89
CA LYS A 497 -11.06 -40.31 27.51
C LYS A 497 -9.87 -40.07 26.59
N PHE A 498 -9.68 -38.82 26.18
CA PHE A 498 -8.81 -38.51 25.04
C PHE A 498 -7.63 -37.57 25.32
N VAL A 499 -6.60 -37.70 24.49
CA VAL A 499 -5.46 -36.78 24.44
C VAL A 499 -5.35 -36.23 23.02
N VAL A 500 -5.18 -34.92 22.89
CA VAL A 500 -5.10 -34.25 21.58
C VAL A 500 -3.76 -33.54 21.38
N PHE A 501 -3.13 -33.78 20.23
CA PHE A 501 -1.90 -33.09 19.85
C PHE A 501 -2.15 -32.13 18.69
N ALA A 502 -1.97 -30.84 18.93
CA ALA A 502 -2.27 -29.83 17.92
C ALA A 502 -1.37 -28.60 17.98
N ASP A 503 -1.25 -27.91 16.84
CA ASP A 503 -0.48 -26.67 16.72
C ASP A 503 -0.97 -25.63 17.73
N SER A 504 -0.04 -24.80 18.18
CA SER A 504 -0.35 -23.76 19.16
C SER A 504 -1.47 -22.82 18.69
N SER A 505 -1.54 -22.59 17.38
CA SER A 505 -2.57 -21.71 16.83
C SER A 505 -3.98 -22.31 16.86
N LEU A 506 -4.08 -23.64 16.91
CA LEU A 506 -5.38 -24.32 16.87
C LEU A 506 -6.00 -24.50 18.25
N LEU A 507 -5.16 -24.45 19.30
CA LEU A 507 -5.58 -24.82 20.64
C LEU A 507 -6.38 -23.72 21.35
N ASN A 508 -5.87 -22.49 21.32
CA ASN A 508 -6.52 -21.37 21.98
C ASN A 508 -7.13 -20.38 21.00
N SER A 509 -7.91 -19.44 21.52
CA SER A 509 -8.61 -18.47 20.70
C SER A 509 -7.71 -17.74 19.71
N THR A 510 -8.25 -17.47 18.53
CA THR A 510 -7.56 -16.71 17.51
C THR A 510 -8.48 -15.60 17.00
N PRO A 511 -7.92 -14.58 16.32
CA PRO A 511 -8.77 -13.60 15.62
C PRO A 511 -9.81 -14.27 14.72
N GLY A 512 -11.05 -13.78 14.76
CA GLY A 512 -12.14 -14.33 13.97
C GLY A 512 -12.99 -13.27 13.29
N THR A 513 -14.12 -13.71 12.74
CA THR A 513 -15.01 -12.83 11.97
C THR A 513 -15.91 -12.00 12.87
N GLY A 514 -15.50 -10.74 13.08
CA GLY A 514 -16.23 -9.78 13.93
C GLY A 514 -16.35 -10.20 15.38
N ARG A 515 -15.59 -11.21 15.78
CA ARG A 515 -15.64 -11.81 17.10
C ARG A 515 -14.52 -12.86 17.19
N PRO A 516 -14.20 -13.35 18.41
CA PRO A 516 -13.12 -14.32 18.50
C PRO A 516 -13.46 -15.70 17.92
N MET A 517 -12.46 -16.35 17.34
CA MET A 517 -12.52 -17.76 16.97
C MET A 517 -11.98 -18.57 18.15
N PRO A 518 -12.87 -19.24 18.90
CA PRO A 518 -12.47 -20.01 20.08
C PRO A 518 -11.66 -21.24 19.71
N GLY A 519 -10.54 -21.44 20.41
CA GLY A 519 -9.68 -22.59 20.16
C GLY A 519 -10.32 -23.94 20.43
N LEU A 520 -9.69 -24.98 19.90
CA LEU A 520 -10.14 -26.36 20.01
C LEU A 520 -10.39 -26.77 21.46
N VAL A 521 -9.51 -26.27 22.33
CA VAL A 521 -9.59 -26.51 23.76
C VAL A 521 -10.89 -25.99 24.37
N GLN A 522 -11.27 -24.77 24.01
CA GLN A 522 -12.49 -24.16 24.51
C GLN A 522 -13.74 -24.91 24.04
N TYR A 523 -13.73 -25.35 22.78
CA TYR A 523 -14.82 -26.15 22.21
C TYR A 523 -14.97 -27.53 22.86
N LEU A 524 -13.86 -28.10 23.32
CA LEU A 524 -13.89 -29.43 23.93
C LEU A 524 -13.97 -29.39 25.45
N LYS A 525 -13.92 -28.19 26.03
CA LYS A 525 -14.03 -27.98 27.49
C LYS A 525 -12.86 -28.63 28.26
N ILE A 526 -11.67 -28.53 27.68
CA ILE A 526 -10.45 -29.15 28.23
C ILE A 526 -9.34 -28.09 28.39
N PRO A 527 -8.20 -28.44 29.03
CA PRO A 527 -7.13 -27.45 29.08
C PRO A 527 -6.07 -27.59 27.97
N ALA A 528 -5.55 -26.46 27.53
CA ALA A 528 -4.38 -26.43 26.66
C ALA A 528 -3.11 -26.44 27.51
N THR A 529 -2.13 -27.25 27.09
CA THR A 529 -0.86 -27.37 27.80
C THR A 529 0.32 -27.39 26.82
N VAL A 530 1.49 -27.02 27.30
CA VAL A 530 2.72 -27.04 26.50
C VAL A 530 3.88 -27.70 27.27
N VAL A 531 4.99 -27.93 26.58
CA VAL A 531 6.23 -28.42 27.19
C VAL A 531 7.42 -27.59 26.68
N ASP A 532 8.13 -26.94 27.61
CA ASP A 532 9.27 -26.08 27.26
C ASP A 532 10.54 -26.90 26.97
N SER A 533 11.63 -26.20 26.66
CA SER A 533 12.91 -26.84 26.34
C SER A 533 13.48 -27.65 27.51
N ASP A 534 13.23 -27.19 28.73
CA ASP A 534 13.72 -27.85 29.95
C ASP A 534 12.95 -29.14 30.25
N GLY A 535 11.64 -29.13 30.00
CA GLY A 535 10.82 -30.33 30.14
C GLY A 535 9.67 -30.25 31.14
N ALA A 536 9.27 -29.03 31.48
CA ALA A 536 8.13 -28.81 32.37
C ALA A 536 6.82 -28.77 31.57
N TRP A 537 5.74 -29.26 32.18
CA TRP A 537 4.45 -29.38 31.52
C TRP A 537 3.37 -28.58 32.27
N GLN A 538 2.94 -27.47 31.68
CA GLN A 538 1.94 -26.59 32.31
C GLN A 538 0.90 -25.98 31.37
N PHE A 539 -0.16 -25.45 31.97
CA PHE A 539 -1.31 -24.87 31.28
C PHE A 539 -0.94 -23.70 30.37
N LEU A 540 -1.64 -23.60 29.25
CA LEU A 540 -1.44 -22.51 28.30
C LEU A 540 -2.58 -21.50 28.47
N PRO A 541 -2.26 -20.29 28.95
CA PRO A 541 -3.29 -19.26 29.08
C PRO A 541 -3.84 -18.82 27.72
N ASP A 542 -5.16 -18.70 27.64
CA ASP A 542 -5.81 -18.06 26.51
C ASP A 542 -5.97 -16.59 26.85
N VAL A 543 -5.03 -15.77 26.39
CA VAL A 543 -4.99 -14.35 26.71
C VAL A 543 -6.16 -13.59 26.07
N ALA A 544 -6.75 -12.66 26.83
CA ALA A 544 -7.88 -11.85 26.36
C ALA A 544 -7.55 -11.03 25.11
N SER A 545 -6.25 -10.92 24.81
CA SER A 545 -5.79 -10.25 23.60
C SER A 545 -6.00 -11.13 22.36
N SER A 546 -6.04 -12.44 22.56
CA SER A 546 -6.37 -13.39 21.49
C SER A 546 -7.86 -13.31 21.15
N ARG A 547 -8.69 -13.07 22.16
CA ARG A 547 -10.15 -13.03 22.01
C ARG A 547 -10.62 -11.74 21.33
N VAL A 548 -10.13 -11.49 20.12
CA VAL A 548 -10.45 -10.26 19.38
C VAL A 548 -11.00 -10.54 17.99
N PRO A 549 -11.74 -9.57 17.42
CA PRO A 549 -12.05 -9.61 15.99
C PRO A 549 -10.80 -9.35 15.15
N ILE A 550 -10.84 -9.74 13.88
CA ILE A 550 -9.78 -9.41 12.94
C ILE A 550 -9.86 -7.92 12.62
N GLU A 551 -8.72 -7.24 12.60
CA GLU A 551 -8.64 -5.83 12.20
C GLU A 551 -9.17 -5.69 10.76
N VAL A 552 -10.43 -5.30 10.65
CA VAL A 552 -11.05 -5.12 9.34
C VAL A 552 -10.82 -3.71 8.81
N THR A 553 -11.02 -3.53 7.52
CA THR A 553 -10.97 -2.23 6.88
C THR A 553 -12.24 -2.13 6.05
N GLU A 554 -13.19 -1.32 6.50
CA GLU A 554 -14.51 -1.24 5.88
C GLU A 554 -14.46 -1.23 4.35
N LEU A 555 -15.28 -2.09 3.75
CA LEU A 555 -15.35 -2.20 2.30
C LEU A 555 -15.97 -0.94 1.70
N GLU A 556 -15.40 -0.49 0.58
CA GLU A 556 -15.88 0.66 -0.14
C GLU A 556 -17.40 0.78 -0.07
N ASN A 557 -17.86 1.91 0.46
CA ASN A 557 -19.26 2.31 0.44
C ASN A 557 -20.26 1.36 1.11
N TRP A 558 -19.75 0.45 1.93
CA TRP A 558 -20.58 -0.62 2.45
C TRP A 558 -21.84 -0.13 3.18
N GLN A 559 -22.98 -0.63 2.74
CA GLN A 559 -24.23 -0.41 3.43
C GLN A 559 -24.52 -1.65 4.21
N VAL A 560 -24.69 -1.51 5.52
CA VAL A 560 -25.18 -2.60 6.35
C VAL A 560 -26.40 -3.24 5.65
N LEU A 561 -26.38 -4.55 5.51
CA LEU A 561 -27.36 -5.26 4.71
C LEU A 561 -28.69 -5.46 5.42
N THR A 562 -28.63 -6.06 6.61
CA THR A 562 -29.81 -6.16 7.49
C THR A 562 -30.13 -4.77 8.02
N PRO A 563 -31.40 -4.34 7.93
CA PRO A 563 -31.78 -3.07 8.56
C PRO A 563 -31.60 -3.15 10.08
N PRO A 564 -30.90 -2.15 10.68
CA PRO A 564 -30.37 -2.16 12.06
C PRO A 564 -31.40 -2.27 13.18
N GLN A 565 -32.55 -1.64 13.01
CA GLN A 565 -33.66 -1.74 13.97
C GLN A 565 -34.90 -2.34 13.32
N GLY A 566 -35.69 -3.06 14.11
CA GLY A 566 -36.90 -3.73 13.63
C GLY A 566 -36.63 -4.77 12.55
N LYS A 567 -37.70 -5.41 12.07
CA LYS A 567 -37.52 -6.45 11.07
C LYS A 567 -38.58 -6.51 9.95
N ILE A 568 -38.17 -7.02 8.80
CA ILE A 568 -39.06 -7.31 7.68
C ILE A 568 -39.94 -8.48 8.08
N LEU A 569 -41.25 -8.30 8.03
CA LEU A 569 -42.16 -9.36 8.45
C LEU A 569 -42.24 -10.48 7.42
N GLY A 570 -41.89 -10.17 6.18
CA GLY A 570 -41.93 -11.12 5.07
C GLY A 570 -41.90 -10.39 3.74
N LEU A 571 -41.18 -10.97 2.77
CA LEU A 571 -41.08 -10.38 1.43
C LEU A 571 -42.17 -10.95 0.53
N LYS A 572 -43.42 -10.74 0.93
CA LYS A 572 -44.58 -11.16 0.16
C LYS A 572 -45.74 -10.18 0.43
N GLN A 573 -46.86 -10.36 -0.28
CA GLN A 573 -48.07 -9.66 0.08
C GLN A 573 -48.86 -10.51 1.06
N PHE A 574 -49.11 -9.94 2.24
CA PHE A 574 -49.85 -10.60 3.32
C PHE A 574 -51.36 -10.60 3.07
N LYS A 575 -52.00 -11.74 3.37
CA LYS A 575 -53.45 -11.92 3.23
C LYS A 575 -54.04 -12.63 4.44
N LEU A 576 -55.32 -12.43 4.69
CA LEU A 576 -56.06 -13.25 5.65
C LEU A 576 -56.09 -14.70 5.18
N THR A 577 -56.00 -15.65 6.12
CA THR A 577 -56.14 -17.07 5.80
C THR A 577 -57.60 -17.39 5.46
N ALA A 578 -58.50 -16.92 6.33
CA ALA A 578 -59.93 -17.09 6.11
C ALA A 578 -60.63 -15.74 6.24
N GLY A 579 -61.68 -15.69 7.05
CA GLY A 579 -62.45 -14.45 7.23
C GLY A 579 -61.68 -13.37 7.99
N PHE A 580 -62.35 -12.25 8.22
CA PHE A 580 -61.77 -11.16 9.00
C PHE A 580 -61.75 -11.48 10.48
N PRO A 581 -60.70 -11.05 11.20
CA PRO A 581 -60.53 -11.41 12.61
C PRO A 581 -61.69 -10.94 13.48
N THR A 582 -62.24 -11.85 14.27
CA THR A 582 -63.30 -11.55 15.24
C THR A 582 -62.73 -11.72 16.65
N GLU A 583 -63.52 -11.32 17.65
CA GLU A 583 -63.11 -11.50 19.06
C GLU A 583 -62.86 -12.96 19.40
N GLN A 584 -63.63 -13.84 18.75
CA GLN A 584 -63.50 -15.28 18.93
C GLN A 584 -62.23 -15.81 18.26
N SER A 585 -61.89 -15.25 17.10
CA SER A 585 -60.70 -15.66 16.35
C SER A 585 -59.41 -15.37 17.12
N ARG A 586 -59.36 -14.19 17.73
CA ARG A 586 -58.18 -13.72 18.45
C ARG A 586 -58.08 -14.33 19.86
N LEU A 587 -59.23 -14.73 20.40
CA LEU A 587 -59.32 -15.27 21.77
C LEU A 587 -58.19 -16.26 22.14
N PRO A 588 -57.99 -17.32 21.33
CA PRO A 588 -56.93 -18.28 21.69
C PRO A 588 -55.52 -17.77 21.42
N LEU A 589 -55.42 -16.75 20.56
CA LEU A 589 -54.14 -16.31 19.99
C LEU A 589 -53.18 -15.61 20.97
N LEU A 590 -53.75 -14.92 21.95
CA LEU A 590 -52.97 -14.25 23.00
C LEU A 590 -52.34 -15.24 23.98
N GLU A 591 -53.05 -16.32 24.27
CA GLU A 591 -52.60 -17.38 25.16
C GLU A 591 -53.26 -18.69 24.74
N ASN A 592 -52.54 -19.57 24.04
CA ASN A 592 -51.18 -19.39 23.51
C ASN A 592 -50.12 -18.77 24.44
N SER A 593 -49.40 -17.76 23.96
CA SER A 593 -48.19 -17.20 24.59
C SER A 593 -47.22 -18.29 25.09
N VAL A 594 -46.69 -18.13 26.30
CA VAL A 594 -45.82 -19.14 26.92
C VAL A 594 -46.37 -19.71 28.22
N SER A 595 -47.02 -18.85 29.02
CA SER A 595 -47.45 -19.21 30.38
C SER A 595 -48.91 -19.65 30.48
N GLU A 596 -49.23 -20.31 31.60
CA GLU A 596 -50.61 -20.58 31.99
C GLU A 596 -51.14 -19.35 32.73
N ASP A 597 -52.36 -19.43 33.25
CA ASP A 597 -53.02 -18.28 33.89
C ASP A 597 -52.42 -17.86 35.24
N LEU A 598 -51.97 -16.61 35.41
CA LEU A 598 -51.71 -15.55 34.37
C LEU A 598 -52.77 -15.13 33.32
N ARG A 599 -53.15 -16.03 32.42
CA ARG A 599 -54.22 -15.79 31.43
C ARG A 599 -55.42 -15.07 32.07
N GLU A 600 -55.86 -15.57 33.23
CA GLU A 600 -56.96 -14.97 33.97
C GLU A 600 -56.65 -13.52 34.37
N GLU A 601 -55.42 -13.27 34.79
CA GLU A 601 -54.98 -11.92 35.17
C GLU A 601 -54.83 -10.99 33.96
N LEU A 602 -54.72 -11.58 32.77
CA LEU A 602 -54.69 -10.79 31.54
C LEU A 602 -56.07 -10.32 31.13
N MET A 603 -57.02 -11.25 31.06
CA MET A 603 -58.39 -10.97 30.60
C MET A 603 -59.07 -9.87 31.41
N GLN A 604 -58.80 -9.83 32.71
CA GLN A 604 -59.33 -8.78 33.59
C GLN A 604 -58.76 -7.41 33.20
N LYS A 605 -57.45 -7.37 32.97
CA LYS A 605 -56.78 -6.16 32.49
C LYS A 605 -57.37 -5.73 31.15
N ILE A 606 -57.48 -6.69 30.22
CA ILE A 606 -58.12 -6.46 28.92
C ILE A 606 -59.53 -5.88 29.05
N ASP A 607 -60.36 -6.50 29.89
CA ASP A 607 -61.75 -6.07 30.07
C ASP A 607 -61.89 -4.72 30.76
N ALA A 608 -60.91 -4.37 31.59
CA ALA A 608 -60.89 -3.05 32.22
C ALA A 608 -60.54 -1.97 31.19
N ILE A 609 -59.69 -2.34 30.22
CA ILE A 609 -59.29 -1.42 29.14
C ILE A 609 -60.41 -1.26 28.11
N LYS A 610 -61.05 -2.36 27.74
CA LYS A 610 -62.17 -2.34 26.79
C LYS A 610 -63.40 -1.62 27.35
N ASN A 611 -63.58 -1.68 28.65
CA ASN A 611 -64.76 -1.08 29.30
C ASN A 611 -64.51 0.21 30.07
N ASP A 612 -63.25 0.65 30.10
CA ASP A 612 -62.93 1.97 30.64
C ASP A 612 -63.54 3.03 29.73
N VAL A 613 -64.45 3.82 30.29
CA VAL A 613 -65.20 4.84 29.53
C VAL A 613 -64.26 5.86 28.84
N LYS A 614 -63.31 6.41 29.60
CA LYS A 614 -62.31 7.34 29.07
C LYS A 614 -61.48 6.71 27.94
N MET A 615 -61.20 5.40 28.07
CA MET A 615 -60.48 4.66 27.05
C MET A 615 -61.28 4.52 25.75
N ASN A 616 -62.60 4.42 25.88
CA ASN A 616 -63.46 4.25 24.71
C ASN A 616 -63.84 5.58 24.06
N SER A 617 -63.61 6.68 24.78
CA SER A 617 -63.90 8.02 24.25
C SER A 617 -62.78 8.55 23.35
N LEU A 618 -61.62 7.92 23.42
CA LEU A 618 -60.48 8.30 22.59
C LEU A 618 -60.35 7.48 21.30
N VAL A 619 -61.24 6.50 21.12
CA VAL A 619 -61.20 5.61 19.94
C VAL A 619 -61.54 6.35 18.66
N SER A 620 -60.77 6.06 17.60
CA SER A 620 -61.02 6.72 16.32
C SER A 620 -61.11 5.78 15.13
N MET A 621 -61.62 6.34 14.03
CA MET A 621 -61.98 5.61 12.83
C MET A 621 -61.42 6.34 11.61
N GLU A 622 -60.82 7.50 11.85
CA GLU A 622 -60.16 8.29 10.82
C GLU A 622 -58.81 7.73 10.43
N ALA A 623 -58.44 7.96 9.16
CA ALA A 623 -57.14 7.57 8.63
C ALA A 623 -56.01 8.37 9.28
N GLY A 624 -55.04 7.67 9.84
CA GLY A 624 -53.90 8.30 10.50
C GLY A 624 -54.23 8.94 11.84
N SER A 625 -55.31 8.49 12.47
CA SER A 625 -55.70 8.99 13.78
C SER A 625 -54.80 8.47 14.90
N CYS A 626 -54.21 7.29 14.67
CA CYS A 626 -53.26 6.67 15.62
C CYS A 626 -52.18 7.63 16.15
N ASP A 627 -51.85 8.65 15.35
CA ASP A 627 -50.87 9.66 15.71
C ASP A 627 -51.19 10.33 17.05
N SER A 628 -52.44 10.75 17.24
CA SER A 628 -52.86 11.38 18.49
C SER A 628 -53.55 10.41 19.46
N VAL A 629 -53.90 9.23 18.98
CA VAL A 629 -54.59 8.23 19.82
C VAL A 629 -53.63 7.48 20.75
N SER A 630 -52.50 7.00 20.20
CA SER A 630 -51.52 6.24 20.97
C SER A 630 -50.96 6.96 22.21
N PRO A 631 -50.54 8.24 22.08
CA PRO A 631 -50.06 8.97 23.27
C PRO A 631 -51.14 9.06 24.35
N LYS A 632 -52.38 9.32 23.95
CA LYS A 632 -53.53 9.34 24.86
C LYS A 632 -53.80 7.96 25.46
N VAL A 633 -53.60 6.92 24.64
CA VAL A 633 -53.73 5.54 25.12
C VAL A 633 -52.67 5.23 26.18
N ALA A 634 -51.40 5.53 25.85
CA ALA A 634 -50.27 5.31 26.75
C ALA A 634 -50.42 6.08 28.07
N ALA A 635 -50.98 7.27 27.99
CA ALA A 635 -51.24 8.09 29.18
C ALA A 635 -52.32 7.49 30.07
N ARG A 636 -53.42 7.06 29.45
CA ARG A 636 -54.55 6.43 30.15
C ARG A 636 -54.18 5.04 30.67
N LEU A 637 -53.22 4.39 30.01
CA LEU A 637 -52.67 3.13 30.48
C LEU A 637 -51.93 3.33 31.80
N LYS A 638 -51.16 4.41 31.88
CA LYS A 638 -50.36 4.71 33.06
C LYS A 638 -51.22 4.92 34.29
N ASP A 639 -52.29 5.70 34.15
CA ASP A 639 -53.19 6.03 35.25
C ASP A 639 -53.86 4.79 35.87
N MET A 640 -54.29 3.87 35.02
CA MET A 640 -54.84 2.59 35.47
C MET A 640 -53.76 1.65 36.01
N GLY A 641 -52.56 2.20 36.26
CA GLY A 641 -51.48 1.47 36.93
C GLY A 641 -50.74 0.46 36.06
N LEU A 642 -51.15 0.37 34.79
CA LEU A 642 -50.54 -0.56 33.85
C LEU A 642 -49.12 -0.12 33.48
N GLU A 643 -48.24 -1.11 33.33
CA GLU A 643 -46.82 -0.88 33.04
C GLU A 643 -46.62 -0.51 31.57
N ALA A 644 -46.04 0.67 31.33
CA ALA A 644 -45.86 1.20 29.97
C ALA A 644 -44.97 0.33 29.09
N GLY A 645 -45.42 0.12 27.86
CA GLY A 645 -44.66 -0.67 26.90
C GLY A 645 -43.91 0.20 25.91
N MET A 646 -42.99 -0.42 25.16
CA MET A 646 -42.29 0.23 24.05
C MET A 646 -43.28 0.80 23.03
N GLY A 647 -44.33 0.02 22.75
CA GLY A 647 -45.22 0.31 21.65
C GLY A 647 -44.69 -0.38 20.42
N ALA A 648 -45.37 -0.21 19.30
CA ALA A 648 -44.94 -0.81 18.05
C ALA A 648 -45.43 -0.01 16.86
N SER A 649 -44.78 -0.24 15.71
CA SER A 649 -45.17 0.40 14.47
C SER A 649 -44.97 -0.57 13.31
N ILE A 650 -45.93 -0.57 12.39
CA ILE A 650 -45.80 -1.34 11.17
C ILE A 650 -46.00 -0.43 9.98
N THR A 651 -45.09 -0.54 9.01
CA THR A 651 -45.16 0.22 7.78
C THR A 651 -45.10 -0.73 6.59
N TRP A 652 -45.71 -0.34 5.46
CA TRP A 652 -45.81 -1.21 4.30
C TRP A 652 -46.05 -0.46 2.97
N TRP A 653 -45.90 -1.19 1.88
CA TRP A 653 -46.11 -0.64 0.55
C TRP A 653 -47.52 -0.98 0.09
N ARG A 654 -48.14 -0.05 -0.62
CA ARG A 654 -49.45 -0.29 -1.18
C ARG A 654 -49.43 0.12 -2.64
N ARG A 655 -49.90 -0.77 -3.51
CA ARG A 655 -49.95 -0.52 -4.94
C ARG A 655 -50.80 0.70 -5.25
N GLU A 656 -50.33 1.51 -6.18
CA GLU A 656 -51.09 2.64 -6.66
C GLU A 656 -51.20 2.51 -8.18
N GLY A 657 -51.09 3.62 -8.92
CA GLY A 657 -51.25 3.59 -10.35
C GLY A 657 -49.97 3.17 -11.03
N GLY A 658 -50.04 2.82 -12.31
CA GLY A 658 -48.87 2.36 -13.04
C GLY A 658 -48.12 1.33 -12.22
N MET A 659 -46.81 1.56 -12.08
CA MET A 659 -45.94 0.69 -11.32
C MET A 659 -45.58 1.36 -9.98
N GLU A 660 -46.40 2.33 -9.59
CA GLU A 660 -46.16 3.16 -8.42
C GLU A 660 -46.54 2.44 -7.13
N PHE A 661 -45.84 2.77 -6.05
CA PHE A 661 -46.19 2.26 -4.74
C PHE A 661 -46.07 3.36 -3.73
N SER A 662 -47.06 3.47 -2.85
CA SER A 662 -47.00 4.38 -1.72
C SER A 662 -46.66 3.62 -0.44
N HIS A 663 -46.20 4.34 0.58
CA HIS A 663 -45.95 3.73 1.87
C HIS A 663 -47.03 4.14 2.89
N GLN A 664 -47.57 3.15 3.58
CA GLN A 664 -48.57 3.34 4.63
C GLN A 664 -47.95 2.93 5.94
N MET A 665 -48.40 3.52 7.03
CA MET A 665 -47.87 3.14 8.33
C MET A 665 -48.93 3.22 9.44
N HIS A 666 -48.68 2.50 10.52
CA HIS A 666 -49.60 2.45 11.65
C HIS A 666 -48.81 2.22 12.93
N THR A 667 -49.24 2.86 14.02
CA THR A 667 -48.57 2.74 15.31
C THR A 667 -49.55 2.51 16.46
N THR A 668 -49.08 1.85 17.50
CA THR A 668 -49.89 1.55 18.68
C THR A 668 -49.15 1.75 19.99
N ALA A 669 -49.85 2.29 20.97
CA ALA A 669 -49.40 2.23 22.35
C ALA A 669 -49.53 0.78 22.82
N SER A 670 -48.70 0.38 23.78
CA SER A 670 -48.73 -0.98 24.29
C SER A 670 -48.55 -1.01 25.82
N PHE A 671 -48.78 -2.18 26.40
CA PHE A 671 -48.49 -2.39 27.81
C PHE A 671 -47.73 -3.71 28.03
N LYS A 672 -46.97 -3.75 29.12
CA LYS A 672 -45.99 -4.81 29.32
C LYS A 672 -46.50 -5.87 30.28
N PHE A 673 -46.04 -7.10 30.06
CA PHE A 673 -46.37 -8.25 30.90
C PHE A 673 -45.15 -9.18 30.95
N ALA A 674 -45.26 -10.27 31.70
CA ALA A 674 -44.16 -11.23 31.87
C ALA A 674 -43.41 -11.54 30.57
N GLY A 675 -42.33 -10.80 30.33
CA GLY A 675 -41.46 -11.02 29.18
C GLY A 675 -42.00 -10.53 27.85
N LYS A 676 -43.32 -10.66 27.66
CA LYS A 676 -43.97 -10.34 26.38
C LYS A 676 -44.81 -9.05 26.43
N GLU A 677 -44.97 -8.42 25.26
CA GLU A 677 -45.61 -7.10 25.18
C GLU A 677 -46.96 -7.12 24.44
N PHE A 678 -47.93 -6.40 24.99
CA PHE A 678 -49.31 -6.46 24.49
C PHE A 678 -49.79 -5.10 23.98
N ALA A 679 -50.39 -5.09 22.79
CA ALA A 679 -50.76 -3.87 22.09
C ALA A 679 -52.19 -3.40 22.37
N VAL A 680 -52.34 -2.10 22.62
CA VAL A 680 -53.65 -1.49 22.84
C VAL A 680 -53.89 -0.47 21.73
N ASP A 681 -54.65 -0.89 20.72
CA ASP A 681 -54.78 -0.12 19.48
C ASP A 681 -56.21 0.39 19.26
N ALA A 682 -56.51 1.53 19.87
CA ALA A 682 -57.85 2.12 19.81
C ALA A 682 -58.14 2.85 18.49
N SER A 683 -57.24 2.70 17.51
CA SER A 683 -57.39 3.35 16.21
C SER A 683 -57.49 2.36 15.04
N HIS A 684 -57.48 1.06 15.34
CA HIS A 684 -57.47 0.02 14.30
C HIS A 684 -58.64 0.08 13.30
N LEU A 685 -59.78 0.57 13.78
CA LEU A 685 -61.02 0.66 12.99
C LEU A 685 -60.95 1.52 11.73
N GLN A 686 -59.85 2.25 11.55
CA GLN A 686 -59.63 3.03 10.33
C GLN A 686 -59.36 2.11 9.14
N PHE A 687 -58.94 0.88 9.43
CA PHE A 687 -58.72 -0.12 8.39
C PHE A 687 -59.92 -1.03 8.29
N VAL A 688 -60.06 -1.67 7.13
CA VAL A 688 -61.15 -2.62 6.88
C VAL A 688 -61.25 -3.66 7.99
N HIS A 689 -62.48 -3.93 8.42
CA HIS A 689 -62.73 -4.73 9.61
C HIS A 689 -64.02 -5.53 9.47
N ASP A 690 -64.13 -6.60 10.25
CA ASP A 690 -65.41 -7.26 10.49
C ASP A 690 -66.32 -6.25 11.19
N GLN A 691 -67.62 -6.27 10.87
CA GLN A 691 -68.57 -5.35 11.51
C GLN A 691 -68.88 -5.63 12.98
N LEU A 692 -68.46 -6.79 13.47
CA LEU A 692 -68.81 -7.23 14.82
C LEU A 692 -67.71 -7.11 15.88
N ASP A 693 -66.45 -7.25 15.48
CA ASP A 693 -65.31 -7.19 16.42
C ASP A 693 -65.25 -5.86 17.20
N THR A 694 -64.55 -5.87 18.33
CA THR A 694 -64.51 -4.71 19.25
C THR A 694 -63.82 -3.46 18.70
N THR A 695 -64.01 -2.36 19.42
CA THR A 695 -63.46 -1.05 19.05
C THR A 695 -61.96 -0.91 19.34
N ILE A 696 -61.51 -1.56 20.41
CA ILE A 696 -60.11 -1.51 20.82
C ILE A 696 -59.47 -2.89 20.68
N LEU A 697 -58.44 -2.94 19.87
CA LEU A 697 -57.76 -4.17 19.46
C LEU A 697 -56.60 -4.48 20.41
N ILE A 698 -56.69 -5.63 21.09
CA ILE A 698 -55.66 -6.06 22.05
C ILE A 698 -55.07 -7.43 21.73
N LEU A 699 -53.80 -7.43 21.31
CA LEU A 699 -53.06 -8.67 21.06
C LEU A 699 -51.58 -8.50 21.44
N PRO A 700 -50.81 -9.61 21.48
CA PRO A 700 -49.37 -9.41 21.61
C PRO A 700 -48.80 -8.71 20.38
N VAL A 701 -47.72 -7.97 20.58
CA VAL A 701 -47.10 -7.16 19.53
C VAL A 701 -46.92 -7.88 18.18
N ASP A 702 -46.34 -9.07 18.20
CA ASP A 702 -46.09 -9.84 16.97
C ASP A 702 -47.37 -10.26 16.26
N ASP A 703 -48.39 -10.62 17.04
CA ASP A 703 -49.69 -11.00 16.49
C ASP A 703 -50.41 -9.77 15.93
N TRP A 704 -50.33 -8.66 16.67
CA TRP A 704 -50.85 -7.38 16.24
C TRP A 704 -50.27 -6.98 14.88
N ALA A 705 -48.96 -7.11 14.75
CA ALA A 705 -48.25 -6.75 13.54
C ALA A 705 -48.74 -7.56 12.35
N LEU A 706 -48.82 -8.87 12.52
CA LEU A 706 -49.31 -9.78 11.49
C LEU A 706 -50.75 -9.44 11.08
N GLU A 707 -51.63 -9.23 12.07
CA GLU A 707 -53.04 -8.94 11.79
C GLU A 707 -53.24 -7.64 11.04
N ILE A 708 -52.43 -6.63 11.35
CA ILE A 708 -52.56 -5.33 10.69
C ILE A 708 -52.14 -5.46 9.21
N ALA A 709 -51.05 -6.17 8.99
CA ALA A 709 -50.53 -6.42 7.63
C ALA A 709 -51.54 -7.20 6.78
N GLN A 710 -52.18 -8.19 7.41
CA GLN A 710 -53.10 -9.07 6.71
C GLN A 710 -54.39 -8.37 6.28
N ARG A 711 -55.01 -7.62 7.19
CA ARG A 711 -56.24 -6.86 6.90
C ARG A 711 -56.00 -5.80 5.83
N ASN A 712 -54.79 -5.23 5.82
CA ASN A 712 -54.42 -4.20 4.87
C ASN A 712 -53.72 -4.73 3.62
N ARG A 713 -53.69 -6.05 3.48
CA ARG A 713 -53.04 -6.71 2.35
C ARG A 713 -51.67 -6.09 2.09
N ALA A 714 -50.89 -5.99 3.17
CA ALA A 714 -49.64 -5.25 3.16
C ALA A 714 -48.63 -5.91 2.26
N ILE A 715 -47.87 -5.09 1.53
CA ILE A 715 -46.79 -5.58 0.69
C ILE A 715 -45.45 -5.26 1.36
N ASN A 716 -44.68 -6.30 1.64
CA ASN A 716 -43.39 -6.21 2.33
C ASN A 716 -43.37 -5.39 3.64
N PRO A 717 -44.13 -5.83 4.65
CA PRO A 717 -44.26 -5.05 5.89
C PRO A 717 -42.98 -5.00 6.72
N PHE A 718 -42.75 -3.85 7.35
CA PHE A 718 -41.63 -3.68 8.25
C PHE A 718 -42.13 -3.24 9.63
N VAL A 719 -41.61 -3.89 10.67
CA VAL A 719 -42.06 -3.65 12.03
C VAL A 719 -40.94 -3.20 12.95
N GLU A 720 -41.14 -2.09 13.65
CA GLU A 720 -40.25 -1.65 14.72
C GLU A 720 -41.00 -1.70 16.04
N TYR A 721 -40.39 -2.32 17.04
CA TYR A 721 -41.03 -2.49 18.34
C TYR A 721 -40.86 -1.26 19.20
N VAL A 722 -41.35 -0.13 18.67
CA VAL A 722 -41.45 1.12 19.42
C VAL A 722 -42.58 1.91 18.81
N SER A 723 -43.40 2.54 19.67
CA SER A 723 -44.43 3.43 19.19
C SER A 723 -43.77 4.66 18.60
N LYS A 724 -44.44 5.31 17.65
CA LYS A 724 -43.90 6.48 16.99
C LYS A 724 -44.93 7.60 16.93
N THR A 725 -44.50 8.83 17.19
CA THR A 725 -45.40 9.98 17.08
C THR A 725 -44.96 11.04 16.08
N GLY A 726 -45.93 11.82 15.62
CA GLY A 726 -45.73 12.95 14.72
C GLY A 726 -44.74 12.78 13.59
N ASN A 727 -43.56 13.38 13.78
CA ASN A 727 -42.51 13.42 12.79
C ASN A 727 -41.96 12.02 12.50
N MET A 728 -41.54 11.35 13.58
CA MET A 728 -40.92 10.04 13.48
C MET A 728 -41.89 9.02 12.87
N LEU A 729 -43.18 9.28 13.02
CA LEU A 729 -44.23 8.44 12.45
C LEU A 729 -44.46 8.72 10.97
N ALA A 730 -44.38 9.98 10.58
CA ALA A 730 -44.62 10.36 9.18
C ALA A 730 -43.60 9.70 8.26
N LEU A 731 -42.32 10.04 8.44
CA LEU A 731 -41.28 9.56 7.54
C LEU A 731 -40.87 8.08 7.73
N PHE A 732 -41.62 7.36 8.57
CA PHE A 732 -41.40 5.93 8.78
C PHE A 732 -41.91 5.11 7.61
N MET A 733 -41.01 4.40 6.96
CA MET A 733 -41.33 3.63 5.77
C MET A 733 -40.50 2.33 5.73
N PRO A 734 -40.89 1.35 4.91
CA PRO A 734 -40.04 0.16 4.82
C PRO A 734 -38.68 0.49 4.21
N PRO A 735 -37.68 -0.41 4.35
CA PRO A 735 -36.39 -0.17 3.70
C PRO A 735 -36.61 -0.06 2.20
N LEU A 736 -35.95 0.94 1.59
CA LEU A 736 -36.16 1.26 0.17
C LEU A 736 -36.03 0.07 -0.78
N PHE A 737 -35.12 -0.85 -0.49
CA PHE A 737 -34.94 -2.02 -1.35
C PHE A 737 -36.17 -2.94 -1.38
N THR A 738 -36.96 -2.94 -0.31
CA THR A 738 -38.19 -3.74 -0.29
C THR A 738 -39.29 -3.16 -1.18
N LYS A 739 -39.07 -1.96 -1.72
CA LYS A 739 -40.07 -1.34 -2.59
C LYS A 739 -40.14 -2.06 -3.93
N PRO A 740 -41.27 -2.73 -4.20
CA PRO A 740 -41.37 -3.52 -5.42
C PRO A 740 -41.09 -2.68 -6.64
N ARG A 741 -40.37 -3.26 -7.60
CA ARG A 741 -39.96 -2.53 -8.79
C ARG A 741 -39.98 -3.46 -10.00
N LEU A 742 -40.01 -2.86 -11.20
CA LEU A 742 -39.73 -3.57 -12.46
C LEU A 742 -38.21 -3.59 -12.70
N THR A 743 -37.76 -2.87 -13.73
CA THR A 743 -36.33 -2.63 -13.94
C THR A 743 -36.11 -1.21 -14.48
N ARG A 744 -36.93 -0.82 -15.48
CA ARG A 744 -36.97 0.54 -16.07
C ARG A 744 -37.12 0.52 -17.61
N ALA A 745 -36.75 -0.60 -18.22
CA ALA A 745 -36.97 -0.83 -19.67
C ALA A 745 -37.90 -2.05 -19.84
N LEU A 746 -38.92 -2.10 -18.99
CA LEU A 746 -39.73 -3.30 -18.71
C LEU A 746 -38.84 -4.42 -18.18
N LEU B 36 7.22 9.37 -8.46
CA LEU B 36 6.42 10.51 -7.91
C LEU B 36 5.74 10.22 -6.53
N GLY B 37 4.69 9.38 -6.43
CA GLY B 37 4.06 8.64 -7.55
C GLY B 37 2.53 8.76 -7.52
N GLY B 38 1.84 7.65 -7.81
CA GLY B 38 0.38 7.64 -7.87
C GLY B 38 -0.13 7.63 -9.31
N SER B 39 -1.03 6.69 -9.64
CA SER B 39 -1.72 5.83 -8.69
C SER B 39 -2.51 4.76 -9.45
N PRO B 40 -2.93 3.66 -8.80
CA PRO B 40 -2.61 3.06 -7.51
C PRO B 40 -1.77 1.75 -7.56
N TYR B 41 -1.11 1.48 -8.68
CA TYR B 41 -0.16 0.36 -8.76
C TYR B 41 1.29 0.82 -8.61
N SER B 42 1.45 2.12 -8.36
CA SER B 42 2.77 2.72 -8.15
C SER B 42 3.33 2.31 -6.79
N PRO B 43 4.65 2.07 -6.73
CA PRO B 43 5.32 1.74 -5.48
C PRO B 43 5.49 2.95 -4.57
N PHE B 44 5.24 4.15 -5.10
CA PHE B 44 5.46 5.39 -4.36
C PHE B 44 4.17 6.14 -4.09
N ARG B 45 3.10 5.40 -3.83
CA ARG B 45 1.80 6.03 -3.58
C ARG B 45 1.66 6.48 -2.13
N ILE B 46 2.59 6.09 -1.26
CA ILE B 46 2.65 6.59 0.11
C ILE B 46 1.31 6.31 0.81
N GLY B 47 0.80 5.11 0.58
CA GLY B 47 -0.52 4.72 1.07
C GLY B 47 -0.68 4.70 2.57
N LEU B 48 -1.88 5.04 3.03
CA LEU B 48 -2.20 5.10 4.44
C LEU B 48 -2.83 3.79 4.98
N GLU B 49 -2.95 2.78 4.12
CA GLU B 49 -3.73 1.58 4.47
C GLU B 49 -3.14 0.82 5.66
N GLY B 50 -1.84 0.92 5.87
CA GLY B 50 -1.18 0.24 6.97
C GLY B 50 -0.74 1.12 8.12
N VAL B 51 -1.35 2.30 8.24
CA VAL B 51 -1.02 3.25 9.31
C VAL B 51 -2.24 3.52 10.16
N TRP B 52 -2.17 3.16 11.43
CA TRP B 52 -3.25 3.38 12.38
C TRP B 52 -3.85 4.76 12.21
N THR B 53 -5.18 4.86 12.31
CA THR B 53 -5.84 6.15 12.39
C THR B 53 -5.71 6.65 13.84
N PRO B 54 -5.89 7.96 14.07
CA PRO B 54 -5.89 8.42 15.46
C PRO B 54 -6.79 7.55 16.36
N GLU B 55 -7.96 7.20 15.83
CA GLU B 55 -8.91 6.33 16.51
C GLU B 55 -8.28 5.00 16.95
N VAL B 56 -7.56 4.35 16.05
CA VAL B 56 -6.93 3.06 16.36
C VAL B 56 -5.76 3.23 17.35
N LEU B 57 -5.02 4.33 17.21
CA LEU B 57 -3.89 4.63 18.11
C LEU B 57 -4.39 4.76 19.54
N LYS B 58 -5.51 5.46 19.70
CA LYS B 58 -6.11 5.64 21.01
C LYS B 58 -6.42 4.31 21.70
N ALA B 59 -6.78 3.30 20.92
CA ALA B 59 -7.06 1.96 21.46
C ALA B 59 -5.77 1.17 21.72
N ARG B 60 -4.76 1.37 20.87
CA ARG B 60 -3.50 0.65 21.01
C ARG B 60 -2.59 1.29 22.06
N ALA B 61 -2.67 2.62 22.18
CA ALA B 61 -1.79 3.37 23.07
C ALA B 61 -2.46 3.67 24.41
N SER B 62 -3.59 3.01 24.65
CA SER B 62 -4.38 3.19 25.86
C SER B 62 -3.62 2.73 27.10
N VAL B 63 -3.48 3.62 28.07
CA VAL B 63 -3.00 3.23 29.40
C VAL B 63 -3.97 3.67 30.51
N ILE B 64 -4.48 2.68 31.24
CA ILE B 64 -5.43 2.86 32.33
C ILE B 64 -4.94 3.93 33.32
N GLY B 65 -5.82 4.87 33.67
CA GLY B 65 -5.53 5.91 34.66
C GLY B 65 -4.89 7.16 34.10
N LYS B 66 -4.04 7.01 33.09
CA LYS B 66 -3.32 8.15 32.53
C LYS B 66 -4.03 8.72 31.30
N PRO B 67 -4.41 10.01 31.36
CA PRO B 67 -5.07 10.72 30.28
C PRO B 67 -4.09 11.21 29.19
N ILE B 68 -4.65 11.75 28.12
CA ILE B 68 -3.89 12.33 27.01
C ILE B 68 -3.19 13.62 27.46
N GLY B 69 -1.86 13.57 27.52
CA GLY B 69 -1.05 14.73 27.83
C GLY B 69 -0.65 15.47 26.56
N GLU B 70 0.10 16.56 26.72
CA GLU B 70 0.43 17.43 25.58
C GLU B 70 1.14 16.74 24.41
N SER B 71 2.07 15.83 24.72
CA SER B 71 2.86 15.13 23.70
C SER B 71 2.02 14.20 22.82
N TYR B 72 1.17 13.42 23.49
CA TYR B 72 0.29 12.45 22.85
C TYR B 72 -0.71 13.17 21.95
N LYS B 73 -1.09 14.37 22.38
CA LYS B 73 -2.04 15.21 21.68
C LYS B 73 -1.50 15.67 20.33
N ARG B 74 -0.26 16.18 20.33
CA ARG B 74 0.44 16.62 19.10
C ARG B 74 0.62 15.46 18.13
N ILE B 75 0.95 14.29 18.68
CA ILE B 75 1.14 13.09 17.89
C ILE B 75 -0.17 12.70 17.23
N LEU B 76 -1.27 12.77 17.97
CA LEU B 76 -2.58 12.48 17.41
C LEU B 76 -3.01 13.51 16.37
N ALA B 77 -2.77 14.79 16.69
CA ALA B 77 -3.01 15.88 15.75
C ALA B 77 -2.25 15.63 14.46
N LYS B 78 -0.97 15.28 14.59
CA LYS B 78 -0.12 15.09 13.43
C LYS B 78 -0.61 13.91 12.61
N LEU B 79 -1.04 12.85 13.31
CA LEU B 79 -1.55 11.64 12.70
C LEU B 79 -2.82 11.92 11.91
N GLN B 80 -3.66 12.79 12.46
CA GLN B 80 -4.90 13.18 11.79
C GLN B 80 -4.58 13.88 10.48
N ARG B 81 -3.66 14.84 10.52
CA ARG B 81 -3.24 15.55 9.31
C ARG B 81 -2.73 14.62 8.22
N ILE B 82 -2.04 13.56 8.63
CA ILE B 82 -1.51 12.60 7.68
C ILE B 82 -2.63 11.93 6.88
N HIS B 83 -3.66 11.48 7.59
CA HIS B 83 -4.79 10.80 6.95
C HIS B 83 -5.68 11.77 6.16
N ASN B 84 -5.57 13.06 6.46
CA ASN B 84 -6.31 14.07 5.73
C ASN B 84 -5.53 14.66 4.55
N SER B 85 -4.26 14.31 4.44
CA SER B 85 -3.39 14.88 3.41
C SER B 85 -3.54 14.17 2.05
N ASN B 86 -3.96 14.91 1.03
CA ASN B 86 -4.17 14.33 -0.28
C ASN B 86 -3.04 14.55 -1.28
N ILE B 87 -2.20 15.56 -1.03
CA ILE B 87 -1.00 15.76 -1.82
C ILE B 87 0.10 14.88 -1.24
N LEU B 88 0.63 14.00 -2.08
CA LEU B 88 1.55 12.94 -1.66
C LEU B 88 2.89 13.42 -1.12
N ASP B 89 3.44 14.49 -1.69
CA ASP B 89 4.72 15.03 -1.21
C ASP B 89 4.55 15.66 0.17
N GLU B 90 3.41 16.29 0.39
CA GLU B 90 3.08 16.84 1.70
C GLU B 90 2.84 15.72 2.71
N ARG B 91 2.13 14.68 2.28
CA ARG B 91 1.80 13.55 3.12
C ARG B 91 3.05 12.92 3.72
N GLN B 92 3.99 12.55 2.86
CA GLN B 92 5.24 11.90 3.28
C GLN B 92 6.06 12.83 4.17
N GLY B 93 6.09 14.10 3.80
CA GLY B 93 6.69 15.13 4.64
C GLY B 93 6.17 15.07 6.07
N LEU B 94 4.85 15.03 6.21
CA LEU B 94 4.19 14.99 7.50
C LEU B 94 4.51 13.69 8.28
N MET B 95 4.63 12.59 7.56
CA MET B 95 4.97 11.31 8.16
C MET B 95 6.41 11.37 8.70
N HIS B 96 7.29 12.06 7.98
CA HIS B 96 8.62 12.33 8.53
C HIS B 96 8.54 13.20 9.79
N GLU B 97 7.67 14.22 9.77
CA GLU B 97 7.43 15.02 10.96
C GLU B 97 6.96 14.16 12.14
N LEU B 98 5.99 13.27 11.87
CA LEU B 98 5.46 12.39 12.92
C LEU B 98 6.58 11.56 13.55
N MET B 99 7.47 11.01 12.72
CA MET B 99 8.60 10.21 13.21
C MET B 99 9.44 10.97 14.23
N GLU B 100 9.79 12.21 13.91
CA GLU B 100 10.56 13.03 14.83
C GLU B 100 9.83 13.16 16.15
N LEU B 101 8.55 13.54 16.11
CA LEU B 101 7.72 13.59 17.32
C LEU B 101 7.86 12.32 18.16
N ILE B 102 7.70 11.17 17.52
CA ILE B 102 7.82 9.89 18.20
C ILE B 102 9.24 9.70 18.73
N ASP B 103 10.23 10.14 17.96
CA ASP B 103 11.63 10.07 18.38
C ASP B 103 11.86 10.83 19.67
N LEU B 104 11.28 12.04 19.77
CA LEU B 104 11.49 12.92 20.92
C LEU B 104 10.79 12.38 22.15
N TYR B 105 9.64 11.76 21.91
CA TYR B 105 8.84 11.19 22.96
C TYR B 105 9.59 10.01 23.56
N GLU B 106 10.16 9.18 22.70
CA GLU B 106 10.93 8.02 23.13
C GLU B 106 12.15 8.46 23.93
N GLU B 107 12.79 9.52 23.44
CA GLU B 107 14.00 10.05 24.01
C GLU B 107 13.73 10.57 25.41
N SER B 108 12.65 11.32 25.57
CA SER B 108 12.40 12.05 26.83
C SER B 108 11.40 11.39 27.77
N GLN B 109 10.58 10.48 27.26
CA GLN B 109 9.65 9.74 28.11
C GLN B 109 9.81 8.23 27.92
N PRO B 110 11.02 7.71 28.23
CA PRO B 110 11.38 6.32 27.93
C PRO B 110 10.64 5.27 28.75
N SER B 111 10.14 5.67 29.92
CA SER B 111 9.35 4.77 30.76
C SER B 111 7.86 4.77 30.44
N SER B 112 7.46 5.54 29.42
CA SER B 112 6.04 5.70 29.07
C SER B 112 5.42 4.41 28.55
N GLU B 113 4.25 4.06 29.07
CA GLU B 113 3.46 2.93 28.56
C GLU B 113 2.94 3.12 27.15
N ARG B 114 2.86 4.36 26.68
CA ARG B 114 2.43 4.65 25.32
C ARG B 114 3.45 4.10 24.27
N LEU B 115 4.67 3.77 24.71
CA LEU B 115 5.82 3.49 23.80
C LEU B 115 5.78 2.29 22.86
N ASN B 116 5.38 1.12 23.34
CA ASN B 116 5.19 -0.04 22.46
C ASN B 116 4.28 0.31 21.29
N ALA B 117 3.19 1.01 21.58
CA ALA B 117 2.27 1.42 20.53
C ALA B 117 2.95 2.39 19.57
N PHE B 118 3.58 3.43 20.11
CA PHE B 118 4.30 4.45 19.33
C PHE B 118 5.46 3.88 18.49
N ARG B 119 6.11 2.84 18.99
CA ARG B 119 7.15 2.14 18.24
C ARG B 119 6.59 1.40 17.02
N GLU B 120 5.44 0.74 17.18
CA GLU B 120 4.81 0.14 16.02
C GLU B 120 4.36 1.21 15.01
N LEU B 121 3.80 2.31 15.52
CA LEU B 121 3.37 3.41 14.66
C LEU B 121 4.50 4.00 13.79
N ARG B 122 5.65 4.27 14.38
CA ARG B 122 6.84 4.72 13.63
C ARG B 122 7.27 3.71 12.54
N THR B 123 7.34 2.42 12.92
CA THR B 123 7.57 1.34 11.96
C THR B 123 6.58 1.37 10.80
N GLN B 124 5.31 1.68 11.09
CA GLN B 124 4.29 1.71 10.04
C GLN B 124 4.58 2.80 9.04
N LEU B 125 5.03 3.95 9.54
CA LEU B 125 5.30 5.12 8.70
C LEU B 125 6.54 4.87 7.86
N GLU B 126 7.49 4.17 8.47
CA GLU B 126 8.70 3.75 7.80
C GLU B 126 8.39 2.79 6.66
N LYS B 127 7.46 1.87 6.90
CA LYS B 127 7.10 0.88 5.87
C LYS B 127 6.23 1.48 4.76
N ALA B 128 5.51 2.55 5.06
CA ALA B 128 4.70 3.24 4.06
C ALA B 128 5.56 4.05 3.09
N LEU B 129 6.69 4.55 3.59
CA LEU B 129 7.60 5.41 2.83
C LEU B 129 8.73 4.65 2.12
N TYR B 130 9.24 3.62 2.80
CA TYR B 130 10.43 2.90 2.38
C TYR B 130 10.11 1.44 2.14
N LEU B 131 10.25 0.99 0.89
CA LEU B 131 9.98 -0.40 0.54
C LEU B 131 11.08 -1.29 1.11
N PRO B 132 10.81 -2.61 1.27
CA PRO B 132 11.85 -3.52 1.71
C PRO B 132 13.19 -3.38 0.97
N GLU B 133 13.15 -3.12 -0.33
CA GLU B 133 14.39 -3.02 -1.11
C GLU B 133 14.93 -1.60 -1.16
N MET B 134 14.39 -0.76 -0.27
CA MET B 134 14.88 0.59 -0.05
C MET B 134 15.60 0.67 1.30
N GLU B 135 15.90 -0.49 1.89
CA GLU B 135 16.57 -0.57 3.20
C GLU B 135 17.80 0.34 3.39
N ALA B 136 18.74 0.27 2.46
CA ALA B 136 19.98 1.00 2.58
C ALA B 136 19.74 2.50 2.47
N LEU B 137 18.80 2.87 1.60
CA LEU B 137 18.42 4.27 1.40
C LEU B 137 17.81 4.83 2.67
N LYS B 138 16.89 4.07 3.27
CA LYS B 138 16.23 4.45 4.51
C LYS B 138 17.26 4.79 5.57
N LYS B 139 18.13 3.83 5.88
CA LYS B 139 19.14 3.99 6.91
C LYS B 139 19.93 5.26 6.70
N GLN B 140 20.35 5.49 5.46
CA GLN B 140 21.09 6.69 5.11
C GLN B 140 20.30 7.96 5.43
N ILE B 141 19.03 8.00 5.02
CA ILE B 141 18.20 9.17 5.22
C ILE B 141 17.74 9.36 6.67
N LEU B 142 17.31 8.29 7.33
CA LEU B 142 16.77 8.43 8.68
C LEU B 142 17.85 8.55 9.74
N GLN B 143 19.09 8.43 9.30
CA GLN B 143 20.26 8.60 10.14
C GLN B 143 20.48 10.08 10.44
N ILE B 144 20.01 10.93 9.54
CA ILE B 144 20.11 12.37 9.69
C ILE B 144 19.23 12.78 10.85
N PRO B 145 19.76 13.60 11.78
CA PRO B 145 18.91 14.04 12.89
C PRO B 145 17.75 14.87 12.37
N ASN B 146 16.72 15.05 13.20
CA ASN B 146 15.58 15.89 12.87
C ASN B 146 14.85 15.43 11.61
N LYS B 147 14.20 14.28 11.70
CA LYS B 147 13.46 13.72 10.56
C LYS B 147 12.40 14.65 9.98
N GLY B 148 11.94 15.60 10.79
CA GLY B 148 10.92 16.56 10.38
C GLY B 148 11.47 17.92 9.98
N SER B 149 12.79 18.00 9.81
CA SER B 149 13.45 19.26 9.45
C SER B 149 13.20 19.66 8.02
N GLY B 150 12.74 18.69 7.23
CA GLY B 150 12.58 18.86 5.80
C GLY B 150 13.63 18.12 4.99
N ALA B 151 14.73 17.70 5.63
CA ALA B 151 15.79 17.00 4.90
C ALA B 151 15.34 15.61 4.43
N ALA B 152 14.82 14.82 5.36
CA ALA B 152 14.31 13.49 5.02
C ALA B 152 13.21 13.57 3.95
N ARG B 153 12.38 14.58 4.05
CA ARG B 153 11.33 14.82 3.06
C ARG B 153 11.93 15.03 1.68
N PHE B 154 12.92 15.91 1.60
CA PHE B 154 13.55 16.27 0.33
C PHE B 154 14.28 15.08 -0.28
N LEU B 155 14.91 14.25 0.56
CA LEU B 155 15.78 13.19 0.08
C LEU B 155 15.00 11.99 -0.46
N LEU B 156 13.96 11.59 0.28
CA LEU B 156 12.99 10.61 -0.22
C LEU B 156 12.39 10.99 -1.58
N ARG B 157 11.90 12.24 -1.69
CA ARG B 157 11.36 12.72 -2.96
C ARG B 157 12.39 12.54 -4.07
N THR B 158 13.64 12.89 -3.77
CA THR B 158 14.72 12.78 -4.73
C THR B 158 15.00 11.31 -5.04
N ALA B 159 15.06 10.48 -4.01
CA ALA B 159 15.27 9.05 -4.20
C ALA B 159 14.17 8.43 -5.08
N MET B 160 12.91 8.72 -4.78
CA MET B 160 11.79 8.16 -5.56
C MET B 160 11.82 8.62 -7.01
N ASN B 161 12.08 9.90 -7.25
CA ASN B 161 12.20 10.40 -8.61
C ASN B 161 13.34 9.74 -9.36
N GLU B 162 14.41 9.43 -8.64
CA GLU B 162 15.61 8.84 -9.22
C GLU B 162 15.34 7.36 -9.52
N MET B 163 14.84 6.63 -8.53
CA MET B 163 14.42 5.24 -8.71
C MET B 163 13.44 5.09 -9.86
N ALA B 164 12.54 6.05 -10.02
CA ALA B 164 11.63 6.06 -11.16
C ALA B 164 12.35 6.36 -12.48
N GLY B 165 13.64 6.70 -12.41
CA GLY B 165 14.44 6.99 -13.60
C GLY B 165 13.94 8.23 -14.30
N LYS B 166 13.34 9.12 -13.51
CA LYS B 166 12.70 10.33 -13.99
C LYS B 166 13.67 11.51 -13.84
N THR B 167 14.92 11.20 -13.49
CA THR B 167 15.86 12.16 -12.92
C THR B 167 17.27 11.57 -12.87
N SER B 168 18.27 12.45 -13.01
CA SER B 168 19.68 12.09 -12.98
C SER B 168 20.14 11.64 -11.59
N GLU B 169 21.22 10.87 -11.56
CA GLU B 169 21.81 10.37 -10.32
C GLU B 169 22.25 11.54 -9.42
N SER B 170 21.66 11.62 -8.23
CA SER B 170 21.90 12.75 -7.35
C SER B 170 21.79 12.42 -5.86
N THR B 171 20.90 11.50 -5.52
CA THR B 171 20.54 11.22 -4.11
C THR B 171 21.73 10.91 -3.23
N ALA B 172 22.57 9.97 -3.68
CA ALA B 172 23.72 9.57 -2.89
C ALA B 172 24.57 10.79 -2.50
N ASP B 173 24.84 11.64 -3.48
CA ASP B 173 25.66 12.81 -3.24
C ASP B 173 24.95 13.82 -2.33
N LEU B 174 23.65 14.02 -2.56
CA LEU B 174 22.88 14.93 -1.70
C LEU B 174 22.87 14.46 -0.25
N ILE B 175 22.85 13.15 -0.06
CA ILE B 175 22.99 12.56 1.27
C ILE B 175 24.33 12.95 1.91
N ARG B 176 25.43 12.85 1.15
CA ARG B 176 26.75 13.19 1.68
C ARG B 176 26.80 14.65 2.03
N PHE B 177 26.10 15.46 1.26
CA PHE B 177 25.98 16.88 1.54
C PHE B 177 25.29 17.12 2.89
N ALA B 178 24.11 16.51 3.07
CA ALA B 178 23.37 16.64 4.33
C ALA B 178 24.18 16.20 5.55
N LEU B 179 24.91 15.10 5.43
CA LEU B 179 25.64 14.48 6.54
C LEU B 179 26.78 15.31 7.09
N GLN B 180 27.30 16.22 6.27
CA GLN B 180 28.43 17.06 6.67
C GLN B 180 28.04 18.52 6.89
N ASP B 181 26.83 18.90 6.46
CA ASP B 181 26.40 20.29 6.59
C ASP B 181 26.21 20.68 8.06
N THR B 182 26.73 21.84 8.45
CA THR B 182 26.73 22.28 9.85
C THR B 182 25.33 22.49 10.41
N VAL B 183 24.37 22.78 9.53
CA VAL B 183 22.99 22.93 9.94
C VAL B 183 22.22 21.60 9.82
N ILE B 184 22.08 21.10 8.59
CA ILE B 184 21.29 19.89 8.31
C ILE B 184 21.57 18.73 9.28
N SER B 185 22.85 18.40 9.47
CA SER B 185 23.21 17.22 10.27
C SER B 185 23.26 17.47 11.78
N ALA B 186 22.91 18.66 12.22
CA ALA B 186 22.99 18.98 13.64
C ALA B 186 21.66 18.73 14.33
N PRO B 187 21.66 17.91 15.41
CA PRO B 187 20.47 17.81 16.26
C PRO B 187 19.99 19.20 16.68
N PHE B 188 18.71 19.49 16.45
CA PHE B 188 18.19 20.81 16.76
C PHE B 188 18.16 21.08 18.26
N ARG B 189 18.97 22.04 18.69
CA ARG B 189 19.00 22.47 20.08
C ARG B 189 18.67 23.95 20.20
N GLY B 190 17.95 24.49 19.22
CA GLY B 190 17.59 25.90 19.19
C GLY B 190 16.25 26.21 19.86
N TYR B 191 15.59 27.25 19.35
CA TYR B 191 14.39 27.80 20.00
C TYR B 191 13.07 27.37 19.34
N ALA B 192 12.22 26.72 20.12
CA ALA B 192 10.98 26.16 19.57
C ALA B 192 9.73 26.81 20.14
N GLY B 193 9.82 28.08 20.53
CA GLY B 193 8.75 28.76 21.26
C GLY B 193 8.14 29.90 20.48
N ALA B 194 7.27 30.66 21.14
CA ALA B 194 6.56 31.77 20.50
C ALA B 194 7.47 32.94 20.12
N ILE B 195 7.03 33.70 19.11
CA ILE B 195 7.66 34.96 18.74
C ILE B 195 6.64 36.03 19.07
N PRO B 196 7.03 37.00 19.93
CA PRO B 196 6.10 38.05 20.29
C PRO B 196 5.66 38.81 19.06
N GLU B 197 4.38 39.23 19.07
CA GLU B 197 3.79 39.96 17.96
C GLU B 197 4.50 41.27 17.72
N ALA B 198 5.02 41.88 18.79
CA ALA B 198 5.61 43.21 18.71
C ALA B 198 6.91 43.28 17.89
N ILE B 199 7.47 42.12 17.52
CA ILE B 199 8.67 42.09 16.69
C ILE B 199 8.31 42.41 15.23
N ASP B 200 8.90 43.46 14.68
CA ASP B 200 8.65 43.82 13.27
C ASP B 200 9.80 43.47 12.32
N PHE B 201 10.32 42.25 12.45
CA PHE B 201 11.30 41.75 11.50
C PHE B 201 11.27 40.24 11.47
N PRO B 202 11.57 39.62 10.31
CA PRO B 202 11.63 38.17 10.27
C PRO B 202 12.73 37.69 11.21
N VAL B 203 12.36 36.96 12.25
CA VAL B 203 13.32 36.49 13.26
C VAL B 203 14.04 35.28 12.71
N LYS B 204 15.36 35.22 12.94
CA LYS B 204 16.17 34.07 12.54
C LYS B 204 16.66 33.30 13.74
N TYR B 205 17.12 34.00 14.78
CA TYR B 205 17.70 33.36 15.95
C TYR B 205 17.16 33.93 17.25
N VAL B 206 17.13 33.11 18.30
CA VAL B 206 16.60 33.51 19.61
C VAL B 206 17.42 32.96 20.78
N ILE B 207 17.76 33.84 21.72
CA ILE B 207 18.26 33.43 23.03
C ILE B 207 17.12 33.61 24.03
N GLU B 208 16.60 32.48 24.49
CA GLU B 208 15.37 32.43 25.29
C GLU B 208 15.53 33.08 26.66
N ASP B 209 16.67 32.81 27.31
CA ASP B 209 16.97 33.44 28.59
C ASP B 209 18.29 34.18 28.51
N ILE B 210 18.22 35.48 28.80
CA ILE B 210 19.37 36.37 28.71
C ILE B 210 20.49 36.03 29.71
N SER B 211 20.15 35.29 30.78
CA SER B 211 21.11 34.91 31.82
C SER B 211 22.21 33.98 31.32
N VAL B 212 21.98 33.36 30.18
CA VAL B 212 22.97 32.51 29.52
C VAL B 212 24.24 33.31 29.25
N PHE B 213 24.10 34.60 29.03
CA PHE B 213 25.26 35.49 28.84
C PHE B 213 26.10 35.66 30.10
N ASP B 214 25.50 35.38 31.26
CA ASP B 214 26.20 35.48 32.54
C ASP B 214 26.92 34.19 32.95
N LYS B 215 26.80 33.14 32.13
CA LYS B 215 27.44 31.85 32.42
C LYS B 215 28.67 31.55 31.57
N ILE B 216 29.16 32.54 30.84
CA ILE B 216 30.33 32.35 29.98
C ILE B 216 31.63 32.77 30.66
N GLN B 217 32.76 32.27 30.15
CA GLN B 217 34.08 32.50 30.75
C GLN B 217 34.43 33.98 30.90
N THR B 218 34.45 34.68 29.77
CA THR B 218 34.83 36.09 29.74
C THR B 218 33.83 36.95 30.50
N ASN B 219 34.35 37.96 31.19
CA ASN B 219 33.52 38.90 31.91
C ASN B 219 33.63 40.30 31.31
N TYR B 220 32.86 40.50 30.24
CA TYR B 220 32.92 41.70 29.41
C TYR B 220 32.58 42.98 30.18
N TRP B 221 31.80 42.83 31.24
CA TRP B 221 31.40 43.94 32.12
C TRP B 221 32.58 44.44 32.97
N GLU B 222 33.79 44.02 32.63
CA GLU B 222 34.96 44.20 33.48
C GLU B 222 36.16 44.61 32.64
N LEU B 223 36.01 44.48 31.32
CA LEU B 223 37.08 44.81 30.38
C LEU B 223 37.20 46.33 30.22
N PRO B 224 38.44 46.87 30.25
CA PRO B 224 38.69 48.31 30.32
C PRO B 224 38.19 49.13 29.11
N ALA B 225 36.90 49.06 28.85
CA ALA B 225 36.23 49.82 27.79
C ALA B 225 34.78 50.05 28.20
N TYR B 226 34.26 49.14 29.03
CA TYR B 226 32.91 49.25 29.57
C TYR B 226 32.98 49.61 31.05
N GLU B 227 33.94 50.46 31.38
CA GLU B 227 34.14 50.97 32.73
C GLU B 227 33.13 52.07 33.06
N SER B 228 32.94 52.99 32.12
CA SER B 228 31.95 54.07 32.24
C SER B 228 30.59 53.49 32.63
N TRP B 229 30.13 52.52 31.84
CA TRP B 229 28.96 51.70 32.16
C TRP B 229 29.24 51.03 33.50
N ASN B 230 28.28 51.06 34.42
CA ASN B 230 28.50 50.50 35.75
C ASN B 230 27.74 49.20 36.00
N GLU B 231 27.99 48.20 35.16
CA GLU B 231 27.21 46.95 35.16
C GLU B 231 27.97 45.78 35.79
N GLY B 232 27.22 44.88 36.43
CA GLY B 232 27.81 43.75 37.15
C GLY B 232 27.82 42.44 36.39
N SER B 233 27.09 42.38 35.28
CA SER B 233 27.00 41.17 34.47
C SER B 233 26.92 41.44 32.97
N ASN B 234 27.22 40.42 32.18
CA ASN B 234 27.16 40.51 30.72
C ASN B 234 25.75 40.78 30.17
N SER B 235 24.74 40.28 30.88
CA SER B 235 23.35 40.49 30.52
C SER B 235 22.94 41.95 30.74
N ALA B 236 23.60 42.61 31.68
CA ALA B 236 23.33 44.00 32.00
C ALA B 236 23.98 44.96 30.99
N LEU B 237 25.00 44.48 30.28
CA LEU B 237 25.64 45.21 29.19
C LEU B 237 24.74 45.23 27.96
N LEU B 238 24.03 44.12 27.77
CA LEU B 238 23.24 43.87 26.57
C LEU B 238 22.39 45.05 26.09
N PRO B 239 21.51 45.58 26.96
CA PRO B 239 20.69 46.71 26.49
C PRO B 239 21.54 47.88 26.00
N GLY B 240 22.62 48.18 26.72
CA GLY B 240 23.53 49.27 26.34
C GLY B 240 24.22 49.02 25.03
N LEU B 241 24.73 47.80 24.85
CA LEU B 241 25.36 47.36 23.62
C LEU B 241 24.45 47.57 22.41
N LEU B 242 23.18 47.23 22.56
CA LEU B 242 22.21 47.37 21.48
C LEU B 242 21.88 48.84 21.21
N ARG B 243 21.60 49.61 22.26
CA ARG B 243 21.26 51.01 22.10
C ARG B 243 22.39 51.79 21.43
N GLU B 244 23.62 51.59 21.91
CA GLU B 244 24.78 52.27 21.36
C GLU B 244 25.05 51.87 19.91
N SER B 245 24.77 50.62 19.58
CA SER B 245 24.93 50.12 18.22
C SER B 245 23.91 50.69 17.23
N GLN B 246 22.66 50.85 17.69
CA GLN B 246 21.55 51.22 16.81
C GLN B 246 21.57 52.70 16.44
N SER B 247 22.16 53.51 17.31
CA SER B 247 22.38 54.93 17.06
C SER B 247 23.42 55.14 15.95
N LYS B 248 24.24 54.12 15.73
CA LYS B 248 25.26 54.12 14.68
C LYS B 248 24.77 53.45 13.40
N GLY B 249 23.54 52.93 13.43
CA GLY B 249 22.91 52.26 12.28
C GLY B 249 23.17 50.77 12.19
N MET B 250 23.47 50.15 13.33
CA MET B 250 23.78 48.70 13.38
C MET B 250 22.98 47.96 14.43
N LEU B 251 22.83 46.65 14.21
CA LEU B 251 22.07 45.76 15.10
C LEU B 251 20.62 46.24 15.29
N SER B 252 20.05 46.80 14.23
CA SER B 252 18.69 47.30 14.29
C SER B 252 17.67 46.15 14.38
N LYS B 253 18.04 45.00 13.83
CA LYS B 253 17.19 43.82 13.91
C LYS B 253 17.50 42.93 15.12
N CYS B 254 17.92 43.56 16.22
CA CYS B 254 18.08 42.86 17.50
C CYS B 254 17.24 43.52 18.58
N ARG B 255 16.37 42.73 19.22
CA ARG B 255 15.51 43.27 20.25
C ARG B 255 15.30 42.32 21.43
N ILE B 256 15.35 42.89 22.63
CA ILE B 256 15.06 42.16 23.85
C ILE B 256 13.64 42.47 24.29
N ILE B 257 12.84 41.41 24.45
CA ILE B 257 11.55 41.53 25.07
C ILE B 257 11.52 40.56 26.24
N GLU B 258 11.22 41.08 27.43
CA GLU B 258 10.89 40.22 28.57
C GLU B 258 11.89 39.07 28.68
N ASN B 259 13.17 39.39 28.81
CA ASN B 259 14.23 38.38 29.03
C ASN B 259 14.67 37.51 27.83
N SER B 260 14.15 37.79 26.63
CA SER B 260 14.56 37.04 25.41
C SER B 260 15.17 37.94 24.33
N LEU B 261 16.23 37.46 23.68
CA LEU B 261 16.85 38.22 22.60
C LEU B 261 16.46 37.69 21.22
N TYR B 262 15.94 38.57 20.38
CA TYR B 262 15.52 38.21 19.03
C TYR B 262 16.41 38.86 17.97
N ILE B 263 16.92 38.04 17.06
CA ILE B 263 17.91 38.47 16.07
C ILE B 263 17.40 38.21 14.65
N GLY B 264 17.44 39.24 13.82
CA GLY B 264 17.01 39.12 12.43
C GLY B 264 18.15 39.27 11.44
N HIS B 265 19.37 39.34 11.96
CA HIS B 265 20.54 39.41 11.11
C HIS B 265 21.09 38.02 10.92
N SER B 266 21.48 37.73 9.68
CA SER B 266 22.09 36.45 9.32
C SER B 266 23.44 36.33 10.02
N TYR B 267 23.73 35.12 10.49
CA TYR B 267 25.02 34.79 11.11
C TYR B 267 26.21 35.20 10.24
N GLU B 268 26.11 34.93 8.94
CA GLU B 268 27.15 35.32 7.98
C GLU B 268 27.19 36.84 7.69
N GLU B 269 26.07 37.52 7.87
CA GLU B 269 26.03 38.97 7.77
C GLU B 269 26.70 39.59 8.99
N MET B 270 26.43 39.00 10.16
CA MET B 270 27.11 39.41 11.37
C MET B 270 28.60 39.09 11.32
N PHE B 271 28.96 37.91 10.81
CA PHE B 271 30.38 37.51 10.79
C PHE B 271 31.21 38.43 9.91
N TYR B 272 30.77 38.64 8.66
CA TYR B 272 31.55 39.42 7.72
C TYR B 272 31.47 40.95 7.87
N SER B 273 30.55 41.44 8.70
CA SER B 273 30.41 42.88 8.94
C SER B 273 30.99 43.31 10.28
N ILE B 274 31.23 42.36 11.17
CA ILE B 274 31.66 42.65 12.52
C ILE B 274 33.04 42.07 12.88
N SER B 275 33.29 40.82 12.47
CA SER B 275 34.30 39.96 13.11
C SER B 275 35.80 40.33 12.99
N PRO B 276 36.54 39.67 12.07
CA PRO B 276 38.02 39.62 12.16
C PRO B 276 38.72 40.98 12.26
N TYR B 277 39.49 41.35 11.24
CA TYR B 277 40.20 42.63 11.25
C TYR B 277 39.54 43.65 10.32
N SER B 278 38.75 44.57 10.90
CA SER B 278 38.53 44.65 12.35
C SER B 278 37.02 44.46 12.72
N ASN B 279 36.45 45.22 13.67
CA ASN B 279 37.10 46.35 14.35
C ASN B 279 37.60 46.01 15.75
N GLN B 280 38.92 46.10 15.91
CA GLN B 280 39.60 45.85 17.19
C GLN B 280 41.02 46.47 17.23
N VAL B 281 41.16 47.74 17.60
CA VAL B 281 40.06 48.68 17.85
C VAL B 281 39.87 49.56 16.58
N GLY B 282 38.78 50.32 16.46
CA GLY B 282 37.72 50.48 17.46
C GLY B 282 36.33 50.17 16.93
N GLY B 283 35.72 51.07 16.13
CA GLY B 283 36.32 52.33 15.66
C GLY B 283 36.99 52.19 14.30
N PRO B 284 36.24 52.46 13.19
CA PRO B 284 34.93 53.11 13.08
C PRO B 284 33.71 52.28 13.47
N TYR B 285 33.70 51.00 13.14
CA TYR B 285 32.53 50.14 13.41
C TYR B 285 32.65 49.43 14.75
N GLU B 286 32.10 50.11 15.75
CA GLU B 286 32.53 50.09 17.15
C GLU B 286 32.79 48.74 17.82
N LEU B 287 33.28 48.83 19.06
CA LEU B 287 33.52 47.69 19.92
C LEU B 287 32.19 47.01 20.26
N TYR B 288 31.12 47.80 20.31
CA TYR B 288 29.80 47.34 20.74
C TYR B 288 29.28 46.17 19.92
N PRO B 289 29.21 46.31 18.56
CA PRO B 289 28.79 45.15 17.76
C PRO B 289 29.72 43.95 17.95
N PHE B 290 31.02 44.22 18.05
CA PHE B 290 32.02 43.16 18.25
C PHE B 290 31.87 42.45 19.60
N THR B 291 31.46 43.20 20.62
CA THR B 291 31.26 42.64 21.95
C THR B 291 30.01 41.78 21.98
N PHE B 292 28.96 42.26 21.31
CA PHE B 292 27.75 41.49 21.08
C PHE B 292 28.08 40.15 20.43
N PHE B 293 28.75 40.19 19.29
CA PHE B 293 29.00 38.98 18.50
C PHE B 293 29.97 37.99 19.17
N SER B 294 30.96 38.50 19.89
CA SER B 294 31.88 37.66 20.65
C SER B 294 31.14 36.92 21.77
N MET B 295 30.23 37.61 22.44
CA MET B 295 29.41 37.01 23.49
C MET B 295 28.56 35.87 22.93
N LEU B 296 27.90 36.11 21.81
CA LEU B 296 27.09 35.08 21.16
C LEU B 296 27.93 33.84 20.86
N GLN B 297 29.15 34.06 20.37
CA GLN B 297 30.06 32.97 20.02
C GLN B 297 30.53 32.16 21.23
N GLU B 298 30.73 32.84 22.36
CA GLU B 298 31.01 32.15 23.62
C GLU B 298 29.79 31.34 24.08
N VAL B 299 28.60 31.92 23.95
CA VAL B 299 27.38 31.21 24.33
C VAL B 299 27.18 30.00 23.43
N GLN B 300 27.43 30.18 22.13
CA GLN B 300 27.36 29.09 21.16
C GLN B 300 28.20 27.90 21.63
N GLY B 301 29.44 28.19 22.03
CA GLY B 301 30.36 27.18 22.50
C GLY B 301 30.62 26.11 21.46
N ASP B 302 30.56 24.85 21.90
CA ASP B 302 30.83 23.70 21.05
C ASP B 302 29.77 23.50 19.95
N LEU B 303 28.57 24.04 20.14
CA LEU B 303 27.47 23.83 19.17
C LEU B 303 27.62 24.64 17.87
N GLY B 304 26.78 24.31 16.89
CA GLY B 304 26.65 25.11 15.68
C GLY B 304 25.81 26.33 15.99
N PHE B 305 26.12 27.45 15.38
CA PHE B 305 25.39 28.69 15.65
C PHE B 305 23.87 28.51 15.44
N GLU B 306 23.48 28.00 14.27
CA GLU B 306 22.07 27.74 13.99
C GLU B 306 21.53 26.64 14.90
N GLN B 307 22.37 25.63 15.19
CA GLN B 307 21.98 24.50 16.04
C GLN B 307 21.52 24.98 17.42
N ALA B 308 22.20 25.98 17.95
CA ALA B 308 21.94 26.48 19.30
C ALA B 308 20.91 27.61 19.36
N PHE B 309 20.89 28.46 18.34
CA PHE B 309 20.17 29.73 18.42
C PHE B 309 18.94 29.90 17.52
N ALA B 310 18.92 29.22 16.38
CA ALA B 310 17.86 29.46 15.39
C ALA B 310 16.49 28.97 15.86
N THR B 311 15.45 29.66 15.41
CA THR B 311 14.08 29.19 15.59
C THR B 311 13.91 27.91 14.76
N ARG B 312 12.98 27.05 15.15
CA ARG B 312 12.70 25.86 14.34
C ARG B 312 12.21 26.22 12.93
N ASN B 313 11.41 27.29 12.87
CA ASN B 313 10.97 27.87 11.60
C ASN B 313 12.15 28.12 10.67
N PHE B 314 13.13 28.89 11.14
CA PHE B 314 14.26 29.30 10.32
C PHE B 314 15.20 28.14 10.00
N PHE B 315 15.34 27.25 10.97
CA PHE B 315 16.19 26.09 10.83
C PHE B 315 15.66 25.27 9.67
N ASN B 316 14.37 24.95 9.74
CA ASN B 316 13.69 24.16 8.73
C ASN B 316 13.81 24.79 7.35
N THR B 317 13.63 26.11 7.30
CA THR B 317 13.69 26.84 6.03
C THR B 317 15.09 26.76 5.49
N LEU B 318 16.08 26.89 6.37
CA LEU B 318 17.46 26.85 5.96
C LEU B 318 17.80 25.46 5.41
N VAL B 319 17.39 24.42 6.12
CA VAL B 319 17.61 23.05 5.70
C VAL B 319 17.13 22.77 4.27
N SER B 320 15.91 23.20 3.93
CA SER B 320 15.39 22.88 2.61
C SER B 320 15.94 23.78 1.51
N ASP B 321 16.21 25.05 1.84
CA ASP B 321 16.85 25.95 0.88
C ASP B 321 18.23 25.45 0.45
N ARG B 322 18.99 24.91 1.42
CA ARG B 322 20.34 24.42 1.14
C ARG B 322 20.31 23.23 0.17
N LEU B 323 19.39 22.30 0.43
CA LEU B 323 19.21 21.14 -0.44
C LEU B 323 18.74 21.57 -1.83
N SER B 324 17.69 22.38 -1.90
CA SER B 324 17.28 23.04 -3.15
C SER B 324 18.46 23.59 -3.92
N LEU B 325 19.23 24.48 -3.29
CA LEU B 325 20.31 25.16 -3.98
C LEU B 325 21.43 24.20 -4.38
N MET B 326 21.83 23.33 -3.46
CA MET B 326 22.84 22.32 -3.75
C MET B 326 22.49 21.57 -5.04
N GLU B 327 21.25 21.10 -5.11
CA GLU B 327 20.69 20.43 -6.28
C GLU B 327 20.76 21.27 -7.54
N ASN B 328 20.50 22.57 -7.42
CA ASN B 328 20.63 23.48 -8.56
C ASN B 328 22.08 23.56 -9.08
N THR B 329 23.03 23.52 -8.14
CA THR B 329 24.46 23.53 -8.45
C THR B 329 24.90 22.24 -9.16
N MET B 330 24.40 21.11 -8.65
CA MET B 330 24.73 19.80 -9.21
C MET B 330 24.17 19.63 -10.62
N LEU B 331 22.92 20.03 -10.80
CA LEU B 331 22.29 20.01 -12.11
C LEU B 331 23.04 20.94 -13.07
N LEU B 332 23.62 22.01 -12.53
CA LEU B 332 24.41 22.93 -13.33
C LEU B 332 25.73 22.29 -13.77
N THR B 333 26.30 21.43 -12.92
CA THR B 333 27.53 20.71 -13.27
C THR B 333 27.29 19.65 -14.32
N GLU B 334 26.10 19.03 -14.28
CA GLU B 334 25.80 17.89 -15.15
C GLU B 334 26.03 18.19 -16.61
N SER B 335 26.85 17.34 -17.23
CA SER B 335 27.15 17.35 -18.66
C SER B 335 27.66 18.69 -19.21
N PHE B 336 28.49 19.37 -18.43
CA PHE B 336 29.14 20.60 -18.89
C PHE B 336 30.17 20.25 -19.96
N ASP B 337 30.17 21.01 -21.04
CA ASP B 337 31.04 20.75 -22.18
C ASP B 337 32.22 21.73 -22.19
N TYR B 338 33.42 21.19 -22.07
CA TYR B 338 34.64 22.01 -22.04
C TYR B 338 35.19 22.35 -23.43
N THR B 339 34.50 21.90 -24.48
CA THR B 339 34.93 22.13 -25.86
C THR B 339 35.04 23.62 -26.20
N PRO B 340 33.94 24.40 -26.01
CA PRO B 340 33.97 25.81 -26.41
C PRO B 340 34.67 26.76 -25.39
N TRP B 341 35.75 26.26 -24.78
CA TRP B 341 36.58 27.06 -23.88
C TRP B 341 38.01 26.57 -24.00
N ASP B 342 38.18 25.25 -23.97
CA ASP B 342 39.48 24.61 -24.16
C ASP B 342 40.02 24.91 -25.55
N ALA B 343 39.12 24.99 -26.53
CA ALA B 343 39.46 25.37 -27.89
C ALA B 343 40.05 26.78 -27.93
N ILE B 344 39.67 27.61 -26.97
CA ILE B 344 40.17 28.98 -26.87
C ILE B 344 41.32 29.11 -25.86
N TYR B 345 41.01 28.97 -24.58
CA TYR B 345 42.00 29.22 -23.52
C TYR B 345 42.72 27.97 -23.05
N GLY B 346 42.22 26.80 -23.45
CA GLY B 346 42.77 25.52 -22.98
C GLY B 346 43.99 25.01 -23.72
N ASP B 347 44.59 25.86 -24.55
CA ASP B 347 45.80 25.49 -25.30
C ASP B 347 46.98 25.33 -24.35
N ILE B 348 47.69 24.21 -24.49
CA ILE B 348 48.80 23.82 -23.62
C ILE B 348 49.80 24.96 -23.28
N ASN B 349 50.04 25.84 -24.25
CA ASN B 349 51.05 26.91 -24.12
C ASN B 349 50.53 28.21 -23.53
N TYR B 350 49.20 28.31 -23.35
CA TYR B 350 48.52 29.57 -23.02
C TYR B 350 49.17 30.43 -21.93
N ASP B 351 49.79 29.78 -20.94
CA ASP B 351 50.44 30.48 -19.81
C ASP B 351 51.46 31.52 -20.25
N GLU B 352 52.29 31.17 -21.23
CA GLU B 352 53.27 32.06 -21.81
C GLU B 352 52.79 32.59 -23.16
N GLN B 353 51.83 31.87 -23.75
CA GLN B 353 51.20 32.25 -25.01
C GLN B 353 50.45 33.57 -24.85
N PHE B 354 50.51 34.39 -25.89
CA PHE B 354 50.10 35.79 -25.84
C PHE B 354 50.71 36.52 -24.63
N ALA B 355 52.01 36.78 -24.72
CA ALA B 355 52.71 37.65 -23.78
C ALA B 355 52.52 39.09 -24.25
N ALA B 356 52.22 39.21 -25.53
CA ALA B 356 51.92 40.48 -26.19
C ALA B 356 50.67 41.15 -25.61
N MET B 357 50.60 42.49 -25.63
CA MET B 357 51.64 43.39 -26.14
C MET B 357 51.77 44.71 -25.37
N SER B 358 52.08 44.66 -24.07
CA SER B 358 52.28 43.41 -23.31
C SER B 358 51.22 43.31 -22.21
N ILE B 359 51.22 44.29 -21.31
CA ILE B 359 50.12 44.52 -20.38
C ILE B 359 49.22 45.57 -21.03
N ASN B 360 48.78 45.25 -22.24
CA ASN B 360 48.06 46.16 -23.13
C ASN B 360 47.74 45.37 -24.39
N GLU B 361 46.57 45.63 -24.97
CA GLU B 361 46.00 44.76 -26.02
C GLU B 361 45.85 43.32 -25.54
N ARG B 362 46.50 43.02 -24.42
CA ARG B 362 46.09 41.91 -23.56
C ARG B 362 44.77 42.30 -22.93
N ILE B 363 44.66 43.58 -22.57
CA ILE B 363 43.43 44.17 -22.06
C ILE B 363 42.37 44.22 -23.15
N GLU B 364 42.75 44.71 -24.33
CA GLU B 364 41.82 44.84 -25.45
C GLU B 364 41.33 43.51 -25.99
N LYS B 365 42.17 42.48 -25.94
CA LYS B 365 41.77 41.12 -26.33
C LYS B 365 40.66 40.61 -25.42
N CYS B 366 40.79 40.88 -24.11
CA CYS B 366 39.79 40.49 -23.12
C CYS B 366 38.52 41.31 -23.25
N MET B 367 38.66 42.56 -23.67
CA MET B 367 37.54 43.49 -23.75
C MET B 367 36.73 43.36 -25.03
N ASN B 368 37.39 42.96 -26.12
CA ASN B 368 36.70 42.78 -27.40
C ASN B 368 36.36 41.32 -27.68
N THR B 369 37.36 40.52 -28.01
CA THR B 369 37.15 39.12 -28.39
C THR B 369 36.62 38.27 -27.23
N TYR B 370 37.17 38.45 -26.04
CA TYR B 370 36.78 37.64 -24.87
C TYR B 370 35.63 38.25 -24.07
N ARG B 371 35.39 39.56 -24.27
CA ARG B 371 34.31 40.29 -23.59
C ARG B 371 34.41 40.34 -22.06
N GLY B 372 35.40 39.66 -21.49
CA GLY B 372 35.60 39.64 -20.04
C GLY B 372 36.86 38.95 -19.58
N VAL B 373 37.30 39.31 -18.36
CA VAL B 373 38.48 38.70 -17.72
C VAL B 373 38.28 38.61 -16.20
N ALA B 374 38.96 37.66 -15.57
CA ALA B 374 38.84 37.44 -14.12
C ALA B 374 40.18 37.56 -13.40
N PHE B 375 40.13 38.13 -12.20
CA PHE B 375 41.31 38.32 -11.35
C PHE B 375 41.18 37.60 -10.03
N GLN B 376 42.31 37.12 -9.50
CA GLN B 376 42.37 36.60 -8.13
C GLN B 376 42.13 37.77 -7.18
N ASN B 377 41.38 37.52 -6.11
CA ASN B 377 40.95 38.59 -5.20
C ASN B 377 42.03 39.15 -4.26
N SER B 378 43.26 39.25 -4.76
CA SER B 378 44.35 39.83 -3.98
C SER B 378 44.41 41.35 -4.16
N SER B 379 44.73 42.05 -3.08
CA SER B 379 44.88 43.51 -3.09
C SER B 379 45.78 43.97 -4.24
N LYS B 380 46.72 43.12 -4.63
CA LYS B 380 47.62 43.43 -5.73
C LYS B 380 46.95 43.39 -7.11
N SER B 381 46.02 42.45 -7.30
CA SER B 381 45.26 42.37 -8.54
C SER B 381 44.37 43.60 -8.74
N ILE B 382 43.89 44.14 -7.61
CA ILE B 382 43.08 45.35 -7.60
C ILE B 382 43.95 46.55 -7.93
N ASP B 383 45.04 46.69 -7.18
CA ASP B 383 46.02 47.74 -7.41
C ASP B 383 46.49 47.75 -8.87
N PHE B 384 46.70 46.49 -9.42
CA PHE B 384 47.05 46.34 -10.82
C PHE B 384 45.92 46.82 -11.75
N PHE B 385 44.69 46.38 -11.46
CA PHE B 385 43.52 46.75 -12.27
C PHE B 385 43.17 48.24 -12.16
N LEU B 386 43.40 48.78 -10.93
CA LEU B 386 43.16 50.21 -10.68
C LEU B 386 44.14 51.07 -11.45
N ASN B 387 45.43 50.74 -11.35
CA ASN B 387 46.49 51.48 -12.04
C ASN B 387 46.28 51.55 -13.55
N ASN B 388 45.72 50.47 -14.10
CA ASN B 388 45.47 50.39 -15.53
C ASN B 388 43.99 50.51 -15.87
N LEU B 389 43.28 51.35 -15.11
CA LEU B 389 41.85 51.52 -15.30
C LEU B 389 41.51 52.40 -16.49
N THR B 390 42.31 53.45 -16.70
CA THR B 390 42.12 54.34 -17.83
C THR B 390 42.16 53.55 -19.14
N THR B 391 43.26 52.83 -19.37
CA THR B 391 43.43 52.04 -20.58
C THR B 391 42.64 50.73 -20.51
N PHE B 392 41.54 50.74 -19.75
CA PHE B 392 40.68 49.59 -19.58
C PHE B 392 39.24 49.98 -19.89
N ILE B 393 38.82 51.14 -19.38
CA ILE B 393 37.52 51.71 -19.67
C ILE B 393 37.44 52.15 -21.14
N ASP B 394 38.55 52.66 -21.64
CA ASP B 394 38.63 53.17 -23.03
C ASP B 394 38.34 52.12 -24.08
N ASN B 395 38.75 50.88 -23.78
CA ASN B 395 38.54 49.76 -24.69
C ASN B 395 37.09 49.28 -24.71
N GLY B 396 36.44 49.32 -23.55
CA GLY B 396 35.01 49.07 -23.46
C GLY B 396 34.47 48.49 -22.17
N LEU B 397 35.22 48.61 -21.07
CA LEU B 397 34.78 48.08 -19.78
C LEU B 397 33.56 48.84 -19.26
N THR B 398 32.58 48.09 -18.75
CA THR B 398 31.34 48.69 -18.26
C THR B 398 30.78 47.99 -17.02
N GLU B 399 31.48 46.98 -16.52
CA GLU B 399 31.01 46.26 -15.33
C GLU B 399 32.12 45.62 -14.50
N ILE B 400 32.03 45.80 -13.19
CA ILE B 400 32.95 45.18 -12.23
C ILE B 400 32.15 44.28 -11.27
N ALA B 401 32.69 43.10 -11.00
CA ALA B 401 32.02 42.13 -10.11
C ALA B 401 32.99 41.52 -9.11
N ILE B 402 32.57 41.43 -7.85
CA ILE B 402 33.36 40.75 -6.83
C ILE B 402 32.54 39.69 -6.08
N SER B 403 33.22 38.63 -5.67
CA SER B 403 32.61 37.52 -4.94
C SER B 403 32.69 37.76 -3.43
N ASP B 404 33.48 38.73 -3.04
CA ASP B 404 33.77 38.97 -1.62
C ASP B 404 32.75 39.88 -0.95
N LEU B 405 31.77 40.32 -1.73
CA LEU B 405 30.58 40.94 -1.18
C LEU B 405 29.32 40.12 -1.51
N PRO B 406 28.46 39.89 -0.50
CA PRO B 406 27.21 39.13 -0.73
C PRO B 406 26.10 39.98 -1.33
N TYR B 407 25.58 39.58 -2.49
CA TYR B 407 24.51 40.35 -3.11
C TYR B 407 23.19 40.21 -2.37
N ASP B 408 23.06 39.17 -1.54
CA ASP B 408 21.83 38.98 -0.76
C ASP B 408 21.77 39.89 0.47
N ILE B 409 22.90 40.52 0.80
CA ILE B 409 22.95 41.41 1.96
C ILE B 409 23.13 42.89 1.59
N VAL B 410 23.99 43.18 0.62
CA VAL B 410 24.39 44.57 0.37
C VAL B 410 24.24 45.08 -1.07
N GLN B 411 23.62 44.31 -1.95
CA GLN B 411 23.41 44.76 -3.34
C GLN B 411 22.65 46.09 -3.39
N GLN B 412 21.67 46.23 -2.49
CA GLN B 412 20.90 47.44 -2.34
C GLN B 412 21.78 48.57 -1.82
N GLU B 413 22.61 48.25 -0.82
CA GLU B 413 23.51 49.22 -0.20
C GLU B 413 24.62 49.70 -1.14
N ILE B 414 24.97 48.86 -2.12
CA ILE B 414 25.99 49.21 -3.11
C ILE B 414 25.47 50.28 -4.08
N SER B 415 24.26 50.10 -4.61
CA SER B 415 23.64 51.10 -5.48
C SER B 415 23.32 52.36 -4.68
N GLN B 416 23.10 52.18 -3.39
CA GLN B 416 22.92 53.27 -2.43
C GLN B 416 24.22 54.06 -2.30
N PHE B 417 25.35 53.35 -2.35
CA PHE B 417 26.67 53.97 -2.39
C PHE B 417 26.88 54.74 -3.69
N LEU B 418 26.41 54.17 -4.80
CA LEU B 418 26.51 54.80 -6.12
C LEU B 418 25.85 56.18 -6.19
N GLN B 419 24.68 56.32 -5.56
CA GLN B 419 23.98 57.60 -5.42
C GLN B 419 24.75 58.58 -4.55
N GLY B 420 25.42 58.06 -3.52
CA GLY B 420 26.19 58.87 -2.58
C GLY B 420 25.38 59.29 -1.37
N SER B 421 24.70 58.33 -0.74
CA SER B 421 23.74 58.65 0.33
C SER B 421 24.16 58.18 1.74
N ASN B 422 25.41 57.77 1.90
CA ASN B 422 25.94 57.20 3.16
C ASN B 422 25.02 56.24 3.97
N GLU B 423 24.05 55.61 3.30
CA GLU B 423 23.09 54.70 3.93
C GLU B 423 23.51 53.22 3.77
N TRP B 424 24.79 52.96 4.02
CA TRP B 424 25.36 51.64 3.79
C TRP B 424 26.32 51.23 4.91
N LYS B 425 25.82 51.25 6.15
CA LYS B 425 26.62 50.91 7.33
C LYS B 425 27.16 49.48 7.26
N THR B 426 26.35 48.57 6.76
CA THR B 426 26.75 47.19 6.63
C THR B 426 27.82 47.04 5.55
N LEU B 427 27.56 47.63 4.38
CA LEU B 427 28.50 47.59 3.27
C LEU B 427 29.88 48.12 3.68
N ASP B 428 29.88 49.30 4.28
CA ASP B 428 31.11 49.94 4.76
C ASP B 428 31.84 49.06 5.77
N ALA B 429 31.09 48.47 6.69
CA ALA B 429 31.66 47.58 7.70
C ALA B 429 32.35 46.37 7.06
N MET B 430 31.74 45.81 6.03
CA MET B 430 32.29 44.65 5.33
C MET B 430 33.54 45.00 4.50
N LEU B 431 33.54 46.18 3.90
CA LEU B 431 34.68 46.65 3.10
C LEU B 431 35.90 46.83 3.99
N PHE B 432 35.66 47.25 5.23
CA PHE B 432 36.69 47.36 6.23
C PHE B 432 37.37 46.03 6.49
N ASN B 433 36.56 44.98 6.63
CA ASN B 433 37.06 43.65 6.96
C ASN B 433 37.80 42.98 5.80
N LEU B 434 37.32 43.20 4.57
CA LEU B 434 38.00 42.69 3.38
C LEU B 434 39.36 43.35 3.17
N ASP B 435 39.47 44.62 3.56
CA ASP B 435 40.70 45.36 3.43
C ASP B 435 41.55 45.22 4.70
N LYS B 436 41.38 44.10 5.40
CA LYS B 436 42.06 43.79 6.67
C LYS B 436 42.25 45.00 7.59
N GLY B 437 41.24 45.88 7.63
CA GLY B 437 41.27 47.07 8.46
C GLY B 437 41.87 48.27 7.76
N ASP B 438 41.58 48.40 6.46
CA ASP B 438 42.09 49.47 5.59
C ASP B 438 42.15 50.84 6.28
N ILE B 439 43.12 51.72 5.99
CA ILE B 439 44.04 51.79 4.82
C ILE B 439 43.41 52.25 3.49
N ASN B 440 42.14 51.89 3.27
CA ASN B 440 41.32 52.41 2.18
C ASN B 440 42.02 52.38 0.82
N GLY B 441 42.13 51.18 0.23
CA GLY B 441 41.54 49.94 0.78
C GLY B 441 42.35 48.68 0.43
N ALA B 442 42.22 48.20 -0.81
CA ALA B 442 41.48 48.90 -1.85
C ALA B 442 40.38 48.09 -2.53
N PHE B 443 39.58 47.38 -1.73
CA PHE B 443 38.27 46.93 -2.21
C PHE B 443 37.37 48.16 -2.27
N ARG B 444 37.48 48.99 -1.24
CA ARG B 444 36.81 50.28 -1.18
C ARG B 444 37.21 51.16 -2.36
N LYS B 445 38.50 51.20 -2.68
CA LYS B 445 38.99 52.04 -3.76
C LYS B 445 38.47 51.55 -5.12
N LEU B 446 38.35 50.24 -5.27
CA LEU B 446 37.79 49.63 -6.48
C LEU B 446 36.33 50.04 -6.64
N LEU B 447 35.57 49.96 -5.54
CA LEU B 447 34.19 50.40 -5.53
C LEU B 447 34.10 51.89 -5.84
N GLN B 448 34.98 52.66 -5.21
CA GLN B 448 35.04 54.11 -5.37
C GLN B 448 35.28 54.48 -6.82
N SER B 449 36.15 53.73 -7.50
CA SER B 449 36.47 53.98 -8.90
C SER B 449 35.30 53.68 -9.83
N ALA B 450 34.49 52.69 -9.47
CA ALA B 450 33.26 52.39 -10.20
C ALA B 450 32.30 53.58 -10.13
N LYS B 451 32.22 54.18 -8.95
CA LYS B 451 31.39 55.36 -8.71
C LYS B 451 31.87 56.54 -9.54
N ASP B 452 33.15 56.87 -9.40
CA ASP B 452 33.77 58.02 -10.07
C ASP B 452 33.77 57.90 -11.59
N ASN B 453 33.98 56.69 -12.10
CA ASN B 453 34.11 56.46 -13.54
C ASN B 453 32.84 55.91 -14.19
N ASN B 454 31.73 55.99 -13.47
CA ASN B 454 30.40 55.69 -14.00
C ASN B 454 30.28 54.25 -14.52
N ILE B 455 31.10 53.37 -13.97
CA ILE B 455 31.12 51.96 -14.35
C ILE B 455 30.31 51.16 -13.32
N LYS B 456 29.48 50.25 -13.81
CA LYS B 456 28.55 49.51 -12.96
C LYS B 456 29.26 48.48 -12.08
N PHE B 457 28.98 48.56 -10.78
CA PHE B 457 29.50 47.62 -9.80
C PHE B 457 28.38 46.70 -9.33
N ARG B 458 28.74 45.44 -9.07
CA ARG B 458 27.76 44.39 -8.80
C ARG B 458 28.36 43.29 -7.92
N ALA B 459 27.70 42.99 -6.80
CA ALA B 459 28.15 41.91 -5.93
C ALA B 459 27.68 40.59 -6.50
N ILE B 460 28.51 39.56 -6.40
CA ILE B 460 28.08 38.23 -6.86
C ILE B 460 28.21 37.15 -5.79
N GLY B 461 28.76 37.51 -4.64
CA GLY B 461 28.84 36.57 -3.52
C GLY B 461 27.49 36.28 -2.92
N HIS B 462 27.35 35.10 -2.32
CA HIS B 462 26.15 34.77 -1.59
C HIS B 462 26.58 34.44 -0.17
N SER B 463 25.94 35.07 0.81
CA SER B 463 26.37 34.98 2.21
C SER B 463 26.16 33.60 2.83
N ASP B 464 25.21 32.82 2.32
CA ASP B 464 24.88 31.55 2.97
C ASP B 464 25.96 30.49 2.85
N ASN B 465 26.40 30.02 4.03
CA ASN B 465 27.47 29.02 4.18
C ASN B 465 28.84 29.57 3.77
N SER B 466 29.01 30.89 3.91
CA SER B 466 30.23 31.55 3.49
C SER B 466 31.29 31.58 4.59
N VAL B 467 30.92 31.15 5.79
CA VAL B 467 31.81 31.25 6.94
C VAL B 467 32.81 30.08 7.01
N PRO B 468 34.12 30.37 7.03
CA PRO B 468 35.14 29.34 7.15
C PRO B 468 34.96 28.57 8.45
N PRO B 469 35.45 27.32 8.53
CA PRO B 469 36.42 26.64 7.67
C PRO B 469 35.80 25.98 6.43
N PHE B 470 36.58 25.92 5.36
CA PHE B 470 36.18 25.21 4.14
C PHE B 470 36.88 23.86 4.02
N ASN B 471 36.89 23.11 5.13
CA ASN B 471 37.48 21.78 5.20
C ASN B 471 36.75 20.71 4.36
N ASN B 472 35.50 20.99 3.98
CA ASN B 472 34.66 20.00 3.29
C ASN B 472 34.34 20.39 1.83
N PRO B 473 34.53 19.46 0.88
CA PRO B 473 34.34 19.78 -0.55
C PRO B 473 32.89 20.04 -0.96
N TYR B 474 31.92 19.52 -0.19
CA TYR B 474 30.51 19.80 -0.46
C TYR B 474 30.11 21.15 0.11
N LYS B 475 30.68 21.52 1.25
CA LYS B 475 30.51 22.88 1.75
C LYS B 475 31.09 23.87 0.74
N SER B 476 32.27 23.54 0.22
CA SER B 476 32.91 24.37 -0.80
C SER B 476 32.07 24.43 -2.06
N LEU B 477 31.62 23.26 -2.52
CA LEU B 477 30.78 23.16 -3.72
C LEU B 477 29.51 24.01 -3.63
N TYR B 478 28.78 23.86 -2.53
CA TYR B 478 27.57 24.65 -2.29
C TYR B 478 27.82 26.15 -2.45
N TYR B 479 28.82 26.65 -1.72
CA TYR B 479 29.19 28.05 -1.76
C TYR B 479 29.52 28.50 -3.17
N LYS B 480 30.28 27.68 -3.89
CA LYS B 480 30.73 27.99 -5.23
C LYS B 480 29.57 28.06 -6.20
N GLY B 481 28.67 27.07 -6.09
CA GLY B 481 27.51 26.95 -6.96
C GLY B 481 26.61 28.17 -6.99
N ASN B 482 26.40 28.79 -5.83
CA ASN B 482 25.50 29.94 -5.74
C ASN B 482 26.12 31.23 -6.29
N ILE B 483 27.44 31.32 -6.19
CA ILE B 483 28.17 32.45 -6.76
C ILE B 483 28.10 32.36 -8.27
N ILE B 484 28.30 31.16 -8.81
CA ILE B 484 28.25 30.93 -10.24
C ILE B 484 26.83 31.09 -10.78
N ALA B 485 25.83 30.66 -10.00
CA ALA B 485 24.43 30.86 -10.36
C ALA B 485 24.14 32.35 -10.55
N GLU B 486 24.59 33.19 -9.62
CA GLU B 486 24.42 34.63 -9.75
C GLU B 486 25.24 35.21 -10.91
N ALA B 487 26.48 34.75 -11.04
CA ALA B 487 27.34 35.18 -12.14
C ALA B 487 26.63 34.98 -13.48
N ILE B 488 26.09 33.78 -13.71
CA ILE B 488 25.33 33.51 -14.92
C ILE B 488 24.12 34.45 -15.02
N GLU B 489 23.24 34.38 -14.02
CA GLU B 489 22.01 35.17 -13.99
C GLU B 489 22.24 36.68 -14.14
N LYS B 490 22.72 37.34 -13.09
CA LYS B 490 22.86 38.79 -13.12
C LYS B 490 24.31 39.19 -13.43
N LEU B 491 24.66 39.18 -14.72
CA LEU B 491 25.91 39.78 -15.17
C LEU B 491 25.62 40.76 -16.33
N ASP B 492 25.58 40.36 -17.60
CA ASP B 492 26.09 39.14 -18.23
C ASP B 492 26.06 39.45 -19.72
N ARG B 493 25.34 40.54 -20.01
CA ARG B 493 25.10 41.09 -21.34
C ARG B 493 26.26 40.88 -22.34
N GLU B 494 25.97 40.57 -23.61
CA GLU B 494 24.68 40.85 -24.29
C GLU B 494 24.57 42.37 -24.36
N GLY B 495 25.73 43.02 -24.39
CA GLY B 495 25.86 44.46 -24.32
C GLY B 495 26.75 44.95 -23.17
N GLN B 496 27.54 44.05 -22.58
CA GLN B 496 28.42 44.39 -21.44
C GLN B 496 29.79 43.75 -21.51
N LYS B 497 30.82 44.51 -21.12
CA LYS B 497 32.19 44.01 -20.99
C LYS B 497 32.67 44.18 -19.55
N PHE B 498 33.04 43.06 -18.93
CA PHE B 498 33.16 42.99 -17.47
C PHE B 498 34.49 42.49 -16.91
N VAL B 499 34.80 42.89 -15.68
CA VAL B 499 35.94 42.36 -14.91
C VAL B 499 35.42 41.77 -13.58
N VAL B 500 35.83 40.53 -13.29
CA VAL B 500 35.42 39.84 -12.06
C VAL B 500 36.60 39.65 -11.10
N PHE B 501 36.38 39.95 -9.82
CA PHE B 501 37.35 39.66 -8.77
C PHE B 501 36.86 38.54 -7.84
N ALA B 502 37.45 37.35 -7.99
CA ALA B 502 37.00 36.18 -7.24
C ALA B 502 38.14 35.35 -6.66
N ASP B 503 37.87 34.72 -5.52
CA ASP B 503 38.82 33.83 -4.85
C ASP B 503 39.37 32.78 -5.81
N SER B 504 40.60 32.34 -5.53
CA SER B 504 41.28 31.36 -6.36
C SER B 504 40.41 30.11 -6.59
N SER B 505 39.78 29.62 -5.53
CA SER B 505 38.97 28.41 -5.62
C SER B 505 37.74 28.57 -6.53
N LEU B 506 37.23 29.80 -6.64
CA LEU B 506 36.00 30.07 -7.41
C LEU B 506 36.22 30.20 -8.92
N LEU B 507 37.46 30.56 -9.31
CA LEU B 507 37.78 30.81 -10.71
C LEU B 507 37.87 29.55 -11.57
N ASN B 508 38.59 28.54 -11.09
CA ASN B 508 38.84 27.31 -11.85
C ASN B 508 37.99 26.13 -11.39
N SER B 509 38.15 25.00 -12.09
CA SER B 509 37.44 23.77 -11.76
C SER B 509 37.86 23.22 -10.40
N THR B 510 36.87 22.90 -9.57
CA THR B 510 37.11 22.24 -8.30
C THR B 510 36.48 20.84 -8.35
N PRO B 511 36.85 19.96 -7.39
CA PRO B 511 36.16 18.67 -7.33
C PRO B 511 34.65 18.82 -7.12
N GLY B 512 33.87 18.04 -7.86
CA GLY B 512 32.41 18.06 -7.77
C GLY B 512 31.79 16.69 -7.60
N THR B 513 30.47 16.60 -7.78
CA THR B 513 29.73 15.37 -7.49
C THR B 513 29.73 14.39 -8.67
N GLY B 514 30.63 13.42 -8.61
CA GLY B 514 30.75 12.40 -9.66
C GLY B 514 31.40 12.91 -10.94
N ARG B 515 31.61 14.22 -11.00
CA ARG B 515 32.23 14.88 -12.13
C ARG B 515 32.87 16.16 -11.60
N PRO B 516 33.67 16.85 -12.42
CA PRO B 516 34.23 18.12 -11.95
C PRO B 516 33.18 19.23 -11.80
N MET B 517 33.47 20.18 -10.90
CA MET B 517 32.73 21.43 -10.80
C MET B 517 33.52 22.48 -11.58
N PRO B 518 33.01 22.90 -12.74
CA PRO B 518 33.73 23.90 -13.53
C PRO B 518 33.71 25.25 -12.82
N GLY B 519 34.79 26.01 -12.96
CA GLY B 519 34.88 27.31 -12.32
C GLY B 519 34.06 28.39 -12.99
N LEU B 520 33.95 29.52 -12.30
CA LEU B 520 33.28 30.71 -12.82
C LEU B 520 33.75 31.01 -14.24
N VAL B 521 35.07 31.00 -14.40
CA VAL B 521 35.74 31.31 -15.65
C VAL B 521 35.25 30.47 -16.83
N GLN B 522 35.14 29.17 -16.60
CA GLN B 522 34.66 28.24 -17.63
C GLN B 522 33.20 28.54 -17.97
N TYR B 523 32.42 28.86 -16.95
CA TYR B 523 30.99 29.18 -17.12
C TYR B 523 30.76 30.48 -17.86
N LEU B 524 31.72 31.39 -17.78
CA LEU B 524 31.59 32.71 -18.39
C LEU B 524 32.38 32.85 -19.69
N LYS B 525 33.10 31.79 -20.08
CA LYS B 525 33.87 31.75 -21.33
C LYS B 525 34.94 32.87 -21.38
N ILE B 526 35.66 33.01 -20.27
CA ILE B 526 36.67 34.06 -20.07
C ILE B 526 37.95 33.44 -19.47
N PRO B 527 39.04 34.22 -19.35
CA PRO B 527 40.22 33.62 -18.72
C PRO B 527 40.42 33.97 -17.24
N ALA B 528 40.92 32.99 -16.48
CA ALA B 528 41.41 33.23 -15.13
C ALA B 528 42.83 33.78 -15.22
N THR B 529 43.10 34.84 -14.45
CA THR B 529 44.44 35.44 -14.38
C THR B 529 44.81 35.75 -12.93
N VAL B 530 46.10 36.05 -12.70
CA VAL B 530 46.64 36.36 -11.38
C VAL B 530 47.70 37.46 -11.45
N VAL B 531 48.10 37.97 -10.28
CA VAL B 531 49.24 38.88 -10.17
C VAL B 531 50.11 38.42 -9.00
N ASP B 532 51.38 38.14 -9.30
CA ASP B 532 52.31 37.59 -8.30
C ASP B 532 52.91 38.67 -7.38
N SER B 533 53.77 38.23 -6.46
CA SER B 533 54.43 39.13 -5.49
C SER B 533 55.26 40.23 -6.17
N ASP B 534 55.76 39.92 -7.36
CA ASP B 534 56.56 40.88 -8.15
C ASP B 534 55.68 41.83 -8.98
N GLY B 535 54.50 41.29 -9.45
CA GLY B 535 53.50 42.11 -10.17
C GLY B 535 53.32 41.80 -11.65
N ALA B 536 53.64 40.50 -12.04
CA ALA B 536 53.39 40.06 -13.41
C ALA B 536 51.96 39.51 -13.55
N TRP B 537 51.36 39.71 -14.71
CA TRP B 537 49.96 39.37 -14.95
C TRP B 537 49.83 38.34 -16.07
N GLN B 538 49.38 37.12 -15.72
CA GLN B 538 49.21 36.06 -16.71
C GLN B 538 48.09 35.05 -16.41
N PHE B 539 47.79 34.23 -17.41
CA PHE B 539 46.76 33.22 -17.37
C PHE B 539 46.96 32.23 -16.23
N LEU B 540 45.86 31.84 -15.59
CA LEU B 540 45.88 30.84 -14.52
C LEU B 540 45.39 29.52 -15.10
N PRO B 541 46.31 28.54 -15.23
CA PRO B 541 45.92 27.24 -15.78
C PRO B 541 44.87 26.54 -14.93
N ASP B 542 43.85 26.02 -15.58
CA ASP B 542 42.94 25.08 -14.95
C ASP B 542 43.47 23.69 -15.28
N VAL B 543 44.21 23.11 -14.33
CA VAL B 543 44.88 21.83 -14.54
C VAL B 543 43.87 20.68 -14.65
N ALA B 544 44.22 19.66 -15.44
CA ALA B 544 43.38 18.49 -15.65
C ALA B 544 43.21 17.67 -14.37
N SER B 545 44.14 17.86 -13.42
CA SER B 545 44.09 17.20 -12.12
C SER B 545 42.93 17.69 -11.26
N SER B 546 42.56 18.96 -11.41
CA SER B 546 41.43 19.54 -10.68
C SER B 546 40.08 19.11 -11.27
N ARG B 547 40.08 18.73 -12.55
CA ARG B 547 38.86 18.34 -13.27
C ARG B 547 38.42 16.91 -12.97
N VAL B 548 38.27 16.61 -11.67
CA VAL B 548 37.93 15.26 -11.23
C VAL B 548 36.80 15.31 -10.19
N PRO B 549 36.05 14.21 -10.03
CA PRO B 549 35.04 14.15 -8.96
C PRO B 549 35.65 14.19 -7.56
N ILE B 550 34.81 14.46 -6.56
CA ILE B 550 35.21 14.36 -5.16
C ILE B 550 35.46 12.87 -4.85
N GLU B 551 36.45 12.59 -4.01
CA GLU B 551 36.75 11.22 -3.60
C GLU B 551 35.70 10.72 -2.61
N VAL B 552 34.92 9.73 -3.05
CA VAL B 552 33.83 9.21 -2.23
C VAL B 552 34.16 7.85 -1.61
N THR B 553 33.49 7.56 -0.51
CA THR B 553 33.50 6.24 0.10
C THR B 553 32.07 5.73 -0.02
N GLU B 554 31.88 4.63 -0.75
CA GLU B 554 30.54 4.11 -1.00
C GLU B 554 29.71 4.02 0.29
N LEU B 555 28.47 4.51 0.20
CA LEU B 555 27.56 4.48 1.34
C LEU B 555 27.16 3.05 1.68
N GLU B 556 27.07 2.77 2.99
CA GLU B 556 26.71 1.43 3.48
C GLU B 556 25.66 0.74 2.62
N ASN B 557 26.03 -0.44 2.13
CA ASN B 557 25.14 -1.32 1.36
C ASN B 557 24.35 -0.63 0.25
N TRP B 558 24.91 0.40 -0.35
CA TRP B 558 24.16 1.20 -1.31
C TRP B 558 23.75 0.43 -2.56
N GLN B 559 22.49 0.53 -2.92
CA GLN B 559 21.98 -0.02 -4.17
C GLN B 559 21.75 1.12 -5.14
N VAL B 560 22.32 1.01 -6.33
CA VAL B 560 22.02 1.94 -7.43
C VAL B 560 20.49 2.09 -7.56
N LEU B 561 20.03 3.34 -7.54
CA LEU B 561 18.59 3.64 -7.49
C LEU B 561 17.90 3.51 -8.84
N THR B 562 18.44 4.22 -9.83
CA THR B 562 18.05 4.08 -11.23
C THR B 562 18.56 2.72 -11.72
N PRO B 563 17.66 1.88 -12.26
CA PRO B 563 18.09 0.59 -12.85
C PRO B 563 19.10 0.82 -13.98
N PRO B 564 20.25 0.12 -13.94
CA PRO B 564 21.46 0.38 -14.77
C PRO B 564 21.29 0.25 -16.30
N GLN B 565 20.37 -0.61 -16.75
CA GLN B 565 20.02 -0.71 -18.17
C GLN B 565 18.51 -0.67 -18.33
N GLY B 566 18.04 -0.39 -19.54
CA GLY B 566 16.61 -0.26 -19.82
C GLY B 566 15.93 0.85 -19.02
N LYS B 567 14.62 0.99 -19.17
CA LYS B 567 13.88 2.02 -18.45
C LYS B 567 12.43 1.66 -18.11
N ILE B 568 11.98 2.15 -16.97
CA ILE B 568 10.60 2.00 -16.54
C ILE B 568 9.74 2.88 -17.43
N LEU B 569 8.81 2.26 -18.16
CA LEU B 569 7.96 3.00 -19.09
C LEU B 569 6.94 3.88 -18.38
N GLY B 570 6.71 3.58 -17.10
CA GLY B 570 5.74 4.35 -16.31
C GLY B 570 5.21 3.57 -15.13
N LEU B 571 5.02 4.26 -14.01
CA LEU B 571 4.53 3.62 -12.80
C LEU B 571 3.00 3.66 -12.68
N LYS B 572 2.35 3.34 -13.79
CA LYS B 572 0.90 3.18 -13.83
C LYS B 572 0.52 1.84 -14.49
N GLN B 573 -0.77 1.56 -14.57
CA GLN B 573 -1.25 0.49 -15.43
C GLN B 573 -1.62 1.12 -16.76
N PHE B 574 -1.05 0.58 -17.83
CA PHE B 574 -1.25 1.10 -19.18
C PHE B 574 -2.55 0.59 -19.80
N LYS B 575 -3.16 1.41 -20.66
CA LYS B 575 -4.44 1.10 -21.29
C LYS B 575 -4.48 1.69 -22.69
N LEU B 576 -5.33 1.12 -23.55
CA LEU B 576 -5.64 1.78 -24.82
C LEU B 576 -6.35 3.11 -24.56
N THR B 577 -6.02 4.12 -25.35
CA THR B 577 -6.72 5.40 -25.29
C THR B 577 -8.11 5.24 -25.92
N ALA B 578 -8.16 4.58 -27.07
CA ALA B 578 -9.43 4.31 -27.73
C ALA B 578 -9.55 2.81 -28.05
N GLY B 579 -9.78 2.48 -29.33
CA GLY B 579 -9.91 1.09 -29.74
C GLY B 579 -8.57 0.39 -29.83
N PHE B 580 -8.60 -0.86 -30.28
CA PHE B 580 -7.39 -1.65 -30.48
C PHE B 580 -6.62 -1.22 -31.72
N PRO B 581 -5.27 -1.21 -31.63
CA PRO B 581 -4.43 -0.75 -32.74
C PRO B 581 -4.72 -1.47 -34.06
N THR B 582 -4.76 -0.71 -35.15
CA THR B 582 -5.00 -1.25 -36.49
C THR B 582 -3.97 -0.72 -37.49
N GLU B 583 -3.89 -1.36 -38.66
CA GLU B 583 -3.01 -0.91 -39.74
C GLU B 583 -3.24 0.57 -40.06
N GLN B 584 -4.49 1.00 -39.88
CA GLN B 584 -4.89 2.38 -40.10
C GLN B 584 -4.47 3.30 -38.95
N SER B 585 -4.37 2.74 -37.74
CA SER B 585 -4.01 3.51 -36.55
C SER B 585 -2.50 3.76 -36.46
N ARG B 586 -1.73 2.76 -36.88
CA ARG B 586 -0.27 2.82 -36.84
C ARG B 586 0.34 3.50 -38.08
N LEU B 587 -0.41 3.51 -39.18
CA LEU B 587 0.01 4.20 -40.41
C LEU B 587 0.37 5.67 -40.14
N PRO B 588 -0.56 6.44 -39.51
CA PRO B 588 -0.23 7.82 -39.15
C PRO B 588 0.86 7.89 -38.10
N LEU B 589 0.97 6.85 -37.27
CA LEU B 589 1.94 6.80 -36.18
C LEU B 589 3.37 6.76 -36.71
N LEU B 590 3.76 7.86 -37.34
CA LEU B 590 5.06 8.02 -37.96
C LEU B 590 5.88 9.11 -37.21
N GLU B 591 6.56 10.04 -37.88
CA GLU B 591 6.40 10.32 -39.31
C GLU B 591 7.68 10.28 -40.18
N ASN B 592 8.78 9.64 -39.74
CA ASN B 592 8.88 8.79 -38.56
C ASN B 592 10.32 8.71 -37.98
N SER B 593 10.84 9.79 -37.39
CA SER B 593 10.23 11.11 -37.35
C SER B 593 11.32 12.18 -37.51
N VAL B 594 10.90 13.41 -37.82
CA VAL B 594 11.77 14.61 -37.99
C VAL B 594 12.33 14.88 -39.43
N SER B 595 11.88 14.17 -40.47
CA SER B 595 10.98 13.01 -40.42
C SER B 595 11.59 11.76 -41.12
N GLU B 596 11.83 11.75 -42.44
CA GLU B 596 11.36 12.72 -43.45
C GLU B 596 11.10 11.91 -44.74
N ASP B 597 10.97 12.59 -45.88
CA ASP B 597 10.78 11.90 -47.17
C ASP B 597 12.07 11.87 -48.02
N LEU B 598 12.74 10.72 -48.18
CA LEU B 598 12.57 9.46 -47.44
C LEU B 598 11.15 8.90 -47.22
N ARG B 599 10.93 8.34 -46.02
CA ARG B 599 9.68 7.64 -45.62
C ARG B 599 9.24 6.49 -46.55
N GLU B 600 9.21 6.74 -47.85
CA GLU B 600 8.86 5.72 -48.84
C GLU B 600 9.98 4.68 -48.97
N GLU B 601 11.12 5.00 -48.37
CA GLU B 601 12.17 4.03 -48.12
C GLU B 601 11.64 2.98 -47.15
N LEU B 602 11.16 3.44 -46.00
CA LEU B 602 10.60 2.57 -44.96
C LEU B 602 9.46 1.68 -45.47
N MET B 603 8.38 2.32 -45.94
CA MET B 603 7.17 1.62 -46.34
C MET B 603 7.42 0.55 -47.40
N GLN B 604 8.50 0.72 -48.16
CA GLN B 604 8.94 -0.27 -49.14
C GLN B 604 9.50 -1.50 -48.43
N LYS B 605 10.43 -1.26 -47.50
CA LYS B 605 10.99 -2.32 -46.68
C LYS B 605 9.89 -3.03 -45.88
N ILE B 606 9.08 -2.24 -45.18
CA ILE B 606 7.93 -2.75 -44.40
C ILE B 606 7.04 -3.69 -45.23
N ASP B 607 6.67 -3.28 -46.43
CA ASP B 607 5.83 -4.09 -47.31
C ASP B 607 6.52 -5.37 -47.80
N ALA B 608 7.83 -5.28 -48.03
CA ALA B 608 8.61 -6.43 -48.47
C ALA B 608 8.73 -7.48 -47.36
N ILE B 609 8.65 -7.03 -46.11
CA ILE B 609 8.69 -7.93 -44.94
C ILE B 609 7.32 -8.55 -44.66
N LYS B 610 6.27 -7.73 -44.73
CA LYS B 610 4.88 -8.20 -44.53
C LYS B 610 4.44 -9.20 -45.59
N ASN B 611 4.86 -8.97 -46.83
CA ASN B 611 4.44 -9.82 -47.95
C ASN B 611 5.49 -10.89 -48.32
N ASP B 612 6.63 -10.86 -47.66
CA ASP B 612 7.64 -11.90 -47.84
C ASP B 612 7.09 -13.22 -47.30
N VAL B 613 6.91 -14.18 -48.20
CA VAL B 613 6.31 -15.48 -47.85
C VAL B 613 7.08 -16.20 -46.73
N LYS B 614 8.39 -16.30 -46.88
CA LYS B 614 9.27 -16.94 -45.89
C LYS B 614 9.19 -16.28 -44.51
N MET B 615 8.92 -14.97 -44.49
CA MET B 615 8.70 -14.23 -43.24
C MET B 615 7.37 -14.59 -42.58
N ASN B 616 6.37 -14.88 -43.40
CA ASN B 616 5.04 -15.21 -42.89
C ASN B 616 4.89 -16.64 -42.41
N SER B 617 5.80 -17.52 -42.83
CA SER B 617 5.75 -18.94 -42.47
C SER B 617 6.16 -19.18 -41.01
N LEU B 618 6.77 -18.18 -40.40
CA LEU B 618 7.25 -18.31 -39.03
C LEU B 618 6.43 -17.54 -37.99
N VAL B 619 5.34 -16.90 -38.43
CA VAL B 619 4.46 -16.18 -37.49
C VAL B 619 3.80 -17.13 -36.50
N SER B 620 3.70 -16.71 -35.24
CA SER B 620 3.06 -17.55 -34.24
C SER B 620 2.06 -16.84 -33.34
N MET B 621 1.34 -17.63 -32.57
CA MET B 621 0.14 -17.21 -31.88
C MET B 621 0.13 -17.83 -30.47
N GLU B 622 1.09 -18.73 -30.25
CA GLU B 622 1.28 -19.37 -28.96
C GLU B 622 1.85 -18.42 -27.92
N ALA B 623 1.51 -18.67 -26.66
CA ALA B 623 2.07 -17.97 -25.52
C ALA B 623 3.56 -18.27 -25.40
N GLY B 624 4.37 -17.21 -25.49
CA GLY B 624 5.83 -17.34 -25.38
C GLY B 624 6.51 -17.91 -26.61
N SER B 625 5.86 -17.80 -27.76
CA SER B 625 6.46 -18.21 -29.04
C SER B 625 7.63 -17.33 -29.48
N CYS B 626 7.59 -16.06 -29.09
CA CYS B 626 8.63 -15.07 -29.40
C CYS B 626 10.08 -15.54 -29.18
N ASP B 627 10.25 -16.50 -28.27
CA ASP B 627 11.56 -17.07 -27.93
C ASP B 627 12.27 -17.67 -29.15
N SER B 628 11.52 -18.44 -29.96
CA SER B 628 12.09 -19.07 -31.16
C SER B 628 11.84 -18.26 -32.44
N VAL B 629 10.86 -17.36 -32.40
CA VAL B 629 10.48 -16.56 -33.57
C VAL B 629 11.49 -15.45 -33.85
N SER B 630 11.85 -14.70 -32.81
CA SER B 630 12.74 -13.53 -32.94
C SER B 630 14.11 -13.83 -33.59
N PRO B 631 14.82 -14.89 -33.15
CA PRO B 631 16.05 -15.27 -33.85
C PRO B 631 15.82 -15.56 -35.33
N LYS B 632 14.78 -16.33 -35.65
CA LYS B 632 14.37 -16.63 -37.02
C LYS B 632 14.04 -15.36 -37.81
N VAL B 633 13.43 -14.39 -37.14
CA VAL B 633 13.12 -13.08 -37.72
C VAL B 633 14.41 -12.31 -38.01
N ALA B 634 15.31 -12.25 -37.02
CA ALA B 634 16.61 -11.61 -37.15
C ALA B 634 17.46 -12.27 -38.25
N ALA B 635 17.22 -13.57 -38.46
CA ALA B 635 17.88 -14.33 -39.50
C ALA B 635 17.35 -14.00 -40.90
N ARG B 636 16.03 -13.94 -41.02
CA ARG B 636 15.36 -13.65 -42.30
C ARG B 636 15.53 -12.19 -42.73
N LEU B 637 15.66 -11.30 -41.74
CA LEU B 637 15.94 -9.90 -42.00
C LEU B 637 17.33 -9.74 -42.59
N LYS B 638 18.26 -10.55 -42.09
CA LYS B 638 19.65 -10.50 -42.55
C LYS B 638 19.76 -10.90 -44.02
N ASP B 639 19.09 -11.99 -44.41
CA ASP B 639 19.07 -12.47 -45.79
C ASP B 639 18.50 -11.44 -46.78
N MET B 640 17.43 -10.76 -46.35
CA MET B 640 16.84 -9.67 -47.12
C MET B 640 17.71 -8.41 -47.09
N GLY B 641 18.95 -8.56 -46.63
CA GLY B 641 19.93 -7.48 -46.62
C GLY B 641 19.63 -6.37 -45.63
N LEU B 642 18.65 -6.58 -44.76
CA LEU B 642 18.27 -5.58 -43.77
C LEU B 642 19.28 -5.48 -42.63
N GLU B 643 19.57 -4.25 -42.23
CA GLU B 643 20.56 -3.94 -41.20
C GLU B 643 20.09 -4.41 -39.82
N ALA B 644 20.88 -5.28 -39.21
CA ALA B 644 20.50 -5.91 -37.94
C ALA B 644 20.38 -4.91 -36.77
N GLY B 645 19.25 -4.98 -36.09
CA GLY B 645 19.00 -4.14 -34.92
C GLY B 645 19.30 -4.83 -33.61
N MET B 646 19.38 -4.04 -32.54
CA MET B 646 19.61 -4.56 -31.19
C MET B 646 18.43 -5.45 -30.76
N GLY B 647 17.24 -5.10 -31.20
CA GLY B 647 16.02 -5.75 -30.74
C GLY B 647 15.55 -5.05 -29.48
N ALA B 648 14.41 -5.49 -28.96
CA ALA B 648 13.85 -4.87 -27.76
C ALA B 648 13.07 -5.88 -26.94
N SER B 649 12.93 -5.57 -25.65
CA SER B 649 12.16 -6.41 -24.73
C SER B 649 11.34 -5.56 -23.79
N ILE B 650 10.12 -5.99 -23.53
CA ILE B 650 9.28 -5.37 -22.53
C ILE B 650 8.76 -6.42 -21.54
N THR B 651 8.83 -6.09 -20.25
CA THR B 651 8.38 -6.98 -19.20
C THR B 651 7.50 -6.20 -18.22
N TRP B 652 6.47 -6.87 -17.70
CA TRP B 652 5.49 -6.20 -16.83
C TRP B 652 4.88 -7.13 -15.79
N TRP B 653 4.11 -6.55 -14.87
CA TRP B 653 3.41 -7.33 -13.86
C TRP B 653 1.97 -7.53 -14.26
N ARG B 654 1.41 -8.67 -13.91
CA ARG B 654 0.00 -8.95 -14.15
C ARG B 654 -0.63 -9.40 -12.84
N ARG B 655 -1.82 -8.88 -12.55
CA ARG B 655 -2.52 -9.25 -11.32
C ARG B 655 -2.93 -10.73 -11.34
N GLU B 656 -2.79 -11.38 -10.20
CA GLU B 656 -3.21 -12.77 -10.05
C GLU B 656 -4.17 -12.90 -8.85
N GLY B 657 -4.03 -13.97 -8.06
CA GLY B 657 -4.93 -14.21 -6.95
C GLY B 657 -4.53 -13.36 -5.77
N GLY B 658 -5.36 -13.35 -4.73
CA GLY B 658 -5.10 -12.52 -3.56
C GLY B 658 -4.45 -11.22 -4.02
N MET B 659 -3.24 -10.97 -3.52
CA MET B 659 -2.44 -9.83 -4.00
C MET B 659 -1.15 -10.27 -4.69
N GLU B 660 -1.20 -11.45 -5.28
CA GLU B 660 -0.11 -12.02 -6.05
C GLU B 660 -0.02 -11.23 -7.34
N PHE B 661 1.21 -11.03 -7.80
CA PHE B 661 1.43 -10.52 -9.13
C PHE B 661 2.41 -11.45 -9.77
N SER B 662 2.19 -11.72 -11.05
CA SER B 662 3.14 -12.48 -11.84
C SER B 662 3.85 -11.54 -12.80
N HIS B 663 4.96 -12.02 -13.37
CA HIS B 663 5.67 -11.22 -14.36
C HIS B 663 5.56 -11.81 -15.76
N GLN B 664 5.22 -10.96 -16.71
CA GLN B 664 5.12 -11.35 -18.12
C GLN B 664 6.17 -10.60 -18.90
N MET B 665 6.67 -11.23 -19.95
CA MET B 665 7.69 -10.58 -20.78
C MET B 665 7.48 -10.87 -22.27
N HIS B 666 8.06 -10.01 -23.11
CA HIS B 666 7.93 -10.14 -24.54
C HIS B 666 9.10 -9.49 -25.25
N THR B 667 9.62 -10.17 -26.27
CA THR B 667 10.80 -9.72 -26.98
C THR B 667 10.59 -9.76 -28.49
N THR B 668 11.31 -8.90 -29.21
CA THR B 668 11.18 -8.86 -30.66
C THR B 668 12.50 -8.57 -31.37
N ALA B 669 12.71 -9.24 -32.49
CA ALA B 669 13.78 -8.88 -33.39
C ALA B 669 13.46 -7.52 -33.98
N SER B 670 14.49 -6.80 -34.39
CA SER B 670 14.32 -5.49 -34.98
C SER B 670 15.29 -5.29 -36.14
N PHE B 671 15.01 -4.28 -36.97
CA PHE B 671 15.97 -3.83 -37.96
C PHE B 671 16.30 -2.36 -37.74
N LYS B 672 17.58 -2.04 -37.92
CA LYS B 672 18.08 -0.69 -37.74
C LYS B 672 17.91 0.08 -39.05
N PHE B 673 17.31 1.26 -38.95
CA PHE B 673 17.13 2.15 -40.10
C PHE B 673 17.69 3.54 -39.75
N ALA B 674 17.39 4.54 -40.58
CA ALA B 674 17.94 5.89 -40.46
C ALA B 674 17.82 6.52 -39.07
N GLY B 675 18.78 6.23 -38.20
CA GLY B 675 18.87 6.81 -36.86
C GLY B 675 18.10 6.06 -35.79
N LYS B 676 16.93 5.56 -36.15
CA LYS B 676 16.02 4.92 -35.19
C LYS B 676 15.87 3.42 -35.46
N GLU B 677 15.30 2.70 -34.48
CA GLU B 677 15.19 1.24 -34.57
C GLU B 677 13.73 0.78 -34.65
N PHE B 678 13.49 -0.22 -35.50
CA PHE B 678 12.13 -0.63 -35.85
C PHE B 678 11.86 -2.10 -35.54
N ALA B 679 10.74 -2.37 -34.88
CA ALA B 679 10.43 -3.71 -34.40
C ALA B 679 9.74 -4.56 -35.47
N VAL B 680 10.11 -5.83 -35.52
CA VAL B 680 9.48 -6.80 -36.42
C VAL B 680 9.00 -7.98 -35.57
N ASP B 681 7.72 -7.95 -35.19
CA ASP B 681 7.22 -8.88 -34.19
C ASP B 681 6.19 -9.89 -34.71
N ALA B 682 6.69 -10.98 -35.28
CA ALA B 682 5.85 -12.02 -35.89
C ALA B 682 5.16 -12.93 -34.86
N SER B 683 5.25 -12.54 -33.58
CA SER B 683 4.62 -13.30 -32.49
C SER B 683 3.60 -12.46 -31.69
N HIS B 684 3.32 -11.25 -32.16
CA HIS B 684 2.42 -10.33 -31.44
C HIS B 684 0.99 -10.86 -31.24
N LEU B 685 0.50 -11.63 -32.21
CA LEU B 685 -0.86 -12.18 -32.18
C LEU B 685 -1.17 -13.11 -31.01
N GLN B 686 -0.16 -13.45 -30.21
CA GLN B 686 -0.37 -14.20 -28.97
C GLN B 686 -1.04 -13.33 -27.92
N PHE B 687 -1.07 -12.02 -28.18
CA PHE B 687 -1.75 -11.06 -27.33
C PHE B 687 -3.06 -10.63 -27.98
N VAL B 688 -3.99 -10.18 -27.15
CA VAL B 688 -5.31 -9.73 -27.61
C VAL B 688 -5.16 -8.65 -28.69
N HIS B 689 -5.96 -8.79 -29.73
CA HIS B 689 -5.79 -8.01 -30.95
C HIS B 689 -7.13 -7.70 -31.61
N ASP B 690 -7.10 -6.78 -32.58
CA ASP B 690 -8.23 -6.52 -33.47
C ASP B 690 -8.40 -7.70 -34.45
N GLN B 691 -8.72 -7.40 -35.70
CA GLN B 691 -8.71 -8.40 -36.77
C GLN B 691 -8.29 -7.81 -38.10
N LEU B 692 -8.38 -6.48 -38.21
CA LEU B 692 -7.98 -5.77 -39.43
C LEU B 692 -6.51 -5.33 -39.39
N ASP B 693 -5.85 -5.56 -38.24
CA ASP B 693 -4.40 -5.42 -38.12
C ASP B 693 -3.71 -6.72 -38.56
N THR B 694 -2.49 -6.58 -39.09
CA THR B 694 -1.78 -7.70 -39.73
C THR B 694 -1.19 -8.73 -38.77
N THR B 695 -0.59 -9.76 -39.35
CA THR B 695 0.05 -10.85 -38.61
C THR B 695 1.44 -10.44 -38.08
N ILE B 696 2.10 -9.55 -38.80
CA ILE B 696 3.45 -9.08 -38.43
C ILE B 696 3.40 -7.60 -38.06
N LEU B 697 3.70 -7.35 -36.79
CA LEU B 697 3.60 -6.02 -36.19
C LEU B 697 4.91 -5.25 -36.36
N ILE B 698 4.84 -4.17 -37.14
CA ILE B 698 6.00 -3.29 -37.38
C ILE B 698 5.74 -1.86 -36.89
N LEU B 699 6.50 -1.46 -35.87
CA LEU B 699 6.49 -0.08 -35.37
C LEU B 699 7.90 0.24 -34.87
N PRO B 700 8.23 1.54 -34.75
CA PRO B 700 9.47 1.88 -34.07
C PRO B 700 9.45 1.37 -32.62
N VAL B 701 10.64 1.04 -32.11
CA VAL B 701 10.82 0.38 -30.81
C VAL B 701 10.02 0.98 -29.65
N ASP B 702 10.08 2.29 -29.46
CA ASP B 702 9.36 2.95 -28.36
C ASP B 702 7.85 2.76 -28.49
N ASP B 703 7.34 2.93 -29.71
CA ASP B 703 5.90 2.75 -29.96
C ASP B 703 5.46 1.29 -29.79
N TRP B 704 6.29 0.37 -30.30
CA TRP B 704 6.09 -1.07 -30.09
C TRP B 704 5.93 -1.40 -28.62
N ALA B 705 6.83 -0.86 -27.79
CA ALA B 705 6.83 -1.10 -26.35
C ALA B 705 5.55 -0.59 -25.70
N LEU B 706 5.15 0.61 -26.08
CA LEU B 706 3.92 1.21 -25.55
C LEU B 706 2.69 0.42 -25.99
N GLU B 707 2.63 0.09 -27.28
CA GLU B 707 1.51 -0.68 -27.82
C GLU B 707 1.35 -2.03 -27.12
N ILE B 708 2.48 -2.73 -26.93
CA ILE B 708 2.46 -4.03 -26.26
C ILE B 708 1.94 -3.90 -24.83
N ALA B 709 2.41 -2.87 -24.12
CA ALA B 709 2.01 -2.60 -22.74
C ALA B 709 0.53 -2.23 -22.64
N GLN B 710 0.08 -1.40 -23.57
CA GLN B 710 -1.30 -0.95 -23.59
C GLN B 710 -2.28 -2.06 -23.93
N ARG B 711 -1.90 -2.91 -24.88
CA ARG B 711 -2.74 -4.07 -25.27
C ARG B 711 -2.80 -5.13 -24.16
N ASN B 712 -1.76 -5.20 -23.34
CA ASN B 712 -1.70 -6.18 -22.26
C ASN B 712 -2.07 -5.59 -20.91
N ARG B 713 -2.53 -4.34 -20.92
CA ARG B 713 -2.85 -3.60 -19.71
C ARG B 713 -1.72 -3.78 -18.70
N ALA B 714 -0.50 -3.56 -19.18
CA ALA B 714 0.70 -3.86 -18.42
C ALA B 714 0.78 -2.97 -17.19
N ILE B 715 1.16 -3.57 -16.06
CA ILE B 715 1.39 -2.83 -14.85
C ILE B 715 2.89 -2.64 -14.67
N ASN B 716 3.31 -1.38 -14.49
CA ASN B 716 4.71 -0.99 -14.31
C ASN B 716 5.69 -1.64 -15.30
N PRO B 717 5.54 -1.36 -16.61
CA PRO B 717 6.38 -2.04 -17.59
C PRO B 717 7.82 -1.54 -17.58
N PHE B 718 8.73 -2.46 -17.93
CA PHE B 718 10.14 -2.14 -17.99
C PHE B 718 10.65 -2.59 -19.35
N VAL B 719 11.37 -1.70 -20.03
CA VAL B 719 11.83 -1.95 -21.39
C VAL B 719 13.35 -1.97 -21.44
N GLU B 720 13.91 -3.02 -22.06
CA GLU B 720 15.34 -3.07 -22.36
C GLU B 720 15.52 -3.08 -23.87
N TYR B 721 16.16 -2.04 -24.39
CA TYR B 721 16.37 -1.91 -25.83
C TYR B 721 17.41 -2.89 -26.34
N VAL B 722 17.17 -4.18 -26.09
CA VAL B 722 17.96 -5.29 -26.63
C VAL B 722 17.08 -6.54 -26.68
N SER B 723 17.17 -7.29 -27.77
CA SER B 723 16.44 -8.56 -27.87
C SER B 723 17.02 -9.60 -26.91
N LYS B 724 16.19 -10.54 -26.48
CA LYS B 724 16.60 -11.55 -25.53
C LYS B 724 16.14 -12.92 -26.00
N THR B 725 16.84 -13.96 -25.58
CA THR B 725 16.46 -15.32 -25.91
C THR B 725 16.63 -16.30 -24.73
N GLY B 726 16.08 -17.50 -24.90
CA GLY B 726 16.17 -18.60 -23.94
C GLY B 726 16.22 -18.21 -22.47
N ASN B 727 17.40 -18.37 -21.88
CA ASN B 727 17.67 -18.11 -20.47
C ASN B 727 17.42 -16.64 -20.09
N MET B 728 18.03 -15.75 -20.87
CA MET B 728 17.95 -14.33 -20.59
C MET B 728 16.50 -13.83 -20.63
N LEU B 729 15.70 -14.41 -21.52
CA LEU B 729 14.31 -14.03 -21.70
C LEU B 729 13.41 -14.51 -20.55
N ALA B 730 13.68 -15.71 -20.05
CA ALA B 730 12.87 -16.29 -18.98
C ALA B 730 12.95 -15.48 -17.70
N LEU B 731 14.17 -15.25 -17.19
CA LEU B 731 14.32 -14.52 -15.93
C LEU B 731 14.21 -12.99 -16.03
N PHE B 732 13.77 -12.49 -17.19
CA PHE B 732 13.56 -11.06 -17.39
C PHE B 732 12.27 -10.59 -16.74
N MET B 733 12.41 -9.75 -15.73
CA MET B 733 11.27 -9.22 -15.00
C MET B 733 11.53 -7.75 -14.65
N PRO B 734 10.47 -6.97 -14.34
CA PRO B 734 10.73 -5.58 -13.93
C PRO B 734 11.52 -5.52 -12.63
N PRO B 735 12.09 -4.35 -12.29
CA PRO B 735 12.76 -4.20 -10.99
C PRO B 735 11.82 -4.56 -9.85
N LEU B 736 12.30 -5.39 -8.93
CA LEU B 736 11.47 -5.90 -7.82
C LEU B 736 10.62 -4.83 -7.15
N PHE B 737 11.19 -3.64 -6.96
CA PHE B 737 10.51 -2.55 -6.25
C PHE B 737 9.25 -2.05 -6.99
N THR B 738 9.21 -2.26 -8.31
CA THR B 738 8.03 -1.89 -9.07
C THR B 738 6.87 -2.85 -8.84
N LYS B 739 7.16 -4.03 -8.28
CA LYS B 739 6.14 -5.02 -8.02
C LYS B 739 5.14 -4.49 -7.00
N PRO B 740 3.87 -4.30 -7.43
CA PRO B 740 2.87 -3.67 -6.57
C PRO B 740 2.70 -4.43 -5.28
N ARG B 741 2.43 -3.70 -4.20
CA ARG B 741 2.33 -4.31 -2.88
C ARG B 741 1.41 -3.54 -1.93
N LEU B 742 0.72 -4.27 -1.06
CA LEU B 742 0.19 -3.72 0.19
C LEU B 742 1.21 -3.96 1.31
N THR B 743 1.32 -3.01 2.24
CA THR B 743 2.30 -3.11 3.34
C THR B 743 2.14 -4.43 4.15
N ARG B 744 0.96 -5.05 4.05
CA ARG B 744 0.66 -6.38 4.61
C ARG B 744 0.63 -6.39 6.15
N ALA B 745 0.40 -5.22 6.74
CA ALA B 745 0.35 -5.05 8.19
C ALA B 745 -0.98 -4.46 8.68
N LEU B 746 -1.96 -4.36 7.77
CA LEU B 746 -3.29 -3.83 8.10
C LEU B 746 -4.11 -4.85 8.89
#